data_1FQI
# 
_entry.id   1FQI 
# 
_audit_conform.dict_name       mmcif_pdbx.dic 
_audit_conform.dict_version    5.398 
_audit_conform.dict_location   http://mmcif.pdb.org/dictionaries/ascii/mmcif_pdbx.dic 
# 
loop_
_database_2.database_id 
_database_2.database_code 
_database_2.pdbx_database_accession 
_database_2.pdbx_DOI 
PDB   1FQI         pdb_00001fqi 10.2210/pdb1fqi/pdb 
RCSB  RCSB011821   ?            ?                   
WWPDB D_1000011821 ?            ?                   
# 
loop_
_pdbx_audit_revision_history.ordinal 
_pdbx_audit_revision_history.data_content_type 
_pdbx_audit_revision_history.major_revision 
_pdbx_audit_revision_history.minor_revision 
_pdbx_audit_revision_history.revision_date 
1 'Structure model' 1 0 2001-02-28 
2 'Structure model' 1 1 2008-04-27 
3 'Structure model' 1 2 2011-07-13 
4 'Structure model' 1 3 2024-11-13 
# 
_pdbx_audit_revision_details.ordinal             1 
_pdbx_audit_revision_details.revision_ordinal    1 
_pdbx_audit_revision_details.data_content_type   'Structure model' 
_pdbx_audit_revision_details.provider            repository 
_pdbx_audit_revision_details.type                'Initial release' 
_pdbx_audit_revision_details.description         ? 
_pdbx_audit_revision_details.details             ? 
# 
loop_
_pdbx_audit_revision_group.ordinal 
_pdbx_audit_revision_group.revision_ordinal 
_pdbx_audit_revision_group.data_content_type 
_pdbx_audit_revision_group.group 
1 2 'Structure model' 'Version format compliance' 
2 3 'Structure model' 'Version format compliance' 
3 4 'Structure model' 'Data collection'           
4 4 'Structure model' 'Database references'       
5 4 'Structure model' 'Derived calculations'      
6 4 'Structure model' 'Structure summary'         
# 
loop_
_pdbx_audit_revision_category.ordinal 
_pdbx_audit_revision_category.revision_ordinal 
_pdbx_audit_revision_category.data_content_type 
_pdbx_audit_revision_category.category 
1 4 'Structure model' chem_comp_atom            
2 4 'Structure model' chem_comp_bond            
3 4 'Structure model' database_2                
4 4 'Structure model' pdbx_entry_details        
5 4 'Structure model' pdbx_modification_feature 
6 4 'Structure model' struct_conn               
# 
loop_
_pdbx_audit_revision_item.ordinal 
_pdbx_audit_revision_item.revision_ordinal 
_pdbx_audit_revision_item.data_content_type 
_pdbx_audit_revision_item.item 
1 4 'Structure model' '_database_2.pdbx_DOI'                
2 4 'Structure model' '_database_2.pdbx_database_accession' 
3 4 'Structure model' '_struct_conn.pdbx_leaving_atom_flag' 
# 
_pdbx_database_status.status_code                     REL 
_pdbx_database_status.entry_id                        1FQI 
_pdbx_database_status.recvd_initial_deposition_date   2000-09-05 
_pdbx_database_status.deposit_site                    RCSB 
_pdbx_database_status.process_site                    RCSB 
_pdbx_database_status.status_code_sf                  REL 
_pdbx_database_status.SG_entry                        . 
_pdbx_database_status.pdb_format_compatible           Y 
_pdbx_database_status.status_code_mr                  ? 
_pdbx_database_status.status_code_cs                  ? 
_pdbx_database_status.status_code_nmr_data            ? 
_pdbx_database_status.methods_development_category    ? 
# 
loop_
_pdbx_database_related.db_name 
_pdbx_database_related.db_id 
_pdbx_database_related.details 
_pdbx_database_related.content_type 
PDB 1FQJ 
;1FQJ IS THE Crystal Structure of the heterotrimeric complex of the RGS domain of RGS9, the gamma subunit of Phosphodiesterase and the Gt/i1 chimera alpha subunit [(RGS9)-(PDEgamma)-(Gt/i1alpha)-(GDP)-(AlF4-)-(Mg2+)]
;
unspecified 
PDB 1FQK 
;1FQK IS THE Crystal Structure of the heterodimeric complex of the RGS domain of RGS9,and the Gt/i1 chimera alpha subunit [(RGS9)-(Gt/i1alpha)-(GDP)-(AlF4-)-(Mg2+)]
;
unspecified 
# 
loop_
_audit_author.name 
_audit_author.pdbx_ordinal 
'Slep, K.C.'    1 
'Kercher, M.A.' 2 
'He, W.'        3 
'Cowan, C.W.'   4 
'Wensel, T.G.'  5 
'Sigler, P.B.'  6 
# 
_citation.id                        primary 
_citation.title                     'Structural determinants for regulation of phosphodiesterase by a G protein at 2.0 A.' 
_citation.journal_abbrev            Nature 
_citation.journal_volume            409 
_citation.page_first                1071 
_citation.page_last                 1077 
_citation.year                      2001 
_citation.journal_id_ASTM           NATUAS 
_citation.country                   UK 
_citation.journal_id_ISSN           0028-0836 
_citation.journal_id_CSD            0006 
_citation.book_publisher            ? 
_citation.pdbx_database_id_PubMed   11234020 
_citation.pdbx_database_id_DOI      10.1038/35059138 
# 
loop_
_citation_author.citation_id 
_citation_author.name 
_citation_author.ordinal 
_citation_author.identifier_ORCID 
primary 'Slep, K.C.'    1 ? 
primary 'Kercher, M.A.' 2 ? 
primary 'He, W.'        3 ? 
primary 'Cowan, C.W.'   4 ? 
primary 'Wensel, T.G.'  5 ? 
primary 'Sigler, P.B.'  6 ? 
# 
loop_
_entity.id 
_entity.type 
_entity.src_method 
_entity.pdbx_description 
_entity.formula_weight 
_entity.pdbx_number_of_molecules 
_entity.pdbx_ec 
_entity.pdbx_mutation 
_entity.pdbx_fragment 
_entity.details 
1 polymer man 'REGULATOR OF G-PROTEIN SIGNALING 9' 17653.652 1   ? ? 'RGS DOMAIN (RESIDUES 276-422)' ? 
2 water   nat water                                18.015    130 ? ? ?                               ? 
# 
_entity_name_com.entity_id   1 
_entity_name_com.name        RGS9 
# 
_entity_poly.entity_id                      1 
_entity_poly.type                           'polypeptide(L)' 
_entity_poly.nstd_linkage                   no 
_entity_poly.nstd_monomer                   yes 
_entity_poly.pdbx_seq_one_letter_code       
;QFWDLNAKLVDIPTK(MSE)RVERWAFNFSELIRDPKGRQSFQHFLRKEFSGENLGFWEACEDLKYGDQSKVKEKAEEIY
KLFLAPGARRWINIDGKT(MSE)DITVKGLKHPHRYVLDAAQTHIY(MSE)L(MSE)KKDSYARYLKSPIYKE(MSE)LA
KAIEPQG
;
_entity_poly.pdbx_seq_one_letter_code_can   
;QFWDLNAKLVDIPTKMRVERWAFNFSELIRDPKGRQSFQHFLRKEFSGENLGFWEACEDLKYGDQSKVKEKAEEIYKLFL
APGARRWINIDGKTMDITVKGLKHPHRYVLDAAQTHIYMLMKKDSYARYLKSPIYKEMLAKAIEPQG
;
_entity_poly.pdbx_strand_id                 A 
_entity_poly.pdbx_target_identifier         ? 
# 
_pdbx_entity_nonpoly.entity_id   2 
_pdbx_entity_nonpoly.name        water 
_pdbx_entity_nonpoly.comp_id     HOH 
# 
loop_
_entity_poly_seq.entity_id 
_entity_poly_seq.num 
_entity_poly_seq.mon_id 
_entity_poly_seq.hetero 
1 1   GLN n 
1 2   PHE n 
1 3   TRP n 
1 4   ASP n 
1 5   LEU n 
1 6   ASN n 
1 7   ALA n 
1 8   LYS n 
1 9   LEU n 
1 10  VAL n 
1 11  ASP n 
1 12  ILE n 
1 13  PRO n 
1 14  THR n 
1 15  LYS n 
1 16  MSE n 
1 17  ARG n 
1 18  VAL n 
1 19  GLU n 
1 20  ARG n 
1 21  TRP n 
1 22  ALA n 
1 23  PHE n 
1 24  ASN n 
1 25  PHE n 
1 26  SER n 
1 27  GLU n 
1 28  LEU n 
1 29  ILE n 
1 30  ARG n 
1 31  ASP n 
1 32  PRO n 
1 33  LYS n 
1 34  GLY n 
1 35  ARG n 
1 36  GLN n 
1 37  SER n 
1 38  PHE n 
1 39  GLN n 
1 40  HIS n 
1 41  PHE n 
1 42  LEU n 
1 43  ARG n 
1 44  LYS n 
1 45  GLU n 
1 46  PHE n 
1 47  SER n 
1 48  GLY n 
1 49  GLU n 
1 50  ASN n 
1 51  LEU n 
1 52  GLY n 
1 53  PHE n 
1 54  TRP n 
1 55  GLU n 
1 56  ALA n 
1 57  CYS n 
1 58  GLU n 
1 59  ASP n 
1 60  LEU n 
1 61  LYS n 
1 62  TYR n 
1 63  GLY n 
1 64  ASP n 
1 65  GLN n 
1 66  SER n 
1 67  LYS n 
1 68  VAL n 
1 69  LYS n 
1 70  GLU n 
1 71  LYS n 
1 72  ALA n 
1 73  GLU n 
1 74  GLU n 
1 75  ILE n 
1 76  TYR n 
1 77  LYS n 
1 78  LEU n 
1 79  PHE n 
1 80  LEU n 
1 81  ALA n 
1 82  PRO n 
1 83  GLY n 
1 84  ALA n 
1 85  ARG n 
1 86  ARG n 
1 87  TRP n 
1 88  ILE n 
1 89  ASN n 
1 90  ILE n 
1 91  ASP n 
1 92  GLY n 
1 93  LYS n 
1 94  THR n 
1 95  MSE n 
1 96  ASP n 
1 97  ILE n 
1 98  THR n 
1 99  VAL n 
1 100 LYS n 
1 101 GLY n 
1 102 LEU n 
1 103 LYS n 
1 104 HIS n 
1 105 PRO n 
1 106 HIS n 
1 107 ARG n 
1 108 TYR n 
1 109 VAL n 
1 110 LEU n 
1 111 ASP n 
1 112 ALA n 
1 113 ALA n 
1 114 GLN n 
1 115 THR n 
1 116 HIS n 
1 117 ILE n 
1 118 TYR n 
1 119 MSE n 
1 120 LEU n 
1 121 MSE n 
1 122 LYS n 
1 123 LYS n 
1 124 ASP n 
1 125 SER n 
1 126 TYR n 
1 127 ALA n 
1 128 ARG n 
1 129 TYR n 
1 130 LEU n 
1 131 LYS n 
1 132 SER n 
1 133 PRO n 
1 134 ILE n 
1 135 TYR n 
1 136 LYS n 
1 137 GLU n 
1 138 MSE n 
1 139 LEU n 
1 140 ALA n 
1 141 LYS n 
1 142 ALA n 
1 143 ILE n 
1 144 GLU n 
1 145 PRO n 
1 146 GLN n 
1 147 GLY n 
# 
_entity_src_gen.entity_id                          1 
_entity_src_gen.pdbx_src_id                        1 
_entity_src_gen.pdbx_alt_source_flag               sample 
_entity_src_gen.pdbx_seq_type                      ? 
_entity_src_gen.pdbx_beg_seq_num                   ? 
_entity_src_gen.pdbx_end_seq_num                   ? 
_entity_src_gen.gene_src_common_name               cattle 
_entity_src_gen.gene_src_genus                     Bos 
_entity_src_gen.pdbx_gene_src_gene                 ? 
_entity_src_gen.gene_src_species                   ? 
_entity_src_gen.gene_src_strain                    ? 
_entity_src_gen.gene_src_tissue                    ? 
_entity_src_gen.gene_src_tissue_fraction           ? 
_entity_src_gen.gene_src_details                   ? 
_entity_src_gen.pdbx_gene_src_fragment             ? 
_entity_src_gen.pdbx_gene_src_scientific_name      'Bos taurus' 
_entity_src_gen.pdbx_gene_src_ncbi_taxonomy_id     9913 
_entity_src_gen.pdbx_gene_src_variant              ? 
_entity_src_gen.pdbx_gene_src_cell_line            ? 
_entity_src_gen.pdbx_gene_src_atcc                 ? 
_entity_src_gen.pdbx_gene_src_organ                ? 
_entity_src_gen.pdbx_gene_src_organelle            ? 
_entity_src_gen.pdbx_gene_src_cell                 ? 
_entity_src_gen.pdbx_gene_src_cellular_location    ? 
_entity_src_gen.host_org_common_name               ? 
_entity_src_gen.pdbx_host_org_scientific_name      'Escherichia coli' 
_entity_src_gen.pdbx_host_org_ncbi_taxonomy_id     562 
_entity_src_gen.host_org_genus                     Escherichia 
_entity_src_gen.pdbx_host_org_gene                 ? 
_entity_src_gen.pdbx_host_org_organ                ? 
_entity_src_gen.host_org_species                   ? 
_entity_src_gen.pdbx_host_org_tissue               ? 
_entity_src_gen.pdbx_host_org_tissue_fraction      ? 
_entity_src_gen.pdbx_host_org_strain               ? 
_entity_src_gen.pdbx_host_org_variant              ? 
_entity_src_gen.pdbx_host_org_cell_line            ? 
_entity_src_gen.pdbx_host_org_atcc                 ? 
_entity_src_gen.pdbx_host_org_culture_collection   ? 
_entity_src_gen.pdbx_host_org_cell                 ? 
_entity_src_gen.pdbx_host_org_organelle            ? 
_entity_src_gen.pdbx_host_org_cellular_location    ? 
_entity_src_gen.pdbx_host_org_vector_type          ? 
_entity_src_gen.pdbx_host_org_vector               ? 
_entity_src_gen.host_org_details                   ? 
_entity_src_gen.expression_system_id               ? 
_entity_src_gen.plasmid_name                       PGEX-2T 
_entity_src_gen.plasmid_details                    ? 
_entity_src_gen.pdbx_description                   ? 
# 
loop_
_chem_comp.id 
_chem_comp.type 
_chem_comp.mon_nstd_flag 
_chem_comp.name 
_chem_comp.pdbx_synonyms 
_chem_comp.formula 
_chem_comp.formula_weight 
ALA 'L-peptide linking' y ALANINE          ? 'C3 H7 N O2'     89.093  
ARG 'L-peptide linking' y ARGININE         ? 'C6 H15 N4 O2 1' 175.209 
ASN 'L-peptide linking' y ASPARAGINE       ? 'C4 H8 N2 O3'    132.118 
ASP 'L-peptide linking' y 'ASPARTIC ACID'  ? 'C4 H7 N O4'     133.103 
CYS 'L-peptide linking' y CYSTEINE         ? 'C3 H7 N O2 S'   121.158 
GLN 'L-peptide linking' y GLUTAMINE        ? 'C5 H10 N2 O3'   146.144 
GLU 'L-peptide linking' y 'GLUTAMIC ACID'  ? 'C5 H9 N O4'     147.129 
GLY 'peptide linking'   y GLYCINE          ? 'C2 H5 N O2'     75.067  
HIS 'L-peptide linking' y HISTIDINE        ? 'C6 H10 N3 O2 1' 156.162 
HOH non-polymer         . WATER            ? 'H2 O'           18.015  
ILE 'L-peptide linking' y ISOLEUCINE       ? 'C6 H13 N O2'    131.173 
LEU 'L-peptide linking' y LEUCINE          ? 'C6 H13 N O2'    131.173 
LYS 'L-peptide linking' y LYSINE           ? 'C6 H15 N2 O2 1' 147.195 
MET 'L-peptide linking' y METHIONINE       ? 'C5 H11 N O2 S'  149.211 
MSE 'L-peptide linking' n SELENOMETHIONINE ? 'C5 H11 N O2 Se' 196.106 
PHE 'L-peptide linking' y PHENYLALANINE    ? 'C9 H11 N O2'    165.189 
PRO 'L-peptide linking' y PROLINE          ? 'C5 H9 N O2'     115.130 
SER 'L-peptide linking' y SERINE           ? 'C3 H7 N O3'     105.093 
THR 'L-peptide linking' y THREONINE        ? 'C4 H9 N O3'     119.119 
TRP 'L-peptide linking' y TRYPTOPHAN       ? 'C11 H12 N2 O2'  204.225 
TYR 'L-peptide linking' y TYROSINE         ? 'C9 H11 N O3'    181.189 
VAL 'L-peptide linking' y VALINE           ? 'C5 H11 N O2'    117.146 
# 
loop_
_pdbx_poly_seq_scheme.asym_id 
_pdbx_poly_seq_scheme.entity_id 
_pdbx_poly_seq_scheme.seq_id 
_pdbx_poly_seq_scheme.mon_id 
_pdbx_poly_seq_scheme.ndb_seq_num 
_pdbx_poly_seq_scheme.pdb_seq_num 
_pdbx_poly_seq_scheme.auth_seq_num 
_pdbx_poly_seq_scheme.pdb_mon_id 
_pdbx_poly_seq_scheme.auth_mon_id 
_pdbx_poly_seq_scheme.pdb_strand_id 
_pdbx_poly_seq_scheme.pdb_ins_code 
_pdbx_poly_seq_scheme.hetero 
A 1 1   GLN 1   276 ?   ?   ?   A . n 
A 1 2   PHE 2   277 ?   ?   ?   A . n 
A 1 3   TRP 3   278 ?   ?   ?   A . n 
A 1 4   ASP 4   279 ?   ?   ?   A . n 
A 1 5   LEU 5   280 ?   ?   ?   A . n 
A 1 6   ASN 6   281 ?   ?   ?   A . n 
A 1 7   ALA 7   282 ?   ?   ?   A . n 
A 1 8   LYS 8   283 283 LYS LYS A . n 
A 1 9   LEU 9   284 284 LEU LEU A . n 
A 1 10  VAL 10  285 285 VAL VAL A . n 
A 1 11  ASP 11  286 286 ASP ASP A . n 
A 1 12  ILE 12  287 287 ILE ILE A . n 
A 1 13  PRO 13  288 288 PRO PRO A . n 
A 1 14  THR 14  289 289 THR THR A . n 
A 1 15  LYS 15  290 290 LYS LYS A . n 
A 1 16  MSE 16  291 291 MSE MSE A . n 
A 1 17  ARG 17  292 292 ARG ARG A . n 
A 1 18  VAL 18  293 293 VAL VAL A . n 
A 1 19  GLU 19  294 294 GLU GLU A . n 
A 1 20  ARG 20  295 295 ARG ARG A . n 
A 1 21  TRP 21  296 296 TRP TRP A . n 
A 1 22  ALA 22  297 297 ALA ALA A . n 
A 1 23  PHE 23  298 298 PHE PHE A . n 
A 1 24  ASN 24  299 299 ASN ASN A . n 
A 1 25  PHE 25  300 300 PHE PHE A . n 
A 1 26  SER 26  301 301 SER SER A . n 
A 1 27  GLU 27  302 302 GLU GLU A . n 
A 1 28  LEU 28  303 303 LEU LEU A . n 
A 1 29  ILE 29  304 304 ILE ILE A . n 
A 1 30  ARG 30  305 305 ARG ARG A . n 
A 1 31  ASP 31  306 306 ASP ASP A . n 
A 1 32  PRO 32  307 307 PRO PRO A . n 
A 1 33  LYS 33  308 308 LYS LYS A . n 
A 1 34  GLY 34  309 309 GLY GLY A . n 
A 1 35  ARG 35  310 310 ARG ARG A . n 
A 1 36  GLN 36  311 311 GLN GLN A . n 
A 1 37  SER 37  312 312 SER SER A . n 
A 1 38  PHE 38  313 313 PHE PHE A . n 
A 1 39  GLN 39  314 314 GLN GLN A . n 
A 1 40  HIS 40  315 315 HIS HIS A . n 
A 1 41  PHE 41  316 316 PHE PHE A . n 
A 1 42  LEU 42  317 317 LEU LEU A . n 
A 1 43  ARG 43  318 318 ARG ARG A . n 
A 1 44  LYS 44  319 319 LYS LYS A . n 
A 1 45  GLU 45  320 320 GLU GLU A . n 
A 1 46  PHE 46  321 321 PHE PHE A . n 
A 1 47  SER 47  322 322 SER SER A . n 
A 1 48  GLY 48  323 323 GLY GLY A . n 
A 1 49  GLU 49  324 324 GLU GLU A . n 
A 1 50  ASN 50  325 325 ASN ASN A . n 
A 1 51  LEU 51  326 326 LEU LEU A . n 
A 1 52  GLY 52  327 327 GLY GLY A . n 
A 1 53  PHE 53  328 328 PHE PHE A . n 
A 1 54  TRP 54  329 329 TRP TRP A . n 
A 1 55  GLU 55  330 330 GLU GLU A . n 
A 1 56  ALA 56  331 331 ALA ALA A . n 
A 1 57  CYS 57  332 332 CYS CYS A . n 
A 1 58  GLU 58  333 333 GLU GLU A . n 
A 1 59  ASP 59  334 334 ASP ASP A . n 
A 1 60  LEU 60  335 335 LEU LEU A . n 
A 1 61  LYS 61  336 336 LYS LYS A . n 
A 1 62  TYR 62  337 337 TYR TYR A . n 
A 1 63  GLY 63  338 338 GLY GLY A . n 
A 1 64  ASP 64  339 339 ASP ASP A . n 
A 1 65  GLN 65  340 340 GLN GLN A . n 
A 1 66  SER 66  341 341 SER SER A . n 
A 1 67  LYS 67  342 342 LYS LYS A . n 
A 1 68  VAL 68  343 343 VAL VAL A . n 
A 1 69  LYS 69  344 344 LYS LYS A . n 
A 1 70  GLU 70  345 345 GLU GLU A . n 
A 1 71  LYS 71  346 346 LYS LYS A . n 
A 1 72  ALA 72  347 347 ALA ALA A . n 
A 1 73  GLU 73  348 348 GLU GLU A . n 
A 1 74  GLU 74  349 349 GLU GLU A . n 
A 1 75  ILE 75  350 350 ILE ILE A . n 
A 1 76  TYR 76  351 351 TYR TYR A . n 
A 1 77  LYS 77  352 352 LYS LYS A . n 
A 1 78  LEU 78  353 353 LEU LEU A . n 
A 1 79  PHE 79  354 354 PHE PHE A . n 
A 1 80  LEU 80  355 355 LEU LEU A . n 
A 1 81  ALA 81  356 356 ALA ALA A . n 
A 1 82  PRO 82  357 357 PRO PRO A . n 
A 1 83  GLY 83  358 358 GLY GLY A . n 
A 1 84  ALA 84  359 359 ALA ALA A . n 
A 1 85  ARG 85  360 360 ARG ARG A . n 
A 1 86  ARG 86  361 361 ARG ARG A . n 
A 1 87  TRP 87  362 362 TRP TRP A . n 
A 1 88  ILE 88  363 363 ILE ILE A . n 
A 1 89  ASN 89  364 364 ASN ASN A . n 
A 1 90  ILE 90  365 365 ILE ILE A . n 
A 1 91  ASP 91  366 366 ASP ASP A . n 
A 1 92  GLY 92  367 367 GLY GLY A . n 
A 1 93  LYS 93  368 368 LYS LYS A . n 
A 1 94  THR 94  369 369 THR THR A . n 
A 1 95  MSE 95  370 370 MSE MSE A . n 
A 1 96  ASP 96  371 371 ASP ASP A . n 
A 1 97  ILE 97  372 372 ILE ILE A . n 
A 1 98  THR 98  373 373 THR THR A . n 
A 1 99  VAL 99  374 374 VAL VAL A . n 
A 1 100 LYS 100 375 375 LYS LYS A . n 
A 1 101 GLY 101 376 376 GLY GLY A . n 
A 1 102 LEU 102 377 377 LEU LEU A . n 
A 1 103 LYS 103 378 378 LYS LYS A . n 
A 1 104 HIS 104 379 379 HIS HIS A . n 
A 1 105 PRO 105 380 380 PRO PRO A . n 
A 1 106 HIS 106 381 381 HIS HIS A . n 
A 1 107 ARG 107 382 382 ARG ARG A . n 
A 1 108 TYR 108 383 383 TYR TYR A . n 
A 1 109 VAL 109 384 384 VAL VAL A . n 
A 1 110 LEU 110 385 385 LEU LEU A . n 
A 1 111 ASP 111 386 386 ASP ASP A . n 
A 1 112 ALA 112 387 387 ALA ALA A . n 
A 1 113 ALA 113 388 388 ALA ALA A . n 
A 1 114 GLN 114 389 389 GLN GLN A . n 
A 1 115 THR 115 390 390 THR THR A . n 
A 1 116 HIS 116 391 391 HIS HIS A . n 
A 1 117 ILE 117 392 392 ILE ILE A . n 
A 1 118 TYR 118 393 393 TYR TYR A . n 
A 1 119 MSE 119 394 394 MSE MSE A . n 
A 1 120 LEU 120 395 395 LEU LEU A . n 
A 1 121 MSE 121 396 396 MSE MSE A . n 
A 1 122 LYS 122 397 397 LYS LYS A . n 
A 1 123 LYS 123 398 398 LYS LYS A . n 
A 1 124 ASP 124 399 399 ASP ASP A . n 
A 1 125 SER 125 400 400 SER SER A . n 
A 1 126 TYR 126 401 401 TYR TYR A . n 
A 1 127 ALA 127 402 402 ALA ALA A . n 
A 1 128 ARG 128 403 403 ARG ARG A . n 
A 1 129 TYR 129 404 404 TYR TYR A . n 
A 1 130 LEU 130 405 405 LEU LEU A . n 
A 1 131 LYS 131 406 406 LYS LYS A . n 
A 1 132 SER 132 407 407 SER SER A . n 
A 1 133 PRO 133 408 408 PRO PRO A . n 
A 1 134 ILE 134 409 409 ILE ILE A . n 
A 1 135 TYR 135 410 410 TYR TYR A . n 
A 1 136 LYS 136 411 411 LYS LYS A . n 
A 1 137 GLU 137 412 412 GLU GLU A . n 
A 1 138 MSE 138 413 413 MSE MSE A . n 
A 1 139 LEU 139 414 414 LEU LEU A . n 
A 1 140 ALA 140 415 415 ALA ALA A . n 
A 1 141 LYS 141 416 416 LYS LYS A . n 
A 1 142 ALA 142 417 417 ALA ALA A . n 
A 1 143 ILE 143 418 418 ILE ILE A . n 
A 1 144 GLU 144 419 419 GLU GLU A . n 
A 1 145 PRO 145 420 420 PRO PRO A . n 
A 1 146 GLN 146 421 ?   ?   ?   A . n 
A 1 147 GLY 147 422 ?   ?   ?   A . n 
# 
loop_
_pdbx_nonpoly_scheme.asym_id 
_pdbx_nonpoly_scheme.entity_id 
_pdbx_nonpoly_scheme.mon_id 
_pdbx_nonpoly_scheme.ndb_seq_num 
_pdbx_nonpoly_scheme.pdb_seq_num 
_pdbx_nonpoly_scheme.auth_seq_num 
_pdbx_nonpoly_scheme.pdb_mon_id 
_pdbx_nonpoly_scheme.auth_mon_id 
_pdbx_nonpoly_scheme.pdb_strand_id 
_pdbx_nonpoly_scheme.pdb_ins_code 
B 2 HOH 1   1   1   HOH HOH A . 
B 2 HOH 2   2   2   HOH HOH A . 
B 2 HOH 3   3   3   HOH HOH A . 
B 2 HOH 4   4   4   HOH HOH A . 
B 2 HOH 5   5   5   HOH HOH A . 
B 2 HOH 6   6   6   HOH HOH A . 
B 2 HOH 7   7   7   HOH HOH A . 
B 2 HOH 8   8   8   HOH HOH A . 
B 2 HOH 9   9   9   HOH HOH A . 
B 2 HOH 10  10  10  HOH HOH A . 
B 2 HOH 11  11  11  HOH HOH A . 
B 2 HOH 12  12  12  HOH HOH A . 
B 2 HOH 13  13  13  HOH HOH A . 
B 2 HOH 14  14  14  HOH HOH A . 
B 2 HOH 15  15  15  HOH HOH A . 
B 2 HOH 16  16  16  HOH HOH A . 
B 2 HOH 17  17  17  HOH HOH A . 
B 2 HOH 18  18  18  HOH HOH A . 
B 2 HOH 19  19  19  HOH HOH A . 
B 2 HOH 20  20  20  HOH HOH A . 
B 2 HOH 21  21  21  HOH HOH A . 
B 2 HOH 22  22  22  HOH HOH A . 
B 2 HOH 23  23  23  HOH HOH A . 
B 2 HOH 24  24  24  HOH HOH A . 
B 2 HOH 25  25  25  HOH HOH A . 
B 2 HOH 26  26  26  HOH HOH A . 
B 2 HOH 27  27  27  HOH HOH A . 
B 2 HOH 28  28  28  HOH HOH A . 
B 2 HOH 29  29  29  HOH HOH A . 
B 2 HOH 30  30  30  HOH HOH A . 
B 2 HOH 31  31  31  HOH HOH A . 
B 2 HOH 32  32  32  HOH HOH A . 
B 2 HOH 33  33  33  HOH HOH A . 
B 2 HOH 34  34  34  HOH HOH A . 
B 2 HOH 35  35  35  HOH HOH A . 
B 2 HOH 36  36  36  HOH HOH A . 
B 2 HOH 37  37  37  HOH HOH A . 
B 2 HOH 38  38  38  HOH HOH A . 
B 2 HOH 39  39  39  HOH HOH A . 
B 2 HOH 40  40  40  HOH HOH A . 
B 2 HOH 41  41  41  HOH HOH A . 
B 2 HOH 42  42  42  HOH HOH A . 
B 2 HOH 43  43  43  HOH HOH A . 
B 2 HOH 44  44  44  HOH HOH A . 
B 2 HOH 45  45  45  HOH HOH A . 
B 2 HOH 46  46  46  HOH HOH A . 
B 2 HOH 47  47  47  HOH HOH A . 
B 2 HOH 48  48  48  HOH HOH A . 
B 2 HOH 49  49  49  HOH HOH A . 
B 2 HOH 50  50  50  HOH HOH A . 
B 2 HOH 51  51  51  HOH HOH A . 
B 2 HOH 52  52  52  HOH HOH A . 
B 2 HOH 53  53  53  HOH HOH A . 
B 2 HOH 54  54  54  HOH HOH A . 
B 2 HOH 55  55  55  HOH HOH A . 
B 2 HOH 56  56  56  HOH HOH A . 
B 2 HOH 57  57  57  HOH HOH A . 
B 2 HOH 58  58  58  HOH HOH A . 
B 2 HOH 59  59  59  HOH HOH A . 
B 2 HOH 60  60  60  HOH HOH A . 
B 2 HOH 61  61  61  HOH HOH A . 
B 2 HOH 62  62  62  HOH HOH A . 
B 2 HOH 63  63  63  HOH HOH A . 
B 2 HOH 64  64  64  HOH HOH A . 
B 2 HOH 65  65  65  HOH HOH A . 
B 2 HOH 66  66  66  HOH HOH A . 
B 2 HOH 67  67  67  HOH HOH A . 
B 2 HOH 68  68  68  HOH HOH A . 
B 2 HOH 69  69  69  HOH HOH A . 
B 2 HOH 70  70  70  HOH HOH A . 
B 2 HOH 71  71  71  HOH HOH A . 
B 2 HOH 72  72  72  HOH HOH A . 
B 2 HOH 73  73  73  HOH HOH A . 
B 2 HOH 74  74  74  HOH HOH A . 
B 2 HOH 75  75  75  HOH HOH A . 
B 2 HOH 76  76  76  HOH HOH A . 
B 2 HOH 77  77  77  HOH HOH A . 
B 2 HOH 78  79  79  HOH HOH A . 
B 2 HOH 79  80  80  HOH HOH A . 
B 2 HOH 80  81  81  HOH HOH A . 
B 2 HOH 81  82  82  HOH HOH A . 
B 2 HOH 82  83  83  HOH HOH A . 
B 2 HOH 83  84  84  HOH HOH A . 
B 2 HOH 84  85  85  HOH HOH A . 
B 2 HOH 85  86  86  HOH HOH A . 
B 2 HOH 86  87  87  HOH HOH A . 
B 2 HOH 87  88  88  HOH HOH A . 
B 2 HOH 88  89  89  HOH HOH A . 
B 2 HOH 89  90  90  HOH HOH A . 
B 2 HOH 90  91  91  HOH HOH A . 
B 2 HOH 91  92  92  HOH HOH A . 
B 2 HOH 92  93  93  HOH HOH A . 
B 2 HOH 93  94  94  HOH HOH A . 
B 2 HOH 94  95  95  HOH HOH A . 
B 2 HOH 95  96  96  HOH HOH A . 
B 2 HOH 96  97  97  HOH HOH A . 
B 2 HOH 97  98  98  HOH HOH A . 
B 2 HOH 98  99  99  HOH HOH A . 
B 2 HOH 99  100 100 HOH HOH A . 
B 2 HOH 100 101 101 HOH HOH A . 
B 2 HOH 101 102 102 HOH HOH A . 
B 2 HOH 102 103 103 HOH HOH A . 
B 2 HOH 103 104 104 HOH HOH A . 
B 2 HOH 104 105 105 HOH HOH A . 
B 2 HOH 105 106 106 HOH HOH A . 
B 2 HOH 106 107 107 HOH HOH A . 
B 2 HOH 107 108 108 HOH HOH A . 
B 2 HOH 108 109 109 HOH HOH A . 
B 2 HOH 109 110 110 HOH HOH A . 
B 2 HOH 110 111 111 HOH HOH A . 
B 2 HOH 111 112 112 HOH HOH A . 
B 2 HOH 112 113 113 HOH HOH A . 
B 2 HOH 113 114 114 HOH HOH A . 
B 2 HOH 114 115 115 HOH HOH A . 
B 2 HOH 115 116 116 HOH HOH A . 
B 2 HOH 116 117 117 HOH HOH A . 
B 2 HOH 117 118 118 HOH HOH A . 
B 2 HOH 118 119 119 HOH HOH A . 
B 2 HOH 119 120 120 HOH HOH A . 
B 2 HOH 120 121 121 HOH HOH A . 
B 2 HOH 121 122 122 HOH HOH A . 
B 2 HOH 122 123 123 HOH HOH A . 
B 2 HOH 123 124 124 HOH HOH A . 
B 2 HOH 124 125 125 HOH HOH A . 
B 2 HOH 125 126 126 HOH HOH A . 
B 2 HOH 126 127 127 HOH HOH A . 
B 2 HOH 127 128 128 HOH HOH A . 
B 2 HOH 128 129 129 HOH HOH A . 
B 2 HOH 129 130 130 HOH HOH A . 
B 2 HOH 130 131 131 HOH HOH A . 
# 
loop_
_software.name 
_software.classification 
_software.version 
_software.citation_id 
_software.pdbx_ordinal 
CNS       refinement       . ? 1 
HKL-2000  'data reduction' . ? 2 
SCALEPACK 'data scaling'   . ? 3 
CNS       phasing          . ? 4 
# 
_cell.entry_id           1FQI 
_cell.length_a           67.309 
_cell.length_b           71.836 
_cell.length_c           34.625 
_cell.angle_alpha        90.00 
_cell.angle_beta         96.13 
_cell.angle_gamma        90.00 
_cell.Z_PDB              4 
_cell.pdbx_unique_axis   ? 
# 
_symmetry.entry_id                         1FQI 
_symmetry.space_group_name_H-M             'C 1 2 1' 
_symmetry.pdbx_full_space_group_name_H-M   ? 
_symmetry.cell_setting                     ? 
_symmetry.Int_Tables_number                5 
# 
_exptl.entry_id          1FQI 
_exptl.method            'X-RAY DIFFRACTION' 
_exptl.crystals_number   1 
# 
_exptl_crystal.id                    1 
_exptl_crystal.density_meas          ? 
_exptl_crystal.density_percent_sol   46 
_exptl_crystal.density_Matthews      2.4 
_exptl_crystal.description           ? 
# 
_exptl_crystal_grow.crystal_id      1 
_exptl_crystal_grow.method          'VAPOR DIFFUSION, HANGING DROP' 
_exptl_crystal_grow.pH              8.0 
_exptl_crystal_grow.temp            277 
_exptl_crystal_grow.temp_details    ? 
_exptl_crystal_grow.pdbx_details    
;15.5% PEG8000,  
50mM Tris pH8.0,  
5% Ethylene Glycol,  
75mM NaCl, VAPOR DIFFUSION, HANGING DROP, temperature 277K
;
_exptl_crystal_grow.pdbx_pH_range   . 
# 
loop_
_diffrn.id 
_diffrn.ambient_temp 
_diffrn.ambient_temp_details 
_diffrn.crystal_id 
1 100 ? 1 
2 ?   ? 1 
3 ?   ? 1 
4 ?   ? 1 
# 
loop_
_diffrn_detector.diffrn_id 
_diffrn_detector.detector 
_diffrn_detector.type 
_diffrn_detector.pdbx_collection_date 
_diffrn_detector.details 
1 CCD APS-1 1999-05-01 ? 
2 ?   ?     1999-04-30 ? 
3 ?   ?     1999-04-30 ? 
4 ?   ?     1999-05-01 ? 
# 
_diffrn_radiation.diffrn_id                        1 
_diffrn_radiation.wavelength_id                    1 
_diffrn_radiation.monochromator                    ? 
_diffrn_radiation.pdbx_monochromatic_or_laue_m_l   M 
_diffrn_radiation.pdbx_diffrn_protocol             'SINGLE WAVELENGTH' 
_diffrn_radiation.pdbx_scattering_type             x-ray 
# 
loop_
_diffrn_radiation_wavelength.id 
_diffrn_radiation_wavelength.wavelength 
_diffrn_radiation_wavelength.wt 
1 1.0283 1.0 
2 0.9795 1.0 
3 0.9793 1.0 
4 0.9351 1.0 
# 
_diffrn_source.diffrn_id                   1 
_diffrn_source.source                      SYNCHROTRON 
_diffrn_source.type                        'APS BEAMLINE 19-ID' 
_diffrn_source.pdbx_wavelength             ? 
_diffrn_source.pdbx_synchrotron_site       APS 
_diffrn_source.pdbx_synchrotron_beamline   19-ID 
_diffrn_source.pdbx_wavelength_list        '1.0283, 0.9795, 0.9793, 0.9351' 
# 
_reflns.entry_id                     1FQI 
_reflns.observed_criterion_sigma_I   0.0 
_reflns.observed_criterion_sigma_F   0.0 
_reflns.d_resolution_low             50.0 
_reflns.d_resolution_high            1.94 
_reflns.number_obs                   23300 
_reflns.number_all                   23872 
_reflns.percent_possible_obs         97.7 
_reflns.pdbx_Rmerge_I_obs            0.0510000 
_reflns.pdbx_Rsym_value              ? 
_reflns.pdbx_netI_over_sigmaI        23.5 
_reflns.B_iso_Wilson_estimate        18.3 
_reflns.pdbx_redundancy              3.8 
_reflns.R_free_details               ? 
_reflns.limit_h_max                  ? 
_reflns.limit_h_min                  ? 
_reflns.limit_k_max                  ? 
_reflns.limit_k_min                  ? 
_reflns.limit_l_max                  ? 
_reflns.limit_l_min                  ? 
_reflns.observed_criterion_F_max     ? 
_reflns.observed_criterion_F_min     ? 
_reflns.pdbx_diffrn_id               1 
_reflns.pdbx_ordinal                 1 
# 
_reflns_shell.d_res_high             1.94 
_reflns_shell.d_res_low              2.11 
_reflns_shell.percent_possible_obs   ? 
_reflns_shell.percent_possible_all   91.9 
_reflns_shell.Rmerge_I_obs           0.3010000 
_reflns_shell.meanI_over_sigI_obs    ? 
_reflns_shell.pdbx_Rsym_value        ? 
_reflns_shell.pdbx_redundancy        3.2 
_reflns_shell.number_unique_all      911 
_reflns_shell.pdbx_diffrn_id         ? 
_reflns_shell.pdbx_ordinal           1 
# 
_refine.entry_id                                 1FQI 
_refine.ls_number_reflns_obs                     22730 
_refine.ls_number_reflns_all                     174154 
_refine.pdbx_ls_sigma_I                          0.0 
_refine.pdbx_ls_sigma_F                          0.0 
_refine.pdbx_data_cutoff_high_absF               1020520.69 
_refine.pdbx_data_cutoff_low_absF                0.00 
_refine.ls_d_res_low                             50.0 
_refine.ls_d_res_high                            1.94 
_refine.ls_percent_reflns_obs                    95.1 
_refine.ls_R_factor_obs                          0.2230000 
_refine.ls_R_factor_all                          ? 
_refine.ls_R_factor_R_work                       0.2230000 
_refine.ls_R_factor_R_free                       0.2500000 
_refine.ls_R_factor_R_free_error                 0.005 
_refine.ls_R_factor_R_free_error_details         ? 
_refine.ls_percent_reflns_R_free                 9.3 
_refine.ls_number_reflns_R_free                  2120 
_refine.ls_number_parameters                     ? 
_refine.ls_number_restraints                     ? 
_refine.occupancy_min                            ? 
_refine.occupancy_max                            ? 
_refine.B_iso_mean                               28.8 
_refine.aniso_B[1][1]                            -3.91 
_refine.aniso_B[2][2]                            2.36 
_refine.aniso_B[3][3]                            1.54 
_refine.aniso_B[1][2]                            0.00 
_refine.aniso_B[1][3]                            -2.44 
_refine.aniso_B[2][3]                            0.00 
_refine.solvent_model_details                    'FLAT MODEL' 
_refine.solvent_model_param_ksol                 0.339 
_refine.solvent_model_param_bsol                 34.93 
_refine.pdbx_ls_cross_valid_method               THROUGHOUT 
_refine.details                                  ? 
_refine.pdbx_starting_model                      ? 
_refine.pdbx_method_to_determine_struct          ? 
_refine.pdbx_isotropic_thermal_model             OVERALL 
_refine.pdbx_stereochemistry_target_values       'Engh & Huber' 
_refine.pdbx_stereochem_target_val_spec_case     ? 
_refine.pdbx_R_Free_selection_details            'RANDOM; 9.3%' 
_refine.pdbx_overall_ESU_R_Free                  ? 
_refine.overall_SU_B                             ? 
_refine.ls_redundancy_reflns_obs                 ? 
_refine.B_iso_min                                ? 
_refine.B_iso_max                                ? 
_refine.overall_SU_ML                            ? 
_refine.pdbx_overall_ESU_R                       ? 
_refine.pdbx_data_cutoff_high_rms_absF           ? 
_refine.correlation_coeff_Fo_to_Fc               ? 
_refine.correlation_coeff_Fo_to_Fc_free          ? 
_refine.overall_SU_R_Cruickshank_DPI             ? 
_refine.overall_SU_R_free                        ? 
_refine.pdbx_refine_id                           'X-RAY DIFFRACTION' 
_refine.pdbx_diffrn_id                           1 
_refine.pdbx_TLS_residual_ADP_flag               ? 
_refine.pdbx_solvent_vdw_probe_radii             ? 
_refine.pdbx_solvent_ion_probe_radii             ? 
_refine.pdbx_solvent_shrinkage_radii             ? 
_refine.pdbx_overall_phase_error                 ? 
_refine.pdbx_overall_SU_R_free_Cruickshank_DPI   ? 
_refine.pdbx_overall_SU_R_Blow_DPI               ? 
_refine.pdbx_overall_SU_R_free_Blow_DPI          ? 
# 
_refine_analyze.entry_id                        1FQI 
_refine_analyze.Luzzati_coordinate_error_obs    0.25 
_refine_analyze.Luzzati_sigma_a_obs             0.16 
_refine_analyze.Luzzati_d_res_low_obs           5.00 
_refine_analyze.Luzzati_coordinate_error_free   0.29 
_refine_analyze.Luzzati_sigma_a_free            0.19 
_refine_analyze.Luzzati_d_res_low_free          ? 
_refine_analyze.number_disordered_residues      ? 
_refine_analyze.occupancy_sum_hydrogen          ? 
_refine_analyze.occupancy_sum_non_hydrogen      ? 
_refine_analyze.pdbx_Luzzati_d_res_high_obs     ? 
_refine_analyze.pdbx_refine_id                  'X-RAY DIFFRACTION' 
# 
_refine_hist.pdbx_refine_id                   'X-RAY DIFFRACTION' 
_refine_hist.cycle_id                         LAST 
_refine_hist.pdbx_number_atoms_protein        1151 
_refine_hist.pdbx_number_atoms_nucleic_acid   0 
_refine_hist.pdbx_number_atoms_ligand         0 
_refine_hist.number_atoms_solvent             130 
_refine_hist.number_atoms_total               1281 
_refine_hist.d_res_high                       1.94 
_refine_hist.d_res_low                        50.0 
# 
loop_
_refine_ls_restr.type 
_refine_ls_restr.dev_ideal 
_refine_ls_restr.dev_ideal_target 
_refine_ls_restr.weight 
_refine_ls_restr.number 
_refine_ls_restr.pdbx_refine_id 
_refine_ls_restr.pdbx_restraint_function 
c_bond_d                1.504 ? ? ? 'X-RAY DIFFRACTION' ? 
c_bond_d_na             ?     ? ? ? 'X-RAY DIFFRACTION' ? 
c_bond_d_prot           ?     ? ? ? 'X-RAY DIFFRACTION' ? 
c_angle_d               ?     ? ? ? 'X-RAY DIFFRACTION' ? 
c_angle_d_na            ?     ? ? ? 'X-RAY DIFFRACTION' ? 
c_angle_d_prot          ?     ? ? ? 'X-RAY DIFFRACTION' ? 
c_angle_deg             1.4   ? ? ? 'X-RAY DIFFRACTION' ? 
c_angle_deg_na          ?     ? ? ? 'X-RAY DIFFRACTION' ? 
c_angle_deg_prot        ?     ? ? ? 'X-RAY DIFFRACTION' ? 
c_dihedral_angle_d      19.1  ? ? ? 'X-RAY DIFFRACTION' ? 
c_dihedral_angle_d_na   ?     ? ? ? 'X-RAY DIFFRACTION' ? 
c_dihedral_angle_d_prot ?     ? ? ? 'X-RAY DIFFRACTION' ? 
c_improper_angle_d      0.74  ? ? ? 'X-RAY DIFFRACTION' ? 
c_improper_angle_d_na   ?     ? ? ? 'X-RAY DIFFRACTION' ? 
c_improper_angle_d_prot ?     ? ? ? 'X-RAY DIFFRACTION' ? 
c_mcbond_it             ?     ? ? ? 'X-RAY DIFFRACTION' ? 
c_mcangle_it            ?     ? ? ? 'X-RAY DIFFRACTION' ? 
c_scbond_it             ?     ? ? ? 'X-RAY DIFFRACTION' ? 
c_scangle_it            ?     ? ? ? 'X-RAY DIFFRACTION' ? 
# 
_refine_ls_shell.pdbx_total_number_of_bins_used   6 
_refine_ls_shell.d_res_high                       1.94 
_refine_ls_shell.d_res_low                        2.06 
_refine_ls_shell.number_reflns_R_work             3096 
_refine_ls_shell.R_factor_R_work                  0.2630000 
_refine_ls_shell.percent_reflns_obs               86.1 
_refine_ls_shell.R_factor_R_free                  0.2700000 
_refine_ls_shell.R_factor_R_free_error            0.015 
_refine_ls_shell.percent_reflns_R_free            9.4 
_refine_ls_shell.number_reflns_R_free             323 
_refine_ls_shell.redundancy_reflns_obs            ? 
_refine_ls_shell.number_reflns_all                ? 
_refine_ls_shell.number_reflns_obs                ? 
_refine_ls_shell.pdbx_refine_id                   'X-RAY DIFFRACTION' 
_refine_ls_shell.R_factor_all                     ? 
# 
loop_
_pdbx_xplor_file.serial_no 
_pdbx_xplor_file.param_file 
_pdbx_xplor_file.topol_file 
_pdbx_xplor_file.pdbx_refine_id 
1 PROTEIN_REP.PARAM PROTEIN.TOP 'X-RAY DIFFRACTION' 
2 WATER_REP.PARAM   ?           'X-RAY DIFFRACTION' 
# 
_struct.entry_id                  1FQI 
_struct.title                     'RGS9 RGS DOMAIN' 
_struct.pdbx_model_details        ? 
_struct.pdbx_CASP_flag            ? 
_struct.pdbx_model_type_details   ? 
# 
_struct_keywords.entry_id        1FQI 
_struct_keywords.pdbx_keywords   'SIGNALING PROTEIN' 
_struct_keywords.text            'RGS9, Phototransduction, rod, RGS, GAP, SIGNALING PROTEIN' 
# 
loop_
_struct_asym.id 
_struct_asym.pdbx_blank_PDB_chainid_flag 
_struct_asym.pdbx_modified 
_struct_asym.entity_id 
_struct_asym.details 
A N N 1 ? 
B N N 2 ? 
# 
_struct_ref.id                         1 
_struct_ref.db_name                    UNP 
_struct_ref.db_code                    RGS9_BOVIN 
_struct_ref.pdbx_db_accession          O46469 
_struct_ref.entity_id                  1 
_struct_ref.pdbx_seq_one_letter_code   
;QFWDLNAKLVDIPTKMRVERWAFNFSELIRDPKGRQSFQHFLRKEFSGENLGFWEACEDLKYGDQSKVKEKAEEIYKLFL
APGARRWINIDGKTMDITVKGLKHPHRYVLDAAQTHIYMLMKKDSYARYLKSPIYKEMLAKAIEPQG
;
_struct_ref.pdbx_align_begin           276 
_struct_ref.pdbx_db_isoform            ? 
# 
_struct_ref_seq.align_id                      1 
_struct_ref_seq.ref_id                        1 
_struct_ref_seq.pdbx_PDB_id_code              1FQI 
_struct_ref_seq.pdbx_strand_id                A 
_struct_ref_seq.seq_align_beg                 1 
_struct_ref_seq.pdbx_seq_align_beg_ins_code   ? 
_struct_ref_seq.seq_align_end                 147 
_struct_ref_seq.pdbx_seq_align_end_ins_code   ? 
_struct_ref_seq.pdbx_db_accession             O46469 
_struct_ref_seq.db_align_beg                  276 
_struct_ref_seq.pdbx_db_align_beg_ins_code    ? 
_struct_ref_seq.db_align_end                  422 
_struct_ref_seq.pdbx_db_align_end_ins_code    ? 
_struct_ref_seq.pdbx_auth_seq_align_beg       276 
_struct_ref_seq.pdbx_auth_seq_align_end       422 
# 
loop_
_struct_ref_seq_dif.align_id 
_struct_ref_seq_dif.pdbx_pdb_id_code 
_struct_ref_seq_dif.mon_id 
_struct_ref_seq_dif.pdbx_pdb_strand_id 
_struct_ref_seq_dif.seq_num 
_struct_ref_seq_dif.pdbx_pdb_ins_code 
_struct_ref_seq_dif.pdbx_seq_db_name 
_struct_ref_seq_dif.pdbx_seq_db_accession_code 
_struct_ref_seq_dif.db_mon_id 
_struct_ref_seq_dif.pdbx_seq_db_seq_num 
_struct_ref_seq_dif.details 
_struct_ref_seq_dif.pdbx_auth_seq_num 
_struct_ref_seq_dif.pdbx_ordinal 
1 1FQI MSE A 16  ? UNP O46469 MET 291 'modified residue' 291 1 
1 1FQI MSE A 95  ? UNP O46469 MET 370 'modified residue' 370 2 
1 1FQI MSE A 119 ? UNP O46469 MET 394 'modified residue' 394 3 
1 1FQI MSE A 121 ? UNP O46469 MET 396 'modified residue' 396 4 
1 1FQI MSE A 138 ? UNP O46469 MET 413 'modified residue' 413 5 
# 
_pdbx_struct_assembly.id                   1 
_pdbx_struct_assembly.details              author_defined_assembly 
_pdbx_struct_assembly.method_details       ? 
_pdbx_struct_assembly.oligomeric_details   monomeric 
_pdbx_struct_assembly.oligomeric_count     1 
# 
_pdbx_struct_assembly_gen.assembly_id       1 
_pdbx_struct_assembly_gen.oper_expression   1 
_pdbx_struct_assembly_gen.asym_id_list      A,B 
# 
_pdbx_struct_oper_list.id                   1 
_pdbx_struct_oper_list.type                 'identity operation' 
_pdbx_struct_oper_list.name                 1_555 
_pdbx_struct_oper_list.symmetry_operation   x,y,z 
_pdbx_struct_oper_list.matrix[1][1]         1.0000000000 
_pdbx_struct_oper_list.matrix[1][2]         0.0000000000 
_pdbx_struct_oper_list.matrix[1][3]         0.0000000000 
_pdbx_struct_oper_list.vector[1]            0.0000000000 
_pdbx_struct_oper_list.matrix[2][1]         0.0000000000 
_pdbx_struct_oper_list.matrix[2][2]         1.0000000000 
_pdbx_struct_oper_list.matrix[2][3]         0.0000000000 
_pdbx_struct_oper_list.vector[2]            0.0000000000 
_pdbx_struct_oper_list.matrix[3][1]         0.0000000000 
_pdbx_struct_oper_list.matrix[3][2]         0.0000000000 
_pdbx_struct_oper_list.matrix[3][3]         1.0000000000 
_pdbx_struct_oper_list.vector[3]            0.0000000000 
# 
loop_
_struct_conf.conf_type_id 
_struct_conf.id 
_struct_conf.pdbx_PDB_helix_id 
_struct_conf.beg_label_comp_id 
_struct_conf.beg_label_asym_id 
_struct_conf.beg_label_seq_id 
_struct_conf.pdbx_beg_PDB_ins_code 
_struct_conf.end_label_comp_id 
_struct_conf.end_label_asym_id 
_struct_conf.end_label_seq_id 
_struct_conf.pdbx_end_PDB_ins_code 
_struct_conf.beg_auth_comp_id 
_struct_conf.beg_auth_asym_id 
_struct_conf.beg_auth_seq_id 
_struct_conf.end_auth_comp_id 
_struct_conf.end_auth_asym_id 
_struct_conf.end_auth_seq_id 
_struct_conf.pdbx_PDB_helix_class 
_struct_conf.details 
_struct_conf.pdbx_PDB_helix_length 
HELX_P HELX_P1  1  THR A 14  ? TRP A 21  ? THR A 289 TRP A 296 1 ? 8  
HELX_P HELX_P2  2  ASN A 24  ? ARG A 30  ? ASN A 299 ARG A 305 1 ? 7  
HELX_P HELX_P3  3  ASP A 31  ? GLU A 45  ? ASP A 306 GLU A 320 1 ? 15 
HELX_P HELX_P4  4  GLY A 48  ? TYR A 62  ? GLY A 323 TYR A 337 1 ? 15 
HELX_P HELX_P5  5  ASP A 64  ? SER A 66  ? ASP A 339 SER A 341 5 ? 3  
HELX_P HELX_P6  6  LYS A 67  ? LEU A 80  ? LYS A 342 LEU A 355 1 ? 14 
HELX_P HELX_P7  7  ASP A 91  ? LEU A 102 ? ASP A 366 LEU A 377 1 ? 12 
HELX_P HELX_P8  8  LEU A 110 ? SER A 125 ? LEU A 385 SER A 400 1 ? 16 
HELX_P HELX_P9  9  SER A 125 ? LYS A 131 ? SER A 400 LYS A 406 1 ? 7  
HELX_P HELX_P10 10 SER A 132 ? ALA A 142 ? SER A 407 ALA A 417 1 ? 11 
# 
_struct_conf_type.id          HELX_P 
_struct_conf_type.criteria    ? 
_struct_conf_type.reference   ? 
# 
loop_
_struct_conn.id 
_struct_conn.conn_type_id 
_struct_conn.pdbx_leaving_atom_flag 
_struct_conn.pdbx_PDB_id 
_struct_conn.ptnr1_label_asym_id 
_struct_conn.ptnr1_label_comp_id 
_struct_conn.ptnr1_label_seq_id 
_struct_conn.ptnr1_label_atom_id 
_struct_conn.pdbx_ptnr1_label_alt_id 
_struct_conn.pdbx_ptnr1_PDB_ins_code 
_struct_conn.pdbx_ptnr1_standard_comp_id 
_struct_conn.ptnr1_symmetry 
_struct_conn.ptnr2_label_asym_id 
_struct_conn.ptnr2_label_comp_id 
_struct_conn.ptnr2_label_seq_id 
_struct_conn.ptnr2_label_atom_id 
_struct_conn.pdbx_ptnr2_label_alt_id 
_struct_conn.pdbx_ptnr2_PDB_ins_code 
_struct_conn.ptnr1_auth_asym_id 
_struct_conn.ptnr1_auth_comp_id 
_struct_conn.ptnr1_auth_seq_id 
_struct_conn.ptnr2_auth_asym_id 
_struct_conn.ptnr2_auth_comp_id 
_struct_conn.ptnr2_auth_seq_id 
_struct_conn.ptnr2_symmetry 
_struct_conn.pdbx_ptnr3_label_atom_id 
_struct_conn.pdbx_ptnr3_label_seq_id 
_struct_conn.pdbx_ptnr3_label_comp_id 
_struct_conn.pdbx_ptnr3_label_asym_id 
_struct_conn.pdbx_ptnr3_label_alt_id 
_struct_conn.pdbx_ptnr3_PDB_ins_code 
_struct_conn.details 
_struct_conn.pdbx_dist_value 
_struct_conn.pdbx_value_order 
_struct_conn.pdbx_role 
covale1  covale both ? A LYS 15  C ? ? ? 1_555 A MSE 16  N ? ? A LYS 290 A MSE 291 1_555 ? ? ? ? ? ? ? 1.330 ? ? 
covale2  covale both ? A MSE 16  C ? ? ? 1_555 A ARG 17  N ? ? A MSE 291 A ARG 292 1_555 ? ? ? ? ? ? ? 1.323 ? ? 
covale3  covale both ? A THR 94  C ? ? ? 1_555 A MSE 95  N ? ? A THR 369 A MSE 370 1_555 ? ? ? ? ? ? ? 1.331 ? ? 
covale4  covale both ? A MSE 95  C ? ? ? 1_555 A ASP 96  N ? ? A MSE 370 A ASP 371 1_555 ? ? ? ? ? ? ? 1.332 ? ? 
covale5  covale both ? A TYR 118 C ? ? ? 1_555 A MSE 119 N ? ? A TYR 393 A MSE 394 1_555 ? ? ? ? ? ? ? 1.332 ? ? 
covale6  covale both ? A MSE 119 C ? ? ? 1_555 A LEU 120 N ? ? A MSE 394 A LEU 395 1_555 ? ? ? ? ? ? ? 1.326 ? ? 
covale7  covale both ? A LEU 120 C ? ? ? 1_555 A MSE 121 N ? ? A LEU 395 A MSE 396 1_555 ? ? ? ? ? ? ? 1.331 ? ? 
covale8  covale both ? A MSE 121 C ? ? ? 1_555 A LYS 122 N ? ? A MSE 396 A LYS 397 1_555 ? ? ? ? ? ? ? 1.332 ? ? 
covale9  covale both ? A GLU 137 C ? ? ? 1_555 A MSE 138 N ? ? A GLU 412 A MSE 413 1_555 ? ? ? ? ? ? ? 1.329 ? ? 
covale10 covale both ? A MSE 138 C ? ? ? 1_555 A LEU 139 N ? ? A MSE 413 A LEU 414 1_555 ? ? ? ? ? ? ? 1.328 ? ? 
# 
_struct_conn_type.id          covale 
_struct_conn_type.criteria    ? 
_struct_conn_type.reference   ? 
# 
loop_
_pdbx_modification_feature.ordinal 
_pdbx_modification_feature.label_comp_id 
_pdbx_modification_feature.label_asym_id 
_pdbx_modification_feature.label_seq_id 
_pdbx_modification_feature.label_alt_id 
_pdbx_modification_feature.modified_residue_label_comp_id 
_pdbx_modification_feature.modified_residue_label_asym_id 
_pdbx_modification_feature.modified_residue_label_seq_id 
_pdbx_modification_feature.modified_residue_label_alt_id 
_pdbx_modification_feature.auth_comp_id 
_pdbx_modification_feature.auth_asym_id 
_pdbx_modification_feature.auth_seq_id 
_pdbx_modification_feature.PDB_ins_code 
_pdbx_modification_feature.symmetry 
_pdbx_modification_feature.modified_residue_auth_comp_id 
_pdbx_modification_feature.modified_residue_auth_asym_id 
_pdbx_modification_feature.modified_residue_auth_seq_id 
_pdbx_modification_feature.modified_residue_PDB_ins_code 
_pdbx_modification_feature.modified_residue_symmetry 
_pdbx_modification_feature.comp_id_linking_atom 
_pdbx_modification_feature.modified_residue_id_linking_atom 
_pdbx_modification_feature.modified_residue_id 
_pdbx_modification_feature.ref_pcm_id 
_pdbx_modification_feature.ref_comp_id 
_pdbx_modification_feature.type 
_pdbx_modification_feature.category 
1 MSE A 16  ? . . . . MSE A 291 ? 1_555 . . . . . . . MET 1 MSE Selenomethionine 'Named protein modification' 
2 MSE A 95  ? . . . . MSE A 370 ? 1_555 . . . . . . . MET 1 MSE Selenomethionine 'Named protein modification' 
3 MSE A 119 ? . . . . MSE A 394 ? 1_555 . . . . . . . MET 1 MSE Selenomethionine 'Named protein modification' 
4 MSE A 121 ? . . . . MSE A 396 ? 1_555 . . . . . . . MET 1 MSE Selenomethionine 'Named protein modification' 
5 MSE A 138 ? . . . . MSE A 413 ? 1_555 . . . . . . . MET 1 MSE Selenomethionine 'Named protein modification' 
# 
_pdbx_entry_details.entry_id                   1FQI 
_pdbx_entry_details.compound_details           ? 
_pdbx_entry_details.source_details             ? 
_pdbx_entry_details.nonpolymer_details         ? 
_pdbx_entry_details.sequence_details           ? 
_pdbx_entry_details.has_ligand_of_interest     ? 
_pdbx_entry_details.has_protein_modification   Y 
# 
loop_
_pdbx_validate_symm_contact.id 
_pdbx_validate_symm_contact.PDB_model_num 
_pdbx_validate_symm_contact.auth_atom_id_1 
_pdbx_validate_symm_contact.auth_asym_id_1 
_pdbx_validate_symm_contact.auth_comp_id_1 
_pdbx_validate_symm_contact.auth_seq_id_1 
_pdbx_validate_symm_contact.PDB_ins_code_1 
_pdbx_validate_symm_contact.label_alt_id_1 
_pdbx_validate_symm_contact.site_symmetry_1 
_pdbx_validate_symm_contact.auth_atom_id_2 
_pdbx_validate_symm_contact.auth_asym_id_2 
_pdbx_validate_symm_contact.auth_comp_id_2 
_pdbx_validate_symm_contact.auth_seq_id_2 
_pdbx_validate_symm_contact.PDB_ins_code_2 
_pdbx_validate_symm_contact.label_alt_id_2 
_pdbx_validate_symm_contact.site_symmetry_2 
_pdbx_validate_symm_contact.dist 
1 1 NH1 A ARG 295 ? ? 1_555 NH1 A ARG 295 ? ? 2_656 1.66 
2 1 NH2 A ARG 295 ? ? 1_555 NH2 A ARG 295 ? ? 2_656 1.82 
# 
loop_
_pdbx_validate_torsion.id 
_pdbx_validate_torsion.PDB_model_num 
_pdbx_validate_torsion.auth_comp_id 
_pdbx_validate_torsion.auth_asym_id 
_pdbx_validate_torsion.auth_seq_id 
_pdbx_validate_torsion.PDB_ins_code 
_pdbx_validate_torsion.label_alt_id 
_pdbx_validate_torsion.phi 
_pdbx_validate_torsion.psi 
1 1 TYR A 337 ? ? -107.89 59.18  
2 1 ASP A 339 ? ? -37.10  112.42 
3 1 HIS A 379 ? ? -153.13 73.81  
# 
loop_
_pdbx_struct_mod_residue.id 
_pdbx_struct_mod_residue.label_asym_id 
_pdbx_struct_mod_residue.label_comp_id 
_pdbx_struct_mod_residue.label_seq_id 
_pdbx_struct_mod_residue.auth_asym_id 
_pdbx_struct_mod_residue.auth_comp_id 
_pdbx_struct_mod_residue.auth_seq_id 
_pdbx_struct_mod_residue.PDB_ins_code 
_pdbx_struct_mod_residue.parent_comp_id 
_pdbx_struct_mod_residue.details 
1 A MSE 16  A MSE 291 ? MET SELENOMETHIONINE 
2 A MSE 95  A MSE 370 ? MET SELENOMETHIONINE 
3 A MSE 119 A MSE 394 ? MET SELENOMETHIONINE 
4 A MSE 121 A MSE 396 ? MET SELENOMETHIONINE 
5 A MSE 138 A MSE 413 ? MET SELENOMETHIONINE 
# 
loop_
_pdbx_struct_special_symmetry.id 
_pdbx_struct_special_symmetry.PDB_model_num 
_pdbx_struct_special_symmetry.auth_asym_id 
_pdbx_struct_special_symmetry.auth_comp_id 
_pdbx_struct_special_symmetry.auth_seq_id 
_pdbx_struct_special_symmetry.PDB_ins_code 
_pdbx_struct_special_symmetry.label_asym_id 
_pdbx_struct_special_symmetry.label_comp_id 
_pdbx_struct_special_symmetry.label_seq_id 
1 1 A HOH 63 ? B HOH . 
2 1 A HOH 65 ? B HOH . 
3 1 A HOH 77 ? B HOH . 
# 
loop_
_pdbx_unobs_or_zero_occ_residues.id 
_pdbx_unobs_or_zero_occ_residues.PDB_model_num 
_pdbx_unobs_or_zero_occ_residues.polymer_flag 
_pdbx_unobs_or_zero_occ_residues.occupancy_flag 
_pdbx_unobs_or_zero_occ_residues.auth_asym_id 
_pdbx_unobs_or_zero_occ_residues.auth_comp_id 
_pdbx_unobs_or_zero_occ_residues.auth_seq_id 
_pdbx_unobs_or_zero_occ_residues.PDB_ins_code 
_pdbx_unobs_or_zero_occ_residues.label_asym_id 
_pdbx_unobs_or_zero_occ_residues.label_comp_id 
_pdbx_unobs_or_zero_occ_residues.label_seq_id 
1 1 Y 1 A GLN 276 ? A GLN 1   
2 1 Y 1 A PHE 277 ? A PHE 2   
3 1 Y 1 A TRP 278 ? A TRP 3   
4 1 Y 1 A ASP 279 ? A ASP 4   
5 1 Y 1 A LEU 280 ? A LEU 5   
6 1 Y 1 A ASN 281 ? A ASN 6   
7 1 Y 1 A ALA 282 ? A ALA 7   
8 1 Y 1 A GLN 421 ? A GLN 146 
9 1 Y 1 A GLY 422 ? A GLY 147 
# 
loop_
_chem_comp_atom.comp_id 
_chem_comp_atom.atom_id 
_chem_comp_atom.type_symbol 
_chem_comp_atom.pdbx_aromatic_flag 
_chem_comp_atom.pdbx_stereo_config 
_chem_comp_atom.pdbx_ordinal 
ALA N    N  N N 1   
ALA CA   C  N S 2   
ALA C    C  N N 3   
ALA O    O  N N 4   
ALA CB   C  N N 5   
ALA OXT  O  N N 6   
ALA H    H  N N 7   
ALA H2   H  N N 8   
ALA HA   H  N N 9   
ALA HB1  H  N N 10  
ALA HB2  H  N N 11  
ALA HB3  H  N N 12  
ALA HXT  H  N N 13  
ARG N    N  N N 14  
ARG CA   C  N S 15  
ARG C    C  N N 16  
ARG O    O  N N 17  
ARG CB   C  N N 18  
ARG CG   C  N N 19  
ARG CD   C  N N 20  
ARG NE   N  N N 21  
ARG CZ   C  N N 22  
ARG NH1  N  N N 23  
ARG NH2  N  N N 24  
ARG OXT  O  N N 25  
ARG H    H  N N 26  
ARG H2   H  N N 27  
ARG HA   H  N N 28  
ARG HB2  H  N N 29  
ARG HB3  H  N N 30  
ARG HG2  H  N N 31  
ARG HG3  H  N N 32  
ARG HD2  H  N N 33  
ARG HD3  H  N N 34  
ARG HE   H  N N 35  
ARG HH11 H  N N 36  
ARG HH12 H  N N 37  
ARG HH21 H  N N 38  
ARG HH22 H  N N 39  
ARG HXT  H  N N 40  
ASN N    N  N N 41  
ASN CA   C  N S 42  
ASN C    C  N N 43  
ASN O    O  N N 44  
ASN CB   C  N N 45  
ASN CG   C  N N 46  
ASN OD1  O  N N 47  
ASN ND2  N  N N 48  
ASN OXT  O  N N 49  
ASN H    H  N N 50  
ASN H2   H  N N 51  
ASN HA   H  N N 52  
ASN HB2  H  N N 53  
ASN HB3  H  N N 54  
ASN HD21 H  N N 55  
ASN HD22 H  N N 56  
ASN HXT  H  N N 57  
ASP N    N  N N 58  
ASP CA   C  N S 59  
ASP C    C  N N 60  
ASP O    O  N N 61  
ASP CB   C  N N 62  
ASP CG   C  N N 63  
ASP OD1  O  N N 64  
ASP OD2  O  N N 65  
ASP OXT  O  N N 66  
ASP H    H  N N 67  
ASP H2   H  N N 68  
ASP HA   H  N N 69  
ASP HB2  H  N N 70  
ASP HB3  H  N N 71  
ASP HD2  H  N N 72  
ASP HXT  H  N N 73  
CYS N    N  N N 74  
CYS CA   C  N R 75  
CYS C    C  N N 76  
CYS O    O  N N 77  
CYS CB   C  N N 78  
CYS SG   S  N N 79  
CYS OXT  O  N N 80  
CYS H    H  N N 81  
CYS H2   H  N N 82  
CYS HA   H  N N 83  
CYS HB2  H  N N 84  
CYS HB3  H  N N 85  
CYS HG   H  N N 86  
CYS HXT  H  N N 87  
GLN N    N  N N 88  
GLN CA   C  N S 89  
GLN C    C  N N 90  
GLN O    O  N N 91  
GLN CB   C  N N 92  
GLN CG   C  N N 93  
GLN CD   C  N N 94  
GLN OE1  O  N N 95  
GLN NE2  N  N N 96  
GLN OXT  O  N N 97  
GLN H    H  N N 98  
GLN H2   H  N N 99  
GLN HA   H  N N 100 
GLN HB2  H  N N 101 
GLN HB3  H  N N 102 
GLN HG2  H  N N 103 
GLN HG3  H  N N 104 
GLN HE21 H  N N 105 
GLN HE22 H  N N 106 
GLN HXT  H  N N 107 
GLU N    N  N N 108 
GLU CA   C  N S 109 
GLU C    C  N N 110 
GLU O    O  N N 111 
GLU CB   C  N N 112 
GLU CG   C  N N 113 
GLU CD   C  N N 114 
GLU OE1  O  N N 115 
GLU OE2  O  N N 116 
GLU OXT  O  N N 117 
GLU H    H  N N 118 
GLU H2   H  N N 119 
GLU HA   H  N N 120 
GLU HB2  H  N N 121 
GLU HB3  H  N N 122 
GLU HG2  H  N N 123 
GLU HG3  H  N N 124 
GLU HE2  H  N N 125 
GLU HXT  H  N N 126 
GLY N    N  N N 127 
GLY CA   C  N N 128 
GLY C    C  N N 129 
GLY O    O  N N 130 
GLY OXT  O  N N 131 
GLY H    H  N N 132 
GLY H2   H  N N 133 
GLY HA2  H  N N 134 
GLY HA3  H  N N 135 
GLY HXT  H  N N 136 
HIS N    N  N N 137 
HIS CA   C  N S 138 
HIS C    C  N N 139 
HIS O    O  N N 140 
HIS CB   C  N N 141 
HIS CG   C  Y N 142 
HIS ND1  N  Y N 143 
HIS CD2  C  Y N 144 
HIS CE1  C  Y N 145 
HIS NE2  N  Y N 146 
HIS OXT  O  N N 147 
HIS H    H  N N 148 
HIS H2   H  N N 149 
HIS HA   H  N N 150 
HIS HB2  H  N N 151 
HIS HB3  H  N N 152 
HIS HD1  H  N N 153 
HIS HD2  H  N N 154 
HIS HE1  H  N N 155 
HIS HE2  H  N N 156 
HIS HXT  H  N N 157 
HOH O    O  N N 158 
HOH H1   H  N N 159 
HOH H2   H  N N 160 
ILE N    N  N N 161 
ILE CA   C  N S 162 
ILE C    C  N N 163 
ILE O    O  N N 164 
ILE CB   C  N S 165 
ILE CG1  C  N N 166 
ILE CG2  C  N N 167 
ILE CD1  C  N N 168 
ILE OXT  O  N N 169 
ILE H    H  N N 170 
ILE H2   H  N N 171 
ILE HA   H  N N 172 
ILE HB   H  N N 173 
ILE HG12 H  N N 174 
ILE HG13 H  N N 175 
ILE HG21 H  N N 176 
ILE HG22 H  N N 177 
ILE HG23 H  N N 178 
ILE HD11 H  N N 179 
ILE HD12 H  N N 180 
ILE HD13 H  N N 181 
ILE HXT  H  N N 182 
LEU N    N  N N 183 
LEU CA   C  N S 184 
LEU C    C  N N 185 
LEU O    O  N N 186 
LEU CB   C  N N 187 
LEU CG   C  N N 188 
LEU CD1  C  N N 189 
LEU CD2  C  N N 190 
LEU OXT  O  N N 191 
LEU H    H  N N 192 
LEU H2   H  N N 193 
LEU HA   H  N N 194 
LEU HB2  H  N N 195 
LEU HB3  H  N N 196 
LEU HG   H  N N 197 
LEU HD11 H  N N 198 
LEU HD12 H  N N 199 
LEU HD13 H  N N 200 
LEU HD21 H  N N 201 
LEU HD22 H  N N 202 
LEU HD23 H  N N 203 
LEU HXT  H  N N 204 
LYS N    N  N N 205 
LYS CA   C  N S 206 
LYS C    C  N N 207 
LYS O    O  N N 208 
LYS CB   C  N N 209 
LYS CG   C  N N 210 
LYS CD   C  N N 211 
LYS CE   C  N N 212 
LYS NZ   N  N N 213 
LYS OXT  O  N N 214 
LYS H    H  N N 215 
LYS H2   H  N N 216 
LYS HA   H  N N 217 
LYS HB2  H  N N 218 
LYS HB3  H  N N 219 
LYS HG2  H  N N 220 
LYS HG3  H  N N 221 
LYS HD2  H  N N 222 
LYS HD3  H  N N 223 
LYS HE2  H  N N 224 
LYS HE3  H  N N 225 
LYS HZ1  H  N N 226 
LYS HZ2  H  N N 227 
LYS HZ3  H  N N 228 
LYS HXT  H  N N 229 
MET N    N  N N 230 
MET CA   C  N S 231 
MET C    C  N N 232 
MET O    O  N N 233 
MET CB   C  N N 234 
MET CG   C  N N 235 
MET SD   S  N N 236 
MET CE   C  N N 237 
MET OXT  O  N N 238 
MET H    H  N N 239 
MET H2   H  N N 240 
MET HA   H  N N 241 
MET HB2  H  N N 242 
MET HB3  H  N N 243 
MET HG2  H  N N 244 
MET HG3  H  N N 245 
MET HE1  H  N N 246 
MET HE2  H  N N 247 
MET HE3  H  N N 248 
MET HXT  H  N N 249 
MSE N    N  N N 250 
MSE CA   C  N S 251 
MSE C    C  N N 252 
MSE O    O  N N 253 
MSE OXT  O  N N 254 
MSE CB   C  N N 255 
MSE CG   C  N N 256 
MSE SE   SE N N 257 
MSE CE   C  N N 258 
MSE H    H  N N 259 
MSE H2   H  N N 260 
MSE HA   H  N N 261 
MSE HXT  H  N N 262 
MSE HB2  H  N N 263 
MSE HB3  H  N N 264 
MSE HG2  H  N N 265 
MSE HG3  H  N N 266 
MSE HE1  H  N N 267 
MSE HE2  H  N N 268 
MSE HE3  H  N N 269 
PHE N    N  N N 270 
PHE CA   C  N S 271 
PHE C    C  N N 272 
PHE O    O  N N 273 
PHE CB   C  N N 274 
PHE CG   C  Y N 275 
PHE CD1  C  Y N 276 
PHE CD2  C  Y N 277 
PHE CE1  C  Y N 278 
PHE CE2  C  Y N 279 
PHE CZ   C  Y N 280 
PHE OXT  O  N N 281 
PHE H    H  N N 282 
PHE H2   H  N N 283 
PHE HA   H  N N 284 
PHE HB2  H  N N 285 
PHE HB3  H  N N 286 
PHE HD1  H  N N 287 
PHE HD2  H  N N 288 
PHE HE1  H  N N 289 
PHE HE2  H  N N 290 
PHE HZ   H  N N 291 
PHE HXT  H  N N 292 
PRO N    N  N N 293 
PRO CA   C  N S 294 
PRO C    C  N N 295 
PRO O    O  N N 296 
PRO CB   C  N N 297 
PRO CG   C  N N 298 
PRO CD   C  N N 299 
PRO OXT  O  N N 300 
PRO H    H  N N 301 
PRO HA   H  N N 302 
PRO HB2  H  N N 303 
PRO HB3  H  N N 304 
PRO HG2  H  N N 305 
PRO HG3  H  N N 306 
PRO HD2  H  N N 307 
PRO HD3  H  N N 308 
PRO HXT  H  N N 309 
SER N    N  N N 310 
SER CA   C  N S 311 
SER C    C  N N 312 
SER O    O  N N 313 
SER CB   C  N N 314 
SER OG   O  N N 315 
SER OXT  O  N N 316 
SER H    H  N N 317 
SER H2   H  N N 318 
SER HA   H  N N 319 
SER HB2  H  N N 320 
SER HB3  H  N N 321 
SER HG   H  N N 322 
SER HXT  H  N N 323 
THR N    N  N N 324 
THR CA   C  N S 325 
THR C    C  N N 326 
THR O    O  N N 327 
THR CB   C  N R 328 
THR OG1  O  N N 329 
THR CG2  C  N N 330 
THR OXT  O  N N 331 
THR H    H  N N 332 
THR H2   H  N N 333 
THR HA   H  N N 334 
THR HB   H  N N 335 
THR HG1  H  N N 336 
THR HG21 H  N N 337 
THR HG22 H  N N 338 
THR HG23 H  N N 339 
THR HXT  H  N N 340 
TRP N    N  N N 341 
TRP CA   C  N S 342 
TRP C    C  N N 343 
TRP O    O  N N 344 
TRP CB   C  N N 345 
TRP CG   C  Y N 346 
TRP CD1  C  Y N 347 
TRP CD2  C  Y N 348 
TRP NE1  N  Y N 349 
TRP CE2  C  Y N 350 
TRP CE3  C  Y N 351 
TRP CZ2  C  Y N 352 
TRP CZ3  C  Y N 353 
TRP CH2  C  Y N 354 
TRP OXT  O  N N 355 
TRP H    H  N N 356 
TRP H2   H  N N 357 
TRP HA   H  N N 358 
TRP HB2  H  N N 359 
TRP HB3  H  N N 360 
TRP HD1  H  N N 361 
TRP HE1  H  N N 362 
TRP HE3  H  N N 363 
TRP HZ2  H  N N 364 
TRP HZ3  H  N N 365 
TRP HH2  H  N N 366 
TRP HXT  H  N N 367 
TYR N    N  N N 368 
TYR CA   C  N S 369 
TYR C    C  N N 370 
TYR O    O  N N 371 
TYR CB   C  N N 372 
TYR CG   C  Y N 373 
TYR CD1  C  Y N 374 
TYR CD2  C  Y N 375 
TYR CE1  C  Y N 376 
TYR CE2  C  Y N 377 
TYR CZ   C  Y N 378 
TYR OH   O  N N 379 
TYR OXT  O  N N 380 
TYR H    H  N N 381 
TYR H2   H  N N 382 
TYR HA   H  N N 383 
TYR HB2  H  N N 384 
TYR HB3  H  N N 385 
TYR HD1  H  N N 386 
TYR HD2  H  N N 387 
TYR HE1  H  N N 388 
TYR HE2  H  N N 389 
TYR HH   H  N N 390 
TYR HXT  H  N N 391 
VAL N    N  N N 392 
VAL CA   C  N S 393 
VAL C    C  N N 394 
VAL O    O  N N 395 
VAL CB   C  N N 396 
VAL CG1  C  N N 397 
VAL CG2  C  N N 398 
VAL OXT  O  N N 399 
VAL H    H  N N 400 
VAL H2   H  N N 401 
VAL HA   H  N N 402 
VAL HB   H  N N 403 
VAL HG11 H  N N 404 
VAL HG12 H  N N 405 
VAL HG13 H  N N 406 
VAL HG21 H  N N 407 
VAL HG22 H  N N 408 
VAL HG23 H  N N 409 
VAL HXT  H  N N 410 
# 
loop_
_chem_comp_bond.comp_id 
_chem_comp_bond.atom_id_1 
_chem_comp_bond.atom_id_2 
_chem_comp_bond.value_order 
_chem_comp_bond.pdbx_aromatic_flag 
_chem_comp_bond.pdbx_stereo_config 
_chem_comp_bond.pdbx_ordinal 
ALA N   CA   sing N N 1   
ALA N   H    sing N N 2   
ALA N   H2   sing N N 3   
ALA CA  C    sing N N 4   
ALA CA  CB   sing N N 5   
ALA CA  HA   sing N N 6   
ALA C   O    doub N N 7   
ALA C   OXT  sing N N 8   
ALA CB  HB1  sing N N 9   
ALA CB  HB2  sing N N 10  
ALA CB  HB3  sing N N 11  
ALA OXT HXT  sing N N 12  
ARG N   CA   sing N N 13  
ARG N   H    sing N N 14  
ARG N   H2   sing N N 15  
ARG CA  C    sing N N 16  
ARG CA  CB   sing N N 17  
ARG CA  HA   sing N N 18  
ARG C   O    doub N N 19  
ARG C   OXT  sing N N 20  
ARG CB  CG   sing N N 21  
ARG CB  HB2  sing N N 22  
ARG CB  HB3  sing N N 23  
ARG CG  CD   sing N N 24  
ARG CG  HG2  sing N N 25  
ARG CG  HG3  sing N N 26  
ARG CD  NE   sing N N 27  
ARG CD  HD2  sing N N 28  
ARG CD  HD3  sing N N 29  
ARG NE  CZ   sing N N 30  
ARG NE  HE   sing N N 31  
ARG CZ  NH1  sing N N 32  
ARG CZ  NH2  doub N N 33  
ARG NH1 HH11 sing N N 34  
ARG NH1 HH12 sing N N 35  
ARG NH2 HH21 sing N N 36  
ARG NH2 HH22 sing N N 37  
ARG OXT HXT  sing N N 38  
ASN N   CA   sing N N 39  
ASN N   H    sing N N 40  
ASN N   H2   sing N N 41  
ASN CA  C    sing N N 42  
ASN CA  CB   sing N N 43  
ASN CA  HA   sing N N 44  
ASN C   O    doub N N 45  
ASN C   OXT  sing N N 46  
ASN CB  CG   sing N N 47  
ASN CB  HB2  sing N N 48  
ASN CB  HB3  sing N N 49  
ASN CG  OD1  doub N N 50  
ASN CG  ND2  sing N N 51  
ASN ND2 HD21 sing N N 52  
ASN ND2 HD22 sing N N 53  
ASN OXT HXT  sing N N 54  
ASP N   CA   sing N N 55  
ASP N   H    sing N N 56  
ASP N   H2   sing N N 57  
ASP CA  C    sing N N 58  
ASP CA  CB   sing N N 59  
ASP CA  HA   sing N N 60  
ASP C   O    doub N N 61  
ASP C   OXT  sing N N 62  
ASP CB  CG   sing N N 63  
ASP CB  HB2  sing N N 64  
ASP CB  HB3  sing N N 65  
ASP CG  OD1  doub N N 66  
ASP CG  OD2  sing N N 67  
ASP OD2 HD2  sing N N 68  
ASP OXT HXT  sing N N 69  
CYS N   CA   sing N N 70  
CYS N   H    sing N N 71  
CYS N   H2   sing N N 72  
CYS CA  C    sing N N 73  
CYS CA  CB   sing N N 74  
CYS CA  HA   sing N N 75  
CYS C   O    doub N N 76  
CYS C   OXT  sing N N 77  
CYS CB  SG   sing N N 78  
CYS CB  HB2  sing N N 79  
CYS CB  HB3  sing N N 80  
CYS SG  HG   sing N N 81  
CYS OXT HXT  sing N N 82  
GLN N   CA   sing N N 83  
GLN N   H    sing N N 84  
GLN N   H2   sing N N 85  
GLN CA  C    sing N N 86  
GLN CA  CB   sing N N 87  
GLN CA  HA   sing N N 88  
GLN C   O    doub N N 89  
GLN C   OXT  sing N N 90  
GLN CB  CG   sing N N 91  
GLN CB  HB2  sing N N 92  
GLN CB  HB3  sing N N 93  
GLN CG  CD   sing N N 94  
GLN CG  HG2  sing N N 95  
GLN CG  HG3  sing N N 96  
GLN CD  OE1  doub N N 97  
GLN CD  NE2  sing N N 98  
GLN NE2 HE21 sing N N 99  
GLN NE2 HE22 sing N N 100 
GLN OXT HXT  sing N N 101 
GLU N   CA   sing N N 102 
GLU N   H    sing N N 103 
GLU N   H2   sing N N 104 
GLU CA  C    sing N N 105 
GLU CA  CB   sing N N 106 
GLU CA  HA   sing N N 107 
GLU C   O    doub N N 108 
GLU C   OXT  sing N N 109 
GLU CB  CG   sing N N 110 
GLU CB  HB2  sing N N 111 
GLU CB  HB3  sing N N 112 
GLU CG  CD   sing N N 113 
GLU CG  HG2  sing N N 114 
GLU CG  HG3  sing N N 115 
GLU CD  OE1  doub N N 116 
GLU CD  OE2  sing N N 117 
GLU OE2 HE2  sing N N 118 
GLU OXT HXT  sing N N 119 
GLY N   CA   sing N N 120 
GLY N   H    sing N N 121 
GLY N   H2   sing N N 122 
GLY CA  C    sing N N 123 
GLY CA  HA2  sing N N 124 
GLY CA  HA3  sing N N 125 
GLY C   O    doub N N 126 
GLY C   OXT  sing N N 127 
GLY OXT HXT  sing N N 128 
HIS N   CA   sing N N 129 
HIS N   H    sing N N 130 
HIS N   H2   sing N N 131 
HIS CA  C    sing N N 132 
HIS CA  CB   sing N N 133 
HIS CA  HA   sing N N 134 
HIS C   O    doub N N 135 
HIS C   OXT  sing N N 136 
HIS CB  CG   sing N N 137 
HIS CB  HB2  sing N N 138 
HIS CB  HB3  sing N N 139 
HIS CG  ND1  sing Y N 140 
HIS CG  CD2  doub Y N 141 
HIS ND1 CE1  doub Y N 142 
HIS ND1 HD1  sing N N 143 
HIS CD2 NE2  sing Y N 144 
HIS CD2 HD2  sing N N 145 
HIS CE1 NE2  sing Y N 146 
HIS CE1 HE1  sing N N 147 
HIS NE2 HE2  sing N N 148 
HIS OXT HXT  sing N N 149 
HOH O   H1   sing N N 150 
HOH O   H2   sing N N 151 
ILE N   CA   sing N N 152 
ILE N   H    sing N N 153 
ILE N   H2   sing N N 154 
ILE CA  C    sing N N 155 
ILE CA  CB   sing N N 156 
ILE CA  HA   sing N N 157 
ILE C   O    doub N N 158 
ILE C   OXT  sing N N 159 
ILE CB  CG1  sing N N 160 
ILE CB  CG2  sing N N 161 
ILE CB  HB   sing N N 162 
ILE CG1 CD1  sing N N 163 
ILE CG1 HG12 sing N N 164 
ILE CG1 HG13 sing N N 165 
ILE CG2 HG21 sing N N 166 
ILE CG2 HG22 sing N N 167 
ILE CG2 HG23 sing N N 168 
ILE CD1 HD11 sing N N 169 
ILE CD1 HD12 sing N N 170 
ILE CD1 HD13 sing N N 171 
ILE OXT HXT  sing N N 172 
LEU N   CA   sing N N 173 
LEU N   H    sing N N 174 
LEU N   H2   sing N N 175 
LEU CA  C    sing N N 176 
LEU CA  CB   sing N N 177 
LEU CA  HA   sing N N 178 
LEU C   O    doub N N 179 
LEU C   OXT  sing N N 180 
LEU CB  CG   sing N N 181 
LEU CB  HB2  sing N N 182 
LEU CB  HB3  sing N N 183 
LEU CG  CD1  sing N N 184 
LEU CG  CD2  sing N N 185 
LEU CG  HG   sing N N 186 
LEU CD1 HD11 sing N N 187 
LEU CD1 HD12 sing N N 188 
LEU CD1 HD13 sing N N 189 
LEU CD2 HD21 sing N N 190 
LEU CD2 HD22 sing N N 191 
LEU CD2 HD23 sing N N 192 
LEU OXT HXT  sing N N 193 
LYS N   CA   sing N N 194 
LYS N   H    sing N N 195 
LYS N   H2   sing N N 196 
LYS CA  C    sing N N 197 
LYS CA  CB   sing N N 198 
LYS CA  HA   sing N N 199 
LYS C   O    doub N N 200 
LYS C   OXT  sing N N 201 
LYS CB  CG   sing N N 202 
LYS CB  HB2  sing N N 203 
LYS CB  HB3  sing N N 204 
LYS CG  CD   sing N N 205 
LYS CG  HG2  sing N N 206 
LYS CG  HG3  sing N N 207 
LYS CD  CE   sing N N 208 
LYS CD  HD2  sing N N 209 
LYS CD  HD3  sing N N 210 
LYS CE  NZ   sing N N 211 
LYS CE  HE2  sing N N 212 
LYS CE  HE3  sing N N 213 
LYS NZ  HZ1  sing N N 214 
LYS NZ  HZ2  sing N N 215 
LYS NZ  HZ3  sing N N 216 
LYS OXT HXT  sing N N 217 
MET N   CA   sing N N 218 
MET N   H    sing N N 219 
MET N   H2   sing N N 220 
MET CA  C    sing N N 221 
MET CA  CB   sing N N 222 
MET CA  HA   sing N N 223 
MET C   O    doub N N 224 
MET C   OXT  sing N N 225 
MET CB  CG   sing N N 226 
MET CB  HB2  sing N N 227 
MET CB  HB3  sing N N 228 
MET CG  SD   sing N N 229 
MET CG  HG2  sing N N 230 
MET CG  HG3  sing N N 231 
MET SD  CE   sing N N 232 
MET CE  HE1  sing N N 233 
MET CE  HE2  sing N N 234 
MET CE  HE3  sing N N 235 
MET OXT HXT  sing N N 236 
MSE N   CA   sing N N 237 
MSE N   H    sing N N 238 
MSE N   H2   sing N N 239 
MSE CA  C    sing N N 240 
MSE CA  CB   sing N N 241 
MSE CA  HA   sing N N 242 
MSE C   O    doub N N 243 
MSE C   OXT  sing N N 244 
MSE OXT HXT  sing N N 245 
MSE CB  CG   sing N N 246 
MSE CB  HB2  sing N N 247 
MSE CB  HB3  sing N N 248 
MSE CG  SE   sing N N 249 
MSE CG  HG2  sing N N 250 
MSE CG  HG3  sing N N 251 
MSE SE  CE   sing N N 252 
MSE CE  HE1  sing N N 253 
MSE CE  HE2  sing N N 254 
MSE CE  HE3  sing N N 255 
PHE N   CA   sing N N 256 
PHE N   H    sing N N 257 
PHE N   H2   sing N N 258 
PHE CA  C    sing N N 259 
PHE CA  CB   sing N N 260 
PHE CA  HA   sing N N 261 
PHE C   O    doub N N 262 
PHE C   OXT  sing N N 263 
PHE CB  CG   sing N N 264 
PHE CB  HB2  sing N N 265 
PHE CB  HB3  sing N N 266 
PHE CG  CD1  doub Y N 267 
PHE CG  CD2  sing Y N 268 
PHE CD1 CE1  sing Y N 269 
PHE CD1 HD1  sing N N 270 
PHE CD2 CE2  doub Y N 271 
PHE CD2 HD2  sing N N 272 
PHE CE1 CZ   doub Y N 273 
PHE CE1 HE1  sing N N 274 
PHE CE2 CZ   sing Y N 275 
PHE CE2 HE2  sing N N 276 
PHE CZ  HZ   sing N N 277 
PHE OXT HXT  sing N N 278 
PRO N   CA   sing N N 279 
PRO N   CD   sing N N 280 
PRO N   H    sing N N 281 
PRO CA  C    sing N N 282 
PRO CA  CB   sing N N 283 
PRO CA  HA   sing N N 284 
PRO C   O    doub N N 285 
PRO C   OXT  sing N N 286 
PRO CB  CG   sing N N 287 
PRO CB  HB2  sing N N 288 
PRO CB  HB3  sing N N 289 
PRO CG  CD   sing N N 290 
PRO CG  HG2  sing N N 291 
PRO CG  HG3  sing N N 292 
PRO CD  HD2  sing N N 293 
PRO CD  HD3  sing N N 294 
PRO OXT HXT  sing N N 295 
SER N   CA   sing N N 296 
SER N   H    sing N N 297 
SER N   H2   sing N N 298 
SER CA  C    sing N N 299 
SER CA  CB   sing N N 300 
SER CA  HA   sing N N 301 
SER C   O    doub N N 302 
SER C   OXT  sing N N 303 
SER CB  OG   sing N N 304 
SER CB  HB2  sing N N 305 
SER CB  HB3  sing N N 306 
SER OG  HG   sing N N 307 
SER OXT HXT  sing N N 308 
THR N   CA   sing N N 309 
THR N   H    sing N N 310 
THR N   H2   sing N N 311 
THR CA  C    sing N N 312 
THR CA  CB   sing N N 313 
THR CA  HA   sing N N 314 
THR C   O    doub N N 315 
THR C   OXT  sing N N 316 
THR CB  OG1  sing N N 317 
THR CB  CG2  sing N N 318 
THR CB  HB   sing N N 319 
THR OG1 HG1  sing N N 320 
THR CG2 HG21 sing N N 321 
THR CG2 HG22 sing N N 322 
THR CG2 HG23 sing N N 323 
THR OXT HXT  sing N N 324 
TRP N   CA   sing N N 325 
TRP N   H    sing N N 326 
TRP N   H2   sing N N 327 
TRP CA  C    sing N N 328 
TRP CA  CB   sing N N 329 
TRP CA  HA   sing N N 330 
TRP C   O    doub N N 331 
TRP C   OXT  sing N N 332 
TRP CB  CG   sing N N 333 
TRP CB  HB2  sing N N 334 
TRP CB  HB3  sing N N 335 
TRP CG  CD1  doub Y N 336 
TRP CG  CD2  sing Y N 337 
TRP CD1 NE1  sing Y N 338 
TRP CD1 HD1  sing N N 339 
TRP CD2 CE2  doub Y N 340 
TRP CD2 CE3  sing Y N 341 
TRP NE1 CE2  sing Y N 342 
TRP NE1 HE1  sing N N 343 
TRP CE2 CZ2  sing Y N 344 
TRP CE3 CZ3  doub Y N 345 
TRP CE3 HE3  sing N N 346 
TRP CZ2 CH2  doub Y N 347 
TRP CZ2 HZ2  sing N N 348 
TRP CZ3 CH2  sing Y N 349 
TRP CZ3 HZ3  sing N N 350 
TRP CH2 HH2  sing N N 351 
TRP OXT HXT  sing N N 352 
TYR N   CA   sing N N 353 
TYR N   H    sing N N 354 
TYR N   H2   sing N N 355 
TYR CA  C    sing N N 356 
TYR CA  CB   sing N N 357 
TYR CA  HA   sing N N 358 
TYR C   O    doub N N 359 
TYR C   OXT  sing N N 360 
TYR CB  CG   sing N N 361 
TYR CB  HB2  sing N N 362 
TYR CB  HB3  sing N N 363 
TYR CG  CD1  doub Y N 364 
TYR CG  CD2  sing Y N 365 
TYR CD1 CE1  sing Y N 366 
TYR CD1 HD1  sing N N 367 
TYR CD2 CE2  doub Y N 368 
TYR CD2 HD2  sing N N 369 
TYR CE1 CZ   doub Y N 370 
TYR CE1 HE1  sing N N 371 
TYR CE2 CZ   sing Y N 372 
TYR CE2 HE2  sing N N 373 
TYR CZ  OH   sing N N 374 
TYR OH  HH   sing N N 375 
TYR OXT HXT  sing N N 376 
VAL N   CA   sing N N 377 
VAL N   H    sing N N 378 
VAL N   H2   sing N N 379 
VAL CA  C    sing N N 380 
VAL CA  CB   sing N N 381 
VAL CA  HA   sing N N 382 
VAL C   O    doub N N 383 
VAL C   OXT  sing N N 384 
VAL CB  CG1  sing N N 385 
VAL CB  CG2  sing N N 386 
VAL CB  HB   sing N N 387 
VAL CG1 HG11 sing N N 388 
VAL CG1 HG12 sing N N 389 
VAL CG1 HG13 sing N N 390 
VAL CG2 HG21 sing N N 391 
VAL CG2 HG22 sing N N 392 
VAL CG2 HG23 sing N N 393 
VAL OXT HXT  sing N N 394 
# 
_atom_sites.entry_id                    1FQI 
_atom_sites.fract_transf_matrix[1][1]   -0.00470765 
_atom_sites.fract_transf_matrix[1][2]   0.00628004 
_atom_sites.fract_transf_matrix[1][3]   -0.01271522 
_atom_sites.fract_transf_matrix[2][1]   0.00800082 
_atom_sites.fract_transf_matrix[2][2]   -0.00875666 
_atom_sites.fract_transf_matrix[2][3]   -0.00728711 
_atom_sites.fract_transf_matrix[3][1]   -0.02279017 
_atom_sites.fract_transf_matrix[3][2]   -0.01758361 
_atom_sites.fract_transf_matrix[3][3]   -0.00389270 
_atom_sites.fract_transf_vector[1]      0.266510 
_atom_sites.fract_transf_vector[2]      0.059619 
_atom_sites.fract_transf_vector[3]      0.556965 
# 
loop_
_atom_type.symbol 
C  
N  
O  
S  
SE 
# 
loop_
_atom_site.group_PDB 
_atom_site.id 
_atom_site.type_symbol 
_atom_site.label_atom_id 
_atom_site.label_alt_id 
_atom_site.label_comp_id 
_atom_site.label_asym_id 
_atom_site.label_entity_id 
_atom_site.label_seq_id 
_atom_site.pdbx_PDB_ins_code 
_atom_site.Cartn_x 
_atom_site.Cartn_y 
_atom_site.Cartn_z 
_atom_site.occupancy 
_atom_site.B_iso_or_equiv 
_atom_site.pdbx_formal_charge 
_atom_site.auth_seq_id 
_atom_site.auth_comp_id 
_atom_site.auth_asym_id 
_atom_site.auth_atom_id 
_atom_site.pdbx_PDB_model_num 
ATOM   1    N  N   . LYS A 1 8   ? 2.102   9.919   -23.860 1.00 49.02 ? 283 LYS A N   1 
ATOM   2    C  CA  . LYS A 1 8   ? 3.030   9.287   -22.876 1.00 47.57 ? 283 LYS A CA  1 
ATOM   3    C  C   . LYS A 1 8   ? 3.776   10.367  -22.106 1.00 46.39 ? 283 LYS A C   1 
ATOM   4    O  O   . LYS A 1 8   ? 4.981   10.267  -21.875 1.00 46.98 ? 283 LYS A O   1 
ATOM   5    C  CB  . LYS A 1 8   ? 4.028   8.385   -23.606 1.00 49.02 ? 283 LYS A CB  1 
ATOM   6    C  CG  . LYS A 1 8   ? 3.367   7.335   -24.488 1.00 50.22 ? 283 LYS A CG  1 
ATOM   7    C  CD  . LYS A 1 8   ? 4.394   6.382   -25.074 1.00 51.09 ? 283 LYS A CD  1 
ATOM   8    C  CE  . LYS A 1 8   ? 3.741   5.344   -25.973 1.00 50.55 ? 283 LYS A CE  1 
ATOM   9    N  NZ  . LYS A 1 8   ? 4.741   4.366   -26.489 1.00 49.47 ? 283 LYS A NZ  1 
ATOM   10   N  N   . LEU A 1 9   ? 3.041   11.404  -21.717 1.00 44.11 ? 284 LEU A N   1 
ATOM   11   C  CA  . LEU A 1 9   ? 3.596   12.529  -20.977 1.00 41.49 ? 284 LEU A CA  1 
ATOM   12   C  C   . LEU A 1 9   ? 3.784   12.207  -19.499 1.00 40.10 ? 284 LEU A C   1 
ATOM   13   O  O   . LEU A 1 9   ? 3.068   11.382  -18.930 1.00 39.92 ? 284 LEU A O   1 
ATOM   14   C  CB  . LEU A 1 9   ? 2.670   13.738  -21.103 1.00 39.56 ? 284 LEU A CB  1 
ATOM   15   C  CG  . LEU A 1 9   ? 2.467   14.354  -22.486 1.00 37.94 ? 284 LEU A CG  1 
ATOM   16   C  CD1 . LEU A 1 9   ? 1.274   15.296  -22.448 1.00 36.24 ? 284 LEU A CD1 1 
ATOM   17   C  CD2 . LEU A 1 9   ? 3.726   15.091  -22.912 1.00 36.21 ? 284 LEU A CD2 1 
ATOM   18   N  N   . VAL A 1 10  ? 4.754   12.867  -18.880 1.00 38.62 ? 285 VAL A N   1 
ATOM   19   C  CA  . VAL A 1 10  ? 5.009   12.664  -17.465 1.00 38.19 ? 285 VAL A CA  1 
ATOM   20   C  C   . VAL A 1 10  ? 3.801   13.219  -16.715 1.00 37.20 ? 285 VAL A C   1 
ATOM   21   O  O   . VAL A 1 10  ? 3.321   14.313  -17.019 1.00 37.55 ? 285 VAL A O   1 
ATOM   22   C  CB  . VAL A 1 10  ? 6.273   13.421  -17.003 1.00 38.44 ? 285 VAL A CB  1 
ATOM   23   C  CG1 . VAL A 1 10  ? 6.503   13.183  -15.514 1.00 37.89 ? 285 VAL A CG1 1 
ATOM   24   C  CG2 . VAL A 1 10  ? 7.483   12.970  -17.812 1.00 35.99 ? 285 VAL A CG2 1 
ATOM   25   N  N   . ASP A 1 11  ? 3.297   12.455  -15.755 1.00 35.03 ? 286 ASP A N   1 
ATOM   26   C  CA  . ASP A 1 11  ? 2.153   12.898  -14.977 1.00 31.74 ? 286 ASP A CA  1 
ATOM   27   C  C   . ASP A 1 11  ? 2.653   13.905  -13.953 1.00 31.53 ? 286 ASP A C   1 
ATOM   28   O  O   . ASP A 1 11  ? 3.438   13.568  -13.067 1.00 32.44 ? 286 ASP A O   1 
ATOM   29   C  CB  . ASP A 1 11  ? 1.501   11.706  -14.271 1.00 33.10 ? 286 ASP A CB  1 
ATOM   30   C  CG  . ASP A 1 11  ? 0.194   12.072  -13.584 1.00 30.62 ? 286 ASP A CG  1 
ATOM   31   O  OD1 . ASP A 1 11  ? -0.131  13.275  -13.508 1.00 29.48 ? 286 ASP A OD1 1 
ATOM   32   O  OD2 . ASP A 1 11  ? -0.510  11.153  -13.115 1.00 30.30 ? 286 ASP A OD2 1 
ATOM   33   N  N   . ILE A 1 12  ? 2.210   15.146  -14.096 1.00 29.39 ? 287 ILE A N   1 
ATOM   34   C  CA  . ILE A 1 12  ? 2.585   16.227  -13.199 1.00 28.45 ? 287 ILE A CA  1 
ATOM   35   C  C   . ILE A 1 12  ? 1.295   16.714  -12.548 1.00 27.72 ? 287 ILE A C   1 
ATOM   36   O  O   . ILE A 1 12  ? 0.500   17.404  -13.181 1.00 27.73 ? 287 ILE A O   1 
ATOM   37   C  CB  . ILE A 1 12  ? 3.216   17.397  -13.978 1.00 29.67 ? 287 ILE A CB  1 
ATOM   38   C  CG1 . ILE A 1 12  ? 4.498   16.934  -14.667 1.00 30.33 ? 287 ILE A CG1 1 
ATOM   39   C  CG2 . ILE A 1 12  ? 3.486   18.567  -13.040 1.00 31.87 ? 287 ILE A CG2 1 
ATOM   40   C  CD1 . ILE A 1 12  ? 5.043   17.949  -15.639 1.00 35.26 ? 287 ILE A CD1 1 
ATOM   41   N  N   . PRO A 1 13  ? 1.070   16.349  -11.278 1.00 25.74 ? 288 PRO A N   1 
ATOM   42   C  CA  . PRO A 1 13  ? -0.127  16.736  -10.527 1.00 25.13 ? 288 PRO A CA  1 
ATOM   43   C  C   . PRO A 1 13  ? -0.308  18.236  -10.321 1.00 23.94 ? 288 PRO A C   1 
ATOM   44   O  O   . PRO A 1 13  ? 0.634   18.954  -9.980  1.00 21.52 ? 288 PRO A O   1 
ATOM   45   C  CB  . PRO A 1 13  ? 0.043   15.998  -9.196  1.00 26.33 ? 288 PRO A CB  1 
ATOM   46   C  CG  . PRO A 1 13  ? 0.859   14.791  -9.573  1.00 27.65 ? 288 PRO A CG  1 
ATOM   47   C  CD  . PRO A 1 13  ? 1.884   15.397  -10.502 1.00 26.40 ? 288 PRO A CD  1 
ATOM   48   N  N   . THR A 1 14  ? -1.535  18.700  -10.525 1.00 23.52 ? 289 THR A N   1 
ATOM   49   C  CA  . THR A 1 14  ? -1.863  20.103  -10.333 1.00 22.08 ? 289 THR A CA  1 
ATOM   50   C  C   . THR A 1 14  ? -1.908  20.355  -8.829  1.00 22.44 ? 289 THR A C   1 
ATOM   51   O  O   . THR A 1 14  ? -1.939  19.414  -8.036  1.00 21.21 ? 289 THR A O   1 
ATOM   52   C  CB  . THR A 1 14  ? -3.249  20.430  -10.882 1.00 22.39 ? 289 THR A CB  1 
ATOM   53   O  OG1 . THR A 1 14  ? -4.215  19.654  -10.168 1.00 22.34 ? 289 THR A OG1 1 
ATOM   54   C  CG2 . THR A 1 14  ? -3.334  20.112  -12.373 1.00 21.24 ? 289 THR A CG2 1 
ATOM   55   N  N   . LYS A 1 15  ? -1.928  21.624  -8.443  1.00 21.70 ? 290 LYS A N   1 
ATOM   56   C  CA  . LYS A 1 15  ? -1.983  21.994  -7.034  1.00 21.84 ? 290 LYS A CA  1 
ATOM   57   C  C   . LYS A 1 15  ? -3.217  21.370  -6.370  1.00 21.43 ? 290 LYS A C   1 
ATOM   58   O  O   . LYS A 1 15  ? -3.123  20.743  -5.311  1.00 17.74 ? 290 LYS A O   1 
ATOM   59   C  CB  . LYS A 1 15  ? -2.056  23.519  -6.898  1.00 25.54 ? 290 LYS A CB  1 
ATOM   60   C  CG  . LYS A 1 15  ? -2.227  24.012  -5.465  1.00 30.27 ? 290 LYS A CG  1 
ATOM   61   C  CD  . LYS A 1 15  ? -0.896  24.116  -4.734  1.00 31.89 ? 290 LYS A CD  1 
ATOM   62   C  CE  . LYS A 1 15  ? -0.095  25.328  -5.211  1.00 35.16 ? 290 LYS A CE  1 
ATOM   63   N  NZ  . LYS A 1 15  ? 1.159   25.518  -4.414  1.00 34.29 ? 290 LYS A NZ  1 
HETATM 64   N  N   . MSE A 1 16  ? -4.373  21.554  -7.001  1.00 19.36 ? 291 MSE A N   1 
HETATM 65   C  CA  . MSE A 1 16  ? -5.630  21.032  -6.475  1.00 20.62 ? 291 MSE A CA  1 
HETATM 66   C  C   . MSE A 1 16  ? -5.556  19.532  -6.205  1.00 18.29 ? 291 MSE A C   1 
HETATM 67   O  O   . MSE A 1 16  ? -6.020  19.052  -5.174  1.00 18.05 ? 291 MSE A O   1 
HETATM 68   C  CB  . MSE A 1 16  ? -6.761  21.325  -7.469  1.00 20.90 ? 291 MSE A CB  1 
HETATM 69   C  CG  . MSE A 1 16  ? -8.143  20.934  -6.993  1.00 23.59 ? 291 MSE A CG  1 
HETATM 70   SE SE  . MSE A 1 16  ? -9.482  21.655  -8.200  1.00 22.14 ? 291 MSE A SE  1 
HETATM 71   C  CE  . MSE A 1 16  ? -9.717  23.394  -7.377  1.00 27.24 ? 291 MSE A CE  1 
ATOM   72   N  N   . ARG A 1 17  ? -4.974  18.795  -7.137  1.00 16.92 ? 292 ARG A N   1 
ATOM   73   C  CA  . ARG A 1 17  ? -4.861  17.354  -6.987  1.00 18.21 ? 292 ARG A CA  1 
ATOM   74   C  C   . ARG A 1 17  ? -4.002  16.982  -5.777  1.00 16.01 ? 292 ARG A C   1 
ATOM   75   O  O   . ARG A 1 17  ? -4.376  16.122  -4.980  1.00 16.76 ? 292 ARG A O   1 
ATOM   76   C  CB  . ARG A 1 17  ? -4.285  16.754  -8.271  1.00 18.07 ? 292 ARG A CB  1 
ATOM   77   C  CG  . ARG A 1 17  ? -4.190  15.238  -8.281  1.00 17.45 ? 292 ARG A CG  1 
ATOM   78   C  CD  . ARG A 1 17  ? -3.814  14.789  -9.673  1.00 19.28 ? 292 ARG A CD  1 
ATOM   79   N  NE  . ARG A 1 17  ? -3.200  13.467  -9.714  1.00 20.83 ? 292 ARG A NE  1 
ATOM   80   C  CZ  . ARG A 1 17  ? -2.485  13.033  -10.746 1.00 23.35 ? 292 ARG A CZ  1 
ATOM   81   N  NH1 . ARG A 1 17  ? -2.307  13.817  -11.805 1.00 20.99 ? 292 ARG A NH1 1 
ATOM   82   N  NH2 . ARG A 1 17  ? -1.927  11.834  -10.718 1.00 22.22 ? 292 ARG A NH2 1 
ATOM   83   N  N   . VAL A 1 18  ? -2.858  17.637  -5.630  1.00 18.54 ? 293 VAL A N   1 
ATOM   84   C  CA  . VAL A 1 18  ? -1.960  17.364  -4.507  1.00 19.11 ? 293 VAL A CA  1 
ATOM   85   C  C   . VAL A 1 18  ? -2.614  17.741  -3.178  1.00 17.42 ? 293 VAL A C   1 
ATOM   86   O  O   . VAL A 1 18  ? -2.431  17.053  -2.170  1.00 15.80 ? 293 VAL A O   1 
ATOM   87   C  CB  . VAL A 1 18  ? -0.627  18.138  -4.666  1.00 18.88 ? 293 VAL A CB  1 
ATOM   88   C  CG1 . VAL A 1 18  ? 0.273   17.902  -3.458  1.00 21.58 ? 293 VAL A CG1 1 
ATOM   89   C  CG2 . VAL A 1 18  ? 0.078   17.685  -5.922  1.00 19.43 ? 293 VAL A CG2 1 
ATOM   90   N  N   . GLU A 1 19  ? -3.366  18.840  -3.171  1.00 18.90 ? 294 GLU A N   1 
ATOM   91   C  CA  . GLU A 1 19  ? -4.052  19.274  -1.956  1.00 19.38 ? 294 GLU A CA  1 
ATOM   92   C  C   . GLU A 1 19  ? -5.083  18.228  -1.540  1.00 20.36 ? 294 GLU A C   1 
ATOM   93   O  O   . GLU A 1 19  ? -5.308  17.995  -0.350  1.00 18.51 ? 294 GLU A O   1 
ATOM   94   C  CB  . GLU A 1 19  ? -4.765  20.612  -2.179  1.00 24.20 ? 294 GLU A CB  1 
ATOM   95   C  CG  . GLU A 1 19  ? -3.835  21.755  -2.586  1.00 33.31 ? 294 GLU A CG  1 
ATOM   96   C  CD  . GLU A 1 19  ? -4.521  23.116  -2.584  1.00 39.40 ? 294 GLU A CD  1 
ATOM   97   O  OE1 . GLU A 1 19  ? -5.594  23.250  -3.221  1.00 41.48 ? 294 GLU A OE1 1 
ATOM   98   O  OE2 . GLU A 1 19  ? -3.983  24.055  -1.946  1.00 41.91 ? 294 GLU A OE2 1 
ATOM   99   N  N   . ARG A 1 20  ? -5.700  17.606  -2.541  1.00 18.80 ? 295 ARG A N   1 
ATOM   100  C  CA  . ARG A 1 20  ? -6.725  16.592  -2.336  1.00 20.48 ? 295 ARG A CA  1 
ATOM   101  C  C   . ARG A 1 20  ? -6.174  15.351  -1.634  1.00 17.56 ? 295 ARG A C   1 
ATOM   102  O  O   . ARG A 1 20  ? -6.924  14.586  -1.025  1.00 16.89 ? 295 ARG A O   1 
ATOM   103  C  CB  . ARG A 1 20  ? -7.325  16.212  -3.693  1.00 26.30 ? 295 ARG A CB  1 
ATOM   104  C  CG  . ARG A 1 20  ? -8.776  15.744  -3.655  1.00 33.19 ? 295 ARG A CG  1 
ATOM   105  C  CD  . ARG A 1 20  ? -8.971  14.280  -4.083  1.00 38.08 ? 295 ARG A CD  1 
ATOM   106  N  NE  . ARG A 1 20  ? -8.405  13.943  -5.392  1.00 39.56 ? 295 ARG A NE  1 
ATOM   107  C  CZ  . ARG A 1 20  ? -8.558  14.664  -6.501  1.00 40.81 ? 295 ARG A CZ  1 
ATOM   108  N  NH1 . ARG A 1 20  ? -9.269  15.784  -6.480  1.00 39.89 ? 295 ARG A NH1 1 
ATOM   109  N  NH2 . ARG A 1 20  ? -7.977  14.280  -7.634  1.00 38.09 ? 295 ARG A NH2 1 
ATOM   110  N  N   . TRP A 1 21  ? -4.864  15.140  -1.717  1.00 18.23 ? 296 TRP A N   1 
ATOM   111  C  CA  . TRP A 1 21  ? -4.267  13.983  -1.054  1.00 17.15 ? 296 TRP A CA  1 
ATOM   112  C  C   . TRP A 1 21  ? -4.369  14.162  0.459   1.00 18.28 ? 296 TRP A C   1 
ATOM   113  O  O   . TRP A 1 21  ? -4.301  13.190  1.224   1.00 18.19 ? 296 TRP A O   1 
ATOM   114  C  CB  . TRP A 1 21  ? -2.795  13.829  -1.446  1.00 16.86 ? 296 TRP A CB  1 
ATOM   115  C  CG  . TRP A 1 21  ? -2.551  13.561  -2.900  1.00 17.62 ? 296 TRP A CG  1 
ATOM   116  C  CD1 . TRP A 1 21  ? -3.482  13.267  -3.857  1.00 17.41 ? 296 TRP A CD1 1 
ATOM   117  C  CD2 . TRP A 1 21  ? -1.282  13.557  -3.561  1.00 16.76 ? 296 TRP A CD2 1 
ATOM   118  N  NE1 . TRP A 1 21  ? -2.868  13.087  -5.074  1.00 19.54 ? 296 TRP A NE1 1 
ATOM   119  C  CE2 . TRP A 1 21  ? -1.519  13.257  -4.920  1.00 15.67 ? 296 TRP A CE2 1 
ATOM   120  C  CE3 . TRP A 1 21  ? 0.036   13.776  -3.132  1.00 16.43 ? 296 TRP A CE3 1 
ATOM   121  C  CZ2 . TRP A 1 21  ? -0.485  13.172  -5.860  1.00 17.72 ? 296 TRP A CZ2 1 
ATOM   122  C  CZ3 . TRP A 1 21  ? 1.065   13.692  -4.070  1.00 18.05 ? 296 TRP A CZ3 1 
ATOM   123  C  CH2 . TRP A 1 21  ? 0.794   13.392  -5.418  1.00 16.23 ? 296 TRP A CH2 1 
ATOM   124  N  N   . ALA A 1 22  ? -4.532  15.410  0.889   1.00 18.48 ? 297 ALA A N   1 
ATOM   125  C  CA  . ALA A 1 22  ? -4.633  15.716  2.310   1.00 17.56 ? 297 ALA A CA  1 
ATOM   126  C  C   . ALA A 1 22  ? -6.071  15.635  2.788   1.00 19.60 ? 297 ALA A C   1 
ATOM   127  O  O   . ALA A 1 22  ? -6.326  15.736  3.993   1.00 21.70 ? 297 ALA A O   1 
ATOM   128  C  CB  . ALA A 1 22  ? -4.063  17.117  2.595   1.00 19.55 ? 297 ALA A CB  1 
ATOM   129  N  N   . PHE A 1 23  ? -7.012  15.433  1.862   1.00 18.41 ? 298 PHE A N   1 
ATOM   130  C  CA  . PHE A 1 23  ? -8.426  15.351  2.232   1.00 18.28 ? 298 PHE A CA  1 
ATOM   131  C  C   . PHE A 1 23  ? -8.655  14.111  3.091   1.00 20.75 ? 298 PHE A C   1 
ATOM   132  O  O   . PHE A 1 23  ? -9.249  14.187  4.172   1.00 22.68 ? 298 PHE A O   1 
ATOM   133  C  CB  . PHE A 1 23  ? -9.298  15.305  0.984   1.00 20.79 ? 298 PHE A CB  1 
ATOM   134  C  CG  . PHE A 1 23  ? -10.740 15.576  1.255   1.00 21.97 ? 298 PHE A CG  1 
ATOM   135  C  CD1 . PHE A 1 23  ? -11.200 16.878  1.379   1.00 21.81 ? 298 PHE A CD1 1 
ATOM   136  C  CD2 . PHE A 1 23  ? -11.637 14.525  1.408   1.00 22.11 ? 298 PHE A CD2 1 
ATOM   137  C  CE1 . PHE A 1 23  ? -12.539 17.132  1.651   1.00 22.91 ? 298 PHE A CE1 1 
ATOM   138  C  CE2 . PHE A 1 23  ? -12.971 14.767  1.680   1.00 24.81 ? 298 PHE A CE2 1 
ATOM   139  C  CZ  . PHE A 1 23  ? -13.425 16.074  1.803   1.00 24.10 ? 298 PHE A CZ  1 
ATOM   140  N  N   . ASN A 1 24  ? -8.218  12.959  2.592   1.00 20.47 ? 299 ASN A N   1 
ATOM   141  C  CA  . ASN A 1 24  ? -8.273  11.717  3.362   1.00 20.50 ? 299 ASN A CA  1 
ATOM   142  C  C   . ASN A 1 24  ? -7.345  10.700  2.731   1.00 19.61 ? 299 ASN A C   1 
ATOM   143  O  O   . ASN A 1 24  ? -6.971  10.815  1.559   1.00 15.19 ? 299 ASN A O   1 
ATOM   144  C  CB  . ASN A 1 24  ? -9.694  11.151  3.513   1.00 24.68 ? 299 ASN A CB  1 
ATOM   145  C  CG  . ASN A 1 24  ? -10.346 10.836  2.204   1.00 25.65 ? 299 ASN A CG  1 
ATOM   146  O  OD1 . ASN A 1 24  ? -9.715  10.299  1.300   1.00 28.42 ? 299 ASN A OD1 1 
ATOM   147  N  ND2 . ASN A 1 24  ? -11.637 11.145  2.099   1.00 26.24 ? 299 ASN A ND2 1 
ATOM   148  N  N   . PHE A 1 25  ? -6.959  9.715   3.525   1.00 18.01 ? 300 PHE A N   1 
ATOM   149  C  CA  . PHE A 1 25  ? -6.024  8.697   3.087   1.00 17.62 ? 300 PHE A CA  1 
ATOM   150  C  C   . PHE A 1 25  ? -6.369  7.981   1.790   1.00 17.57 ? 300 PHE A C   1 
ATOM   151  O  O   . PHE A 1 25  ? -5.475  7.667   1.009   1.00 18.80 ? 300 PHE A O   1 
ATOM   152  C  CB  . PHE A 1 25  ? -5.819  7.677   4.211   1.00 15.41 ? 300 PHE A CB  1 
ATOM   153  C  CG  . PHE A 1 25  ? -4.687  6.717   3.968   1.00 17.82 ? 300 PHE A CG  1 
ATOM   154  C  CD1 . PHE A 1 25  ? -3.403  7.181   3.720   1.00 20.60 ? 300 PHE A CD1 1 
ATOM   155  C  CD2 . PHE A 1 25  ? -4.899  5.344   4.028   1.00 18.73 ? 300 PHE A CD2 1 
ATOM   156  C  CE1 . PHE A 1 25  ? -2.337  6.292   3.538   1.00 22.13 ? 300 PHE A CE1 1 
ATOM   157  C  CE2 . PHE A 1 25  ? -3.842  4.449   3.849   1.00 18.69 ? 300 PHE A CE2 1 
ATOM   158  C  CZ  . PHE A 1 25  ? -2.559  4.925   3.604   1.00 20.09 ? 300 PHE A CZ  1 
ATOM   159  N  N   . SER A 1 26  ? -7.648  7.716   1.546   1.00 18.52 ? 301 SER A N   1 
ATOM   160  C  CA  . SER A 1 26  ? -8.017  7.009   0.327   1.00 20.58 ? 301 SER A CA  1 
ATOM   161  C  C   . SER A 1 26  ? -7.708  7.808   -0.950  1.00 21.08 ? 301 SER A C   1 
ATOM   162  O  O   . SER A 1 26  ? -7.383  7.225   -1.987  1.00 21.32 ? 301 SER A O   1 
ATOM   163  C  CB  . SER A 1 26  ? -9.501  6.614   0.365   1.00 23.64 ? 301 SER A CB  1 
ATOM   164  O  OG  . SER A 1 26  ? -10.342 7.751   0.308   1.00 28.03 ? 301 SER A OG  1 
ATOM   165  N  N   . GLU A 1 27  ? -7.814  9.133   -0.889  1.00 20.94 ? 302 GLU A N   1 
ATOM   166  C  CA  . GLU A 1 27  ? -7.513  9.954   -2.064  1.00 21.20 ? 302 GLU A CA  1 
ATOM   167  C  C   . GLU A 1 27  ? -6.029  9.876   -2.400  1.00 20.20 ? 302 GLU A C   1 
ATOM   168  O  O   . GLU A 1 27  ? -5.652  9.854   -3.567  1.00 21.16 ? 302 GLU A O   1 
ATOM   169  C  CB  . GLU A 1 27  ? -7.899  11.420  -1.834  1.00 20.98 ? 302 GLU A CB  1 
ATOM   170  C  CG  . GLU A 1 27  ? -9.401  11.686  -1.833  1.00 27.39 ? 302 GLU A CG  1 
ATOM   171  C  CD  . GLU A 1 27  ? -10.109 11.106  -3.058  1.00 28.52 ? 302 GLU A CD  1 
ATOM   172  O  OE1 . GLU A 1 27  ? -9.640  11.333  -4.193  1.00 30.45 ? 302 GLU A OE1 1 
ATOM   173  O  OE2 . GLU A 1 27  ? -11.143 10.426  -2.884  1.00 30.64 ? 302 GLU A OE2 1 
ATOM   174  N  N   . LEU A 1 28  ? -5.184  9.846   -1.374  1.00 19.41 ? 303 LEU A N   1 
ATOM   175  C  CA  . LEU A 1 28  ? -3.744  9.753   -1.588  1.00 18.85 ? 303 LEU A CA  1 
ATOM   176  C  C   . LEU A 1 28  ? -3.365  8.381   -2.167  1.00 21.02 ? 303 LEU A C   1 
ATOM   177  O  O   . LEU A 1 28  ? -2.718  8.287   -3.219  1.00 20.41 ? 303 LEU A O   1 
ATOM   178  C  CB  . LEU A 1 28  ? -3.000  9.965   -0.257  1.00 18.00 ? 303 LEU A CB  1 
ATOM   179  C  CG  . LEU A 1 28  ? -1.497  9.649   -0.224  1.00 16.43 ? 303 LEU A CG  1 
ATOM   180  C  CD1 . LEU A 1 28  ? -0.736  10.667  -1.042  1.00 16.76 ? 303 LEU A CD1 1 
ATOM   181  C  CD2 . LEU A 1 28  ? -0.994  9.644   1.222   1.00 16.08 ? 303 LEU A CD2 1 
ATOM   182  N  N   . ILE A 1 29  ? -3.794  7.316   -1.497  1.00 20.60 ? 304 ILE A N   1 
ATOM   183  C  CA  . ILE A 1 29  ? -3.430  5.966   -1.931  1.00 23.56 ? 304 ILE A CA  1 
ATOM   184  C  C   . ILE A 1 29  ? -4.057  5.506   -3.257  1.00 23.39 ? 304 ILE A C   1 
ATOM   185  O  O   . ILE A 1 29  ? -3.480  4.675   -3.964  1.00 21.71 ? 304 ILE A O   1 
ATOM   186  C  CB  . ILE A 1 29  ? -3.720  4.938   -0.795  1.00 25.73 ? 304 ILE A CB  1 
ATOM   187  C  CG1 . ILE A 1 29  ? -2.975  3.632   -1.070  1.00 29.42 ? 304 ILE A CG1 1 
ATOM   188  C  CG2 . ILE A 1 29  ? -5.202  4.662   -0.695  1.00 27.57 ? 304 ILE A CG2 1 
ATOM   189  C  CD1 . ILE A 1 29  ? -2.740  2.802   0.176   1.00 32.07 ? 304 ILE A CD1 1 
ATOM   190  N  N   . ARG A 1 30  ? -5.210  6.077   -3.604  1.00 20.86 ? 305 ARG A N   1 
ATOM   191  C  CA  . ARG A 1 30  ? -5.905  5.742   -4.841  1.00 22.11 ? 305 ARG A CA  1 
ATOM   192  C  C   . ARG A 1 30  ? -5.418  6.602   -6.007  1.00 22.81 ? 305 ARG A C   1 
ATOM   193  O  O   . ARG A 1 30  ? -5.976  6.543   -7.097  1.00 24.72 ? 305 ARG A O   1 
ATOM   194  C  CB  . ARG A 1 30  ? -7.418  5.935   -4.680  1.00 22.97 ? 305 ARG A CB  1 
ATOM   195  C  CG  . ARG A 1 30  ? -8.068  5.047   -3.634  1.00 25.39 ? 305 ARG A CG  1 
ATOM   196  C  CD  . ARG A 1 30  ? -8.066  3.608   -4.048  1.00 27.44 ? 305 ARG A CD  1 
ATOM   197  N  NE  . ARG A 1 30  ? -8.529  2.750   -2.963  1.00 30.80 ? 305 ARG A NE  1 
ATOM   198  C  CZ  . ARG A 1 30  ? -8.560  1.426   -3.032  1.00 28.91 ? 305 ARG A CZ  1 
ATOM   199  N  NH1 . ARG A 1 30  ? -8.160  0.810   -4.136  1.00 28.04 ? 305 ARG A NH1 1 
ATOM   200  N  NH2 . ARG A 1 30  ? -8.976  0.720   -1.990  1.00 32.14 ? 305 ARG A NH2 1 
ATOM   201  N  N   . ASP A 1 31  ? -4.397  7.416   -5.770  1.00 23.25 ? 306 ASP A N   1 
ATOM   202  C  CA  . ASP A 1 31  ? -3.834  8.266   -6.815  1.00 23.91 ? 306 ASP A CA  1 
ATOM   203  C  C   . ASP A 1 31  ? -2.428  7.732   -7.097  1.00 24.31 ? 306 ASP A C   1 
ATOM   204  O  O   . ASP A 1 31  ? -1.596  7.667   -6.200  1.00 23.44 ? 306 ASP A O   1 
ATOM   205  C  CB  . ASP A 1 31  ? -3.747  9.729   -6.348  1.00 22.07 ? 306 ASP A CB  1 
ATOM   206  C  CG  . ASP A 1 31  ? -3.190  10.660  -7.430  1.00 23.69 ? 306 ASP A CG  1 
ATOM   207  O  OD1 . ASP A 1 31  ? -2.223  10.267  -8.114  1.00 24.95 ? 306 ASP A OD1 1 
ATOM   208  O  OD2 . ASP A 1 31  ? -3.707  11.790  -7.595  1.00 23.35 ? 306 ASP A OD2 1 
ATOM   209  N  N   . PRO A 1 32  ? -2.152  7.333   -8.346  1.00 25.40 ? 307 PRO A N   1 
ATOM   210  C  CA  . PRO A 1 32  ? -0.825  6.807   -8.687  1.00 24.67 ? 307 PRO A CA  1 
ATOM   211  C  C   . PRO A 1 32  ? 0.330   7.675   -8.210  1.00 23.23 ? 307 PRO A C   1 
ATOM   212  O  O   . PRO A 1 32  ? 1.283   7.163   -7.636  1.00 20.99 ? 307 PRO A O   1 
ATOM   213  C  CB  . PRO A 1 32  ? -0.886  6.685   -10.201 1.00 26.32 ? 307 PRO A CB  1 
ATOM   214  C  CG  . PRO A 1 32  ? -2.311  6.286   -10.418 1.00 29.00 ? 307 PRO A CG  1 
ATOM   215  C  CD  . PRO A 1 32  ? -3.065  7.231   -9.498  1.00 25.54 ? 307 PRO A CD  1 
ATOM   216  N  N   . LYS A 1 33  ? 0.254   8.986   -8.438  1.00 22.89 ? 308 LYS A N   1 
ATOM   217  C  CA  . LYS A 1 33  ? 1.337   9.864   -7.995  1.00 22.53 ? 308 LYS A CA  1 
ATOM   218  C  C   . LYS A 1 33  ? 1.324   10.029  -6.477  1.00 22.75 ? 308 LYS A C   1 
ATOM   219  O  O   . LYS A 1 33  ? 2.366   10.262  -5.858  1.00 18.71 ? 308 LYS A O   1 
ATOM   220  C  CB  . LYS A 1 33  ? 1.253   11.227  -8.690  1.00 25.60 ? 308 LYS A CB  1 
ATOM   221  C  CG  . LYS A 1 33  ? 1.578   11.163  -10.183 1.00 28.55 ? 308 LYS A CG  1 
ATOM   222  C  CD  . LYS A 1 33  ? 3.015   10.688  -10.408 1.00 32.69 ? 308 LYS A CD  1 
ATOM   223  C  CE  . LYS A 1 33  ? 3.241   10.236  -11.838 1.00 33.94 ? 308 LYS A CE  1 
ATOM   224  N  NZ  . LYS A 1 33  ? 4.588   9.624   -12.016 1.00 38.20 ? 308 LYS A NZ  1 
ATOM   225  N  N   . GLY A 1 34  ? 0.141   9.897   -5.878  1.00 21.64 ? 309 GLY A N   1 
ATOM   226  C  CA  . GLY A 1 34  ? 0.038   9.999   -4.433  1.00 21.43 ? 309 GLY A CA  1 
ATOM   227  C  C   . GLY A 1 34  ? 0.786   8.843   -3.785  1.00 21.64 ? 309 GLY A C   1 
ATOM   228  O  O   . GLY A 1 34  ? 1.553   9.043   -2.844  1.00 20.86 ? 309 GLY A O   1 
ATOM   229  N  N   . ARG A 1 35  ? 0.565   7.634   -4.297  1.00 23.00 ? 310 ARG A N   1 
ATOM   230  C  CA  . ARG A 1 35  ? 1.225   6.438   -3.768  1.00 23.97 ? 310 ARG A CA  1 
ATOM   231  C  C   . ARG A 1 35  ? 2.728   6.518   -3.953  1.00 23.38 ? 310 ARG A C   1 
ATOM   232  O  O   . ARG A 1 35  ? 3.502   6.155   -3.063  1.00 21.77 ? 310 ARG A O   1 
ATOM   233  C  CB  . ARG A 1 35  ? 0.723   5.175   -4.476  1.00 25.73 ? 310 ARG A CB  1 
ATOM   234  C  CG  . ARG A 1 35  ? -0.648  4.705   -4.058  1.00 29.38 ? 310 ARG A CG  1 
ATOM   235  C  CD  . ARG A 1 35  ? -0.777  3.189   -4.250  1.00 27.09 ? 310 ARG A CD  1 
ATOM   236  N  NE  . ARG A 1 35  ? -0.503  2.771   -5.626  1.00 26.69 ? 310 ARG A NE  1 
ATOM   237  C  CZ  . ARG A 1 35  ? -1.265  3.069   -6.675  1.00 28.73 ? 310 ARG A CZ  1 
ATOM   238  N  NH1 . ARG A 1 35  ? -2.366  3.796   -6.522  1.00 29.66 ? 310 ARG A NH1 1 
ATOM   239  N  NH2 . ARG A 1 35  ? -0.936  2.628   -7.883  1.00 27.61 ? 310 ARG A NH2 1 
ATOM   240  N  N   . GLN A 1 36  ? 3.133   6.993   -5.125  1.00 22.98 ? 311 GLN A N   1 
ATOM   241  C  CA  . GLN A 1 36  ? 4.542   7.137   -5.458  1.00 23.24 ? 311 GLN A CA  1 
ATOM   242  C  C   . GLN A 1 36  ? 5.231   8.055   -4.460  1.00 22.33 ? 311 GLN A C   1 
ATOM   243  O  O   . GLN A 1 36  ? 6.347   7.773   -4.008  1.00 18.60 ? 311 GLN A O   1 
ATOM   244  C  CB  . GLN A 1 36  ? 4.682   7.711   -6.873  1.00 26.01 ? 311 GLN A CB  1 
ATOM   245  C  CG  . GLN A 1 36  ? 6.117   7.884   -7.345  1.00 32.86 ? 311 GLN A CG  1 
ATOM   246  C  CD  . GLN A 1 36  ? 6.221   8.794   -8.564  1.00 35.56 ? 311 GLN A CD  1 
ATOM   247  O  OE1 . GLN A 1 36  ? 5.571   8.563   -9.583  1.00 37.38 ? 311 GLN A OE1 1 
ATOM   248  N  NE2 . GLN A 1 36  ? 7.039   9.837   -8.458  1.00 36.73 ? 311 GLN A NE2 1 
ATOM   249  N  N   . SER A 1 37  ? 4.560   9.152   -4.103  1.00 19.67 ? 312 SER A N   1 
ATOM   250  C  CA  . SER A 1 37  ? 5.128   10.109  -3.162  1.00 18.46 ? 312 SER A CA  1 
ATOM   251  C  C   . SER A 1 37  ? 5.121   9.529   -1.754  1.00 19.90 ? 312 SER A C   1 
ATOM   252  O  O   . SER A 1 37  ? 6.081   9.688   -0.991  1.00 18.81 ? 312 SER A O   1 
ATOM   253  C  CB  . SER A 1 37  ? 4.335   11.420  -3.198  1.00 18.24 ? 312 SER A CB  1 
ATOM   254  O  OG  . SER A 1 37  ? 4.904   12.391  -2.338  1.00 21.04 ? 312 SER A OG  1 
ATOM   255  N  N   . PHE A 1 38  ? 4.037   8.847   -1.416  1.00 16.69 ? 313 PHE A N   1 
ATOM   256  C  CA  . PHE A 1 38  ? 3.908   8.248   -0.102  1.00 19.66 ? 313 PHE A CA  1 
ATOM   257  C  C   . PHE A 1 38  ? 4.982   7.167   0.065   1.00 19.17 ? 313 PHE A C   1 
ATOM   258  O  O   . PHE A 1 38  ? 5.542   7.005   1.146   1.00 19.01 ? 313 PHE A O   1 
ATOM   259  C  CB  . PHE A 1 38  ? 2.501   7.658   0.064   1.00 17.64 ? 313 PHE A CB  1 
ATOM   260  C  CG  . PHE A 1 38  ? 2.166   7.267   1.476   1.00 18.29 ? 313 PHE A CG  1 
ATOM   261  C  CD1 . PHE A 1 38  ? 2.377   8.158   2.531   1.00 19.15 ? 313 PHE A CD1 1 
ATOM   262  C  CD2 . PHE A 1 38  ? 1.605   6.024   1.752   1.00 18.85 ? 313 PHE A CD2 1 
ATOM   263  C  CE1 . PHE A 1 38  ? 2.027   7.814   3.845   1.00 17.22 ? 313 PHE A CE1 1 
ATOM   264  C  CE2 . PHE A 1 38  ? 1.253   5.672   3.060   1.00 18.78 ? 313 PHE A CE2 1 
ATOM   265  C  CZ  . PHE A 1 38  ? 1.466   6.574   4.105   1.00 16.86 ? 313 PHE A CZ  1 
ATOM   266  N  N   . GLN A 1 39  ? 5.282   6.456   -1.019  1.00 21.14 ? 314 GLN A N   1 
ATOM   267  C  CA  . GLN A 1 39  ? 6.296   5.401   -0.992  1.00 21.52 ? 314 GLN A CA  1 
ATOM   268  C  C   . GLN A 1 39  ? 7.686   5.928   -0.622  1.00 22.68 ? 314 GLN A C   1 
ATOM   269  O  O   . GLN A 1 39  ? 8.417   5.265   0.117   1.00 21.50 ? 314 GLN A O   1 
ATOM   270  C  CB  . GLN A 1 39  ? 6.362   4.687   -2.346  1.00 23.94 ? 314 GLN A CB  1 
ATOM   271  C  CG  . GLN A 1 39  ? 7.365   3.538   -2.385  1.00 26.65 ? 314 GLN A CG  1 
ATOM   272  C  CD  . GLN A 1 39  ? 6.899   2.331   -1.595  1.00 28.99 ? 314 GLN A CD  1 
ATOM   273  O  OE1 . GLN A 1 39  ? 6.057   1.560   -2.058  1.00 34.96 ? 314 GLN A OE1 1 
ATOM   274  N  NE2 . GLN A 1 39  ? 7.433   2.168   -0.396  1.00 30.20 ? 314 GLN A NE2 1 
ATOM   275  N  N   . HIS A 1 40  ? 8.066   7.106   -1.128  1.00 21.06 ? 315 HIS A N   1 
ATOM   276  C  CA  . HIS A 1 40  ? 9.382   7.679   -0.796  1.00 21.31 ? 315 HIS A CA  1 
ATOM   277  C  C   . HIS A 1 40  ? 9.462   7.947   0.702   1.00 20.58 ? 315 HIS A C   1 
ATOM   278  O  O   . HIS A 1 40  ? 10.472  7.687   1.354   1.00 20.36 ? 315 HIS A O   1 
ATOM   279  C  CB  . HIS A 1 40  ? 9.609   9.009   -1.515  1.00 24.29 ? 315 HIS A CB  1 
ATOM   280  C  CG  . HIS A 1 40  ? 9.706   8.890   -3.000  1.00 26.41 ? 315 HIS A CG  1 
ATOM   281  N  ND1 . HIS A 1 40  ? 8.973   9.684   -3.857  1.00 30.22 ? 315 HIS A ND1 1 
ATOM   282  C  CD2 . HIS A 1 40  ? 10.481  8.106   -3.783  1.00 28.04 ? 315 HIS A CD2 1 
ATOM   283  C  CE1 . HIS A 1 40  ? 9.295   9.395   -5.104  1.00 29.18 ? 315 HIS A CE1 1 
ATOM   284  N  NE2 . HIS A 1 40  ? 10.209  8.441   -5.088  1.00 28.80 ? 315 HIS A NE2 1 
ATOM   285  N  N   . PHE A 1 41  ? 8.392   8.511   1.234   1.00 18.23 ? 316 PHE A N   1 
ATOM   286  C  CA  . PHE A 1 41  ? 8.321   8.819   2.647   1.00 17.97 ? 316 PHE A CA  1 
ATOM   287  C  C   . PHE A 1 41  ? 8.367   7.532   3.484   1.00 17.86 ? 316 PHE A C   1 
ATOM   288  O  O   . PHE A 1 41  ? 9.048   7.471   4.509   1.00 20.03 ? 316 PHE A O   1 
ATOM   289  C  CB  . PHE A 1 41  ? 7.027   9.575   2.926   1.00 17.44 ? 316 PHE A CB  1 
ATOM   290  C  CG  . PHE A 1 41  ? 6.779   9.812   4.367   1.00 18.01 ? 316 PHE A CG  1 
ATOM   291  C  CD1 . PHE A 1 41  ? 7.475   10.799  5.050   1.00 19.42 ? 316 PHE A CD1 1 
ATOM   292  C  CD2 . PHE A 1 41  ? 5.855   9.035   5.060   1.00 19.60 ? 316 PHE A CD2 1 
ATOM   293  C  CE1 . PHE A 1 41  ? 7.257   11.014  6.405   1.00 18.83 ? 316 PHE A CE1 1 
ATOM   294  C  CE2 . PHE A 1 41  ? 5.629   9.244   6.420   1.00 19.07 ? 316 PHE A CE2 1 
ATOM   295  C  CZ  . PHE A 1 41  ? 6.332   10.233  7.090   1.00 18.69 ? 316 PHE A CZ  1 
ATOM   296  N  N   . LEU A 1 42  ? 7.646   6.506   3.052   1.00 18.92 ? 317 LEU A N   1 
ATOM   297  C  CA  . LEU A 1 42  ? 7.644   5.236   3.794   1.00 19.30 ? 317 LEU A CA  1 
ATOM   298  C  C   . LEU A 1 42  ? 9.029   4.610   3.852   1.00 20.35 ? 317 LEU A C   1 
ATOM   299  O  O   . LEU A 1 42  ? 9.394   3.996   4.856   1.00 22.12 ? 317 LEU A O   1 
ATOM   300  C  CB  . LEU A 1 42  ? 6.667   4.239   3.173   1.00 17.17 ? 317 LEU A CB  1 
ATOM   301  C  CG  . LEU A 1 42  ? 5.183   4.548   3.416   1.00 19.51 ? 317 LEU A CG  1 
ATOM   302  C  CD1 . LEU A 1 42  ? 4.328   3.409   2.853   1.00 21.27 ? 317 LEU A CD1 1 
ATOM   303  C  CD2 . LEU A 1 42  ? 4.914   4.716   4.913   1.00 17.58 ? 317 LEU A CD2 1 
ATOM   304  N  N   . ARG A 1 43  ? 9.793   4.747   2.772   1.00 21.22 ? 318 ARG A N   1 
ATOM   305  C  CA  . ARG A 1 43  ? 11.140  4.193   2.746   1.00 23.32 ? 318 ARG A CA  1 
ATOM   306  C  C   . ARG A 1 43  ? 12.026  4.986   3.686   1.00 23.46 ? 318 ARG A C   1 
ATOM   307  O  O   . ARG A 1 43  ? 12.930  4.440   4.322   1.00 22.69 ? 318 ARG A O   1 
ATOM   308  C  CB  . ARG A 1 43  ? 11.708  4.233   1.330   1.00 24.12 ? 318 ARG A CB  1 
ATOM   309  C  CG  . ARG A 1 43  ? 11.089  3.203   0.424   1.00 23.94 ? 318 ARG A CG  1 
ATOM   310  C  CD  . ARG A 1 43  ? 11.705  3.231   -0.950  1.00 29.91 ? 318 ARG A CD  1 
ATOM   311  N  NE  . ARG A 1 43  ? 11.118  2.206   -1.802  1.00 30.59 ? 318 ARG A NE  1 
ATOM   312  C  CZ  . ARG A 1 43  ? 10.706  2.417   -3.046  1.00 30.10 ? 318 ARG A CZ  1 
ATOM   313  N  NH1 . ARG A 1 43  ? 10.818  3.623   -3.590  1.00 32.36 ? 318 ARG A NH1 1 
ATOM   314  N  NH2 . ARG A 1 43  ? 10.169  1.422   -3.739  1.00 30.14 ? 318 ARG A NH2 1 
ATOM   315  N  N   . LYS A 1 44  ? 11.757  6.282   3.773   1.00 24.25 ? 319 LYS A N   1 
ATOM   316  C  CA  . LYS A 1 44  ? 12.521  7.159   4.651   1.00 25.44 ? 319 LYS A CA  1 
ATOM   317  C  C   . LYS A 1 44  ? 12.254  6.755   6.099   1.00 26.16 ? 319 LYS A C   1 
ATOM   318  O  O   . LYS A 1 44  ? 13.148  6.818   6.943   1.00 25.47 ? 319 LYS A O   1 
ATOM   319  C  CB  . LYS A 1 44  ? 12.107  8.616   4.410   1.00 27.85 ? 319 LYS A CB  1 
ATOM   320  C  CG  . LYS A 1 44  ? 13.031  9.646   5.026   1.00 31.77 ? 319 LYS A CG  1 
ATOM   321  C  CD  . LYS A 1 44  ? 12.634  11.052  4.589   1.00 34.91 ? 319 LYS A CD  1 
ATOM   322  C  CE  . LYS A 1 44  ? 13.602  12.094  5.130   1.00 36.80 ? 319 LYS A CE  1 
ATOM   323  N  NZ  . LYS A 1 44  ? 13.214  13.470  4.713   1.00 36.58 ? 319 LYS A NZ  1 
ATOM   324  N  N   . GLU A 1 45  ? 11.026  6.314   6.373   1.00 25.86 ? 320 GLU A N   1 
ATOM   325  C  CA  . GLU A 1 45  ? 10.631  5.892   7.719   1.00 27.45 ? 320 GLU A CA  1 
ATOM   326  C  C   . GLU A 1 45  ? 10.800  4.384   7.922   1.00 26.30 ? 320 GLU A C   1 
ATOM   327  O  O   . GLU A 1 45  ? 10.274  3.829   8.877   1.00 27.22 ? 320 GLU A O   1 
ATOM   328  C  CB  . GLU A 1 45  ? 9.167   6.264   7.983   1.00 30.77 ? 320 GLU A CB  1 
ATOM   329  C  CG  . GLU A 1 45  ? 8.828   7.724   7.711   1.00 34.83 ? 320 GLU A CG  1 
ATOM   330  C  CD  . GLU A 1 45  ? 8.438   8.481   8.966   1.00 35.73 ? 320 GLU A CD  1 
ATOM   331  O  OE1 . GLU A 1 45  ? 7.545   8.004   9.704   1.00 37.11 ? 320 GLU A OE1 1 
ATOM   332  O  OE2 . GLU A 1 45  ? 9.019   9.559   9.208   1.00 37.40 ? 320 GLU A OE2 1 
ATOM   333  N  N   . PHE A 1 46  ? 11.503  3.723   7.007   1.00 24.93 ? 321 PHE A N   1 
ATOM   334  C  CA  . PHE A 1 46  ? 11.761  2.281   7.097   1.00 27.17 ? 321 PHE A CA  1 
ATOM   335  C  C   . PHE A 1 46  ? 10.573  1.307   7.040   1.00 28.32 ? 321 PHE A C   1 
ATOM   336  O  O   . PHE A 1 46  ? 10.641  0.209   7.594   1.00 28.03 ? 321 PHE A O   1 
ATOM   337  C  CB  . PHE A 1 46  ? 12.576  1.989   8.360   1.00 26.25 ? 321 PHE A CB  1 
ATOM   338  C  CG  . PHE A 1 46  ? 13.750  2.898   8.530   1.00 26.48 ? 321 PHE A CG  1 
ATOM   339  C  CD1 . PHE A 1 46  ? 13.681  3.987   9.389   1.00 25.98 ? 321 PHE A CD1 1 
ATOM   340  C  CD2 . PHE A 1 46  ? 14.904  2.705   7.780   1.00 26.57 ? 321 PHE A CD2 1 
ATOM   341  C  CE1 . PHE A 1 46  ? 14.748  4.878   9.499   1.00 28.56 ? 321 PHE A CE1 1 
ATOM   342  C  CE2 . PHE A 1 46  ? 15.975  3.585   7.878   1.00 27.60 ? 321 PHE A CE2 1 
ATOM   343  C  CZ  . PHE A 1 46  ? 15.899  4.676   8.738   1.00 26.45 ? 321 PHE A CZ  1 
ATOM   344  N  N   . SER A 1 47  ? 9.486   1.688   6.382   1.00 29.56 ? 322 SER A N   1 
ATOM   345  C  CA  . SER A 1 47  ? 8.355   0.776   6.274   1.00 30.98 ? 322 SER A CA  1 
ATOM   346  C  C   . SER A 1 47  ? 7.883   0.734   4.823   1.00 30.42 ? 322 SER A C   1 
ATOM   347  O  O   . SER A 1 47  ? 6.685   0.697   4.542   1.00 29.32 ? 322 SER A O   1 
ATOM   348  C  CB  . SER A 1 47  ? 7.213   1.209   7.203   1.00 32.09 ? 322 SER A CB  1 
ATOM   349  O  OG  . SER A 1 47  ? 6.742   2.509   6.886   1.00 40.06 ? 322 SER A OG  1 
ATOM   350  N  N   . GLY A 1 48  ? 8.847   0.716   3.909   1.00 28.64 ? 323 GLY A N   1 
ATOM   351  C  CA  . GLY A 1 48  ? 8.537   0.704   2.491   1.00 29.90 ? 323 GLY A CA  1 
ATOM   352  C  C   . GLY A 1 48  ? 7.757   -0.486  1.958   1.00 30.55 ? 323 GLY A C   1 
ATOM   353  O  O   . GLY A 1 48  ? 6.835   -0.312  1.139   1.00 32.01 ? 323 GLY A O   1 
ATOM   354  N  N   . GLU A 1 49  ? 8.101   -1.685  2.419   1.00 26.24 ? 324 GLU A N   1 
ATOM   355  C  CA  . GLU A 1 49  ? 7.438   -2.900  1.951   1.00 26.12 ? 324 GLU A CA  1 
ATOM   356  C  C   . GLU A 1 49  ? 5.931   -2.940  2.201   1.00 25.31 ? 324 GLU A C   1 
ATOM   357  O  O   . GLU A 1 49  ? 5.209   -3.674  1.524   1.00 24.78 ? 324 GLU A O   1 
ATOM   358  C  CB  . GLU A 1 49  ? 8.093   -4.130  2.582   1.00 28.52 ? 324 GLU A CB  1 
ATOM   359  C  CG  . GLU A 1 49  ? 9.597   -4.232  2.336   1.00 31.94 ? 324 GLU A CG  1 
ATOM   360  C  CD  . GLU A 1 49  ? 9.960   -4.363  0.860   1.00 35.01 ? 324 GLU A CD  1 
ATOM   361  O  OE1 . GLU A 1 49  ? 9.062   -4.265  -0.008  1.00 38.13 ? 324 GLU A OE1 1 
ATOM   362  O  OE2 . GLU A 1 49  ? 11.158  -4.559  0.568   1.00 37.63 ? 324 GLU A OE2 1 
ATOM   363  N  N   . ASN A 1 50  ? 5.458   -2.163  3.171   1.00 23.00 ? 325 ASN A N   1 
ATOM   364  C  CA  . ASN A 1 50  ? 4.032   -2.124  3.492   1.00 23.89 ? 325 ASN A CA  1 
ATOM   365  C  C   . ASN A 1 50  ? 3.182   -1.778  2.270   1.00 24.01 ? 325 ASN A C   1 
ATOM   366  O  O   . ASN A 1 50  ? 2.132   -2.378  2.040   1.00 21.44 ? 325 ASN A O   1 
ATOM   367  C  CB  . ASN A 1 50  ? 3.758   -1.082  4.583   1.00 26.25 ? 325 ASN A CB  1 
ATOM   368  C  CG  . ASN A 1 50  ? 4.077   -1.578  5.979   1.00 27.45 ? 325 ASN A CG  1 
ATOM   369  O  OD1 . ASN A 1 50  ? 4.147   -0.785  6.921   1.00 30.99 ? 325 ASN A OD1 1 
ATOM   370  N  ND2 . ASN A 1 50  ? 4.254   -2.883  6.129   1.00 29.91 ? 325 ASN A ND2 1 
ATOM   371  N  N   . LEU A 1 51  ? 3.640   -0.807  1.487   1.00 22.27 ? 326 LEU A N   1 
ATOM   372  C  CA  . LEU A 1 51  ? 2.899   -0.373  0.313   1.00 24.81 ? 326 LEU A CA  1 
ATOM   373  C  C   . LEU A 1 51  ? 3.064   -1.363  -0.842  1.00 25.02 ? 326 LEU A C   1 
ATOM   374  O  O   . LEU A 1 51  ? 2.155   -1.536  -1.648  1.00 24.00 ? 326 LEU A O   1 
ATOM   375  C  CB  . LEU A 1 51  ? 3.353   1.042   -0.090  1.00 25.66 ? 326 LEU A CB  1 
ATOM   376  C  CG  . LEU A 1 51  ? 2.472   1.905   -1.000  1.00 27.39 ? 326 LEU A CG  1 
ATOM   377  C  CD1 . LEU A 1 51  ? 1.032   1.912   -0.496  1.00 28.40 ? 326 LEU A CD1 1 
ATOM   378  C  CD2 . LEU A 1 51  ? 3.022   3.324   -1.035  1.00 26.20 ? 326 LEU A CD2 1 
ATOM   379  N  N   . GLY A 1 52  ? 4.223   -2.013  -0.925  1.00 23.95 ? 327 GLY A N   1 
ATOM   380  C  CA  . GLY A 1 52  ? 4.431   -2.998  -1.979  1.00 22.04 ? 327 GLY A CA  1 
ATOM   381  C  C   . GLY A 1 52  ? 3.455   -4.148  -1.771  1.00 19.74 ? 327 GLY A C   1 
ATOM   382  O  O   . GLY A 1 52  ? 2.852   -4.654  -2.714  1.00 19.64 ? 327 GLY A O   1 
ATOM   383  N  N   . PHE A 1 53  ? 3.303   -4.551  -0.513  1.00 19.33 ? 328 PHE A N   1 
ATOM   384  C  CA  . PHE A 1 53  ? 2.389   -5.626  -0.133  1.00 18.75 ? 328 PHE A CA  1 
ATOM   385  C  C   . PHE A 1 53  ? 0.953   -5.234  -0.446  1.00 18.08 ? 328 PHE A C   1 
ATOM   386  O  O   . PHE A 1 53  ? 0.205   -6.011  -1.033  1.00 16.43 ? 328 PHE A O   1 
ATOM   387  C  CB  . PHE A 1 53  ? 2.508   -5.908  1.361   1.00 15.93 ? 328 PHE A CB  1 
ATOM   388  C  CG  . PHE A 1 53  ? 1.489   -6.877  1.878   1.00 17.06 ? 328 PHE A CG  1 
ATOM   389  C  CD1 . PHE A 1 53  ? 1.542   -8.222  1.520   1.00 15.00 ? 328 PHE A CD1 1 
ATOM   390  C  CD2 . PHE A 1 53  ? 0.475   -6.448  2.731   1.00 16.71 ? 328 PHE A CD2 1 
ATOM   391  C  CE1 . PHE A 1 53  ? 0.599   -9.120  2.013   1.00 18.10 ? 328 PHE A CE1 1 
ATOM   392  C  CE2 . PHE A 1 53  ? -0.469  -7.341  3.229   1.00 16.84 ? 328 PHE A CE2 1 
ATOM   393  C  CZ  . PHE A 1 53  ? -0.410  -8.669  2.876   1.00 16.27 ? 328 PHE A CZ  1 
ATOM   394  N  N   . TRP A 1 54  ? 0.565   -4.026  -0.047  1.00 19.08 ? 329 TRP A N   1 
ATOM   395  C  CA  . TRP A 1 54  ? -0.799  -3.570  -0.303  1.00 19.34 ? 329 TRP A CA  1 
ATOM   396  C  C   . TRP A 1 54  ? -1.128  -3.657  -1.795  1.00 19.96 ? 329 TRP A C   1 
ATOM   397  O  O   . TRP A 1 54  ? -2.190  -4.152  -2.173  1.00 19.05 ? 329 TRP A O   1 
ATOM   398  C  CB  . TRP A 1 54  ? -0.986  -2.128  0.187   1.00 19.85 ? 329 TRP A CB  1 
ATOM   399  C  CG  . TRP A 1 54  ? -2.396  -1.642  0.051   1.00 19.13 ? 329 TRP A CG  1 
ATOM   400  C  CD1 . TRP A 1 54  ? -3.417  -1.823  0.939   1.00 20.32 ? 329 TRP A CD1 1 
ATOM   401  C  CD2 . TRP A 1 54  ? -2.953  -0.931  -1.064  1.00 20.26 ? 329 TRP A CD2 1 
ATOM   402  N  NE1 . TRP A 1 54  ? -4.578  -1.263  0.446   1.00 19.90 ? 329 TRP A NE1 1 
ATOM   403  C  CE2 . TRP A 1 54  ? -4.319  -0.713  -0.782  1.00 19.76 ? 329 TRP A CE2 1 
ATOM   404  C  CE3 . TRP A 1 54  ? -2.428  -0.458  -2.276  1.00 20.76 ? 329 TRP A CE3 1 
ATOM   405  C  CZ2 . TRP A 1 54  ? -5.171  -0.040  -1.668  1.00 23.24 ? 329 TRP A CZ2 1 
ATOM   406  C  CZ3 . TRP A 1 54  ? -3.275  0.213   -3.159  1.00 22.50 ? 329 TRP A CZ3 1 
ATOM   407  C  CH2 . TRP A 1 54  ? -4.632  0.414   -2.849  1.00 20.94 ? 329 TRP A CH2 1 
ATOM   408  N  N   . GLU A 1 55  ? -0.214  -3.188  -2.642  1.00 20.65 ? 330 GLU A N   1 
ATOM   409  C  CA  . GLU A 1 55  ? -0.431  -3.225  -4.087  1.00 20.60 ? 330 GLU A CA  1 
ATOM   410  C  C   . GLU A 1 55  ? -0.522  -4.645  -4.655  1.00 20.50 ? 330 GLU A C   1 
ATOM   411  O  O   . GLU A 1 55  ? -1.314  -4.912  -5.568  1.00 16.97 ? 330 GLU A O   1 
ATOM   412  C  CB  . GLU A 1 55  ? 0.681   -2.450  -4.804  1.00 22.35 ? 330 GLU A CB  1 
ATOM   413  C  CG  . GLU A 1 55  ? 0.774   -0.982  -4.379  1.00 26.26 ? 330 GLU A CG  1 
ATOM   414  C  CD  . GLU A 1 55  ? 1.804   -0.201  -5.179  1.00 31.15 ? 330 GLU A CD  1 
ATOM   415  O  OE1 . GLU A 1 55  ? 2.920   -0.723  -5.364  1.00 31.26 ? 330 GLU A OE1 1 
ATOM   416  O  OE2 . GLU A 1 55  ? 1.504   0.933   -5.616  1.00 31.67 ? 330 GLU A OE2 1 
ATOM   417  N  N   . ALA A 1 56  ? 0.282   -5.561  -4.119  1.00 19.36 ? 331 ALA A N   1 
ATOM   418  C  CA  . ALA A 1 56  ? 0.252   -6.945  -4.600  1.00 17.83 ? 331 ALA A CA  1 
ATOM   419  C  C   . ALA A 1 56  ? -1.107  -7.543  -4.262  1.00 19.52 ? 331 ALA A C   1 
ATOM   420  O  O   . ALA A 1 56  ? -1.681  -8.285  -5.054  1.00 20.40 ? 331 ALA A O   1 
ATOM   421  C  CB  . ALA A 1 56  ? 1.359   -7.762  -3.941  1.00 17.64 ? 331 ALA A CB  1 
ATOM   422  N  N   . CYS A 1 57  ? -1.622  -7.214  -3.081  1.00 19.37 ? 332 CYS A N   1 
ATOM   423  C  CA  . CYS A 1 57  ? -2.923  -7.721  -2.652  1.00 21.36 ? 332 CYS A CA  1 
ATOM   424  C  C   . CYS A 1 57  ? -4.053  -7.114  -3.480  1.00 21.78 ? 332 CYS A C   1 
ATOM   425  O  O   . CYS A 1 57  ? -5.050  -7.787  -3.766  1.00 21.67 ? 332 CYS A O   1 
ATOM   426  C  CB  . CYS A 1 57  ? -3.150  -7.421  -1.166  1.00 21.08 ? 332 CYS A CB  1 
ATOM   427  S  SG  . CYS A 1 57  ? -2.120  -8.404  -0.035  1.00 24.02 ? 332 CYS A SG  1 
ATOM   428  N  N   . GLU A 1 58  ? -3.903  -5.849  -3.865  1.00 21.82 ? 333 GLU A N   1 
ATOM   429  C  CA  . GLU A 1 58  ? -4.932  -5.194  -4.668  1.00 24.40 ? 333 GLU A CA  1 
ATOM   430  C  C   . GLU A 1 58  ? -4.973  -5.908  -6.015  1.00 25.17 ? 333 GLU A C   1 
ATOM   431  O  O   . GLU A 1 58  ? -6.046  -6.176  -6.557  1.00 24.38 ? 333 GLU A O   1 
ATOM   432  C  CB  . GLU A 1 58  ? -4.605  -3.708  -4.859  1.00 24.57 ? 333 GLU A CB  1 
ATOM   433  C  CG  . GLU A 1 58  ? -5.743  -2.875  -5.447  1.00 23.73 ? 333 GLU A CG  1 
ATOM   434  C  CD  . GLU A 1 58  ? -6.880  -2.605  -4.464  1.00 23.83 ? 333 GLU A CD  1 
ATOM   435  O  OE1 . GLU A 1 58  ? -6.907  -3.203  -3.361  1.00 22.20 ? 333 GLU A OE1 1 
ATOM   436  O  OE2 . GLU A 1 58  ? -7.767  -1.790  -4.806  1.00 24.34 ? 333 GLU A OE2 1 
ATOM   437  N  N   . ASP A 1 59  ? -3.796  -6.231  -6.545  1.00 25.93 ? 334 ASP A N   1 
ATOM   438  C  CA  . ASP A 1 59  ? -3.698  -6.938  -7.816  1.00 28.58 ? 334 ASP A CA  1 
ATOM   439  C  C   . ASP A 1 59  ? -4.320  -8.335  -7.696  1.00 28.99 ? 334 ASP A C   1 
ATOM   440  O  O   . ASP A 1 59  ? -5.028  -8.784  -8.589  1.00 29.47 ? 334 ASP A O   1 
ATOM   441  C  CB  . ASP A 1 59  ? -2.234  -7.053  -8.237  1.00 30.05 ? 334 ASP A CB  1 
ATOM   442  C  CG  . ASP A 1 59  ? -2.044  -7.965  -9.432  1.00 35.81 ? 334 ASP A CG  1 
ATOM   443  O  OD1 . ASP A 1 59  ? -2.488  -7.594  -10.542 1.00 35.63 ? 334 ASP A OD1 1 
ATOM   444  O  OD2 . ASP A 1 59  ? -1.454  -9.059  -9.257  1.00 36.30 ? 334 ASP A OD2 1 
ATOM   445  N  N   . LEU A 1 60  ? -4.054  -9.025  -6.591  1.00 29.23 ? 335 LEU A N   1 
ATOM   446  C  CA  . LEU A 1 60  ? -4.621  -10.355 -6.388  1.00 30.27 ? 335 LEU A CA  1 
ATOM   447  C  C   . LEU A 1 60  ? -6.146  -10.278 -6.454  1.00 32.07 ? 335 LEU A C   1 
ATOM   448  O  O   . LEU A 1 60  ? -6.798  -11.079 -7.125  1.00 30.85 ? 335 LEU A O   1 
ATOM   449  C  CB  . LEU A 1 60  ? -4.220  -10.914 -5.023  1.00 30.55 ? 335 LEU A CB  1 
ATOM   450  C  CG  . LEU A 1 60  ? -4.812  -12.282 -4.668  1.00 30.79 ? 335 LEU A CG  1 
ATOM   451  C  CD1 . LEU A 1 60  ? -4.220  -13.350 -5.587  1.00 33.18 ? 335 LEU A CD1 1 
ATOM   452  C  CD2 . LEU A 1 60  ? -4.518  -12.610 -3.210  1.00 30.66 ? 335 LEU A CD2 1 
ATOM   453  N  N   . LYS A 1 61  ? -6.708  -9.305  -5.747  1.00 33.50 ? 336 LYS A N   1 
ATOM   454  C  CA  . LYS A 1 61  ? -8.154  -9.127  -5.721  1.00 36.75 ? 336 LYS A CA  1 
ATOM   455  C  C   . LYS A 1 61  ? -8.757  -8.834  -7.088  1.00 38.34 ? 336 LYS A C   1 
ATOM   456  O  O   . LYS A 1 61  ? -9.586  -9.601  -7.584  1.00 38.58 ? 336 LYS A O   1 
ATOM   457  C  CB  . LYS A 1 61  ? -8.539  -7.998  -4.761  1.00 35.79 ? 336 LYS A CB  1 
ATOM   458  C  CG  . LYS A 1 61  ? -9.041  -8.471  -3.414  1.00 37.45 ? 336 LYS A CG  1 
ATOM   459  C  CD  . LYS A 1 61  ? -9.780  -7.363  -2.675  1.00 36.39 ? 336 LYS A CD  1 
ATOM   460  C  CE  . LYS A 1 61  ? -8.893  -6.154  -2.425  1.00 38.81 ? 336 LYS A CE  1 
ATOM   461  N  NZ  . LYS A 1 61  ? -9.570  -5.147  -1.565  1.00 37.48 ? 336 LYS A NZ  1 
ATOM   462  N  N   . TYR A 1 62  ? -8.347  -7.723  -7.693  1.00 39.86 ? 337 TYR A N   1 
ATOM   463  C  CA  . TYR A 1 62  ? -8.882  -7.327  -8.991  1.00 41.84 ? 337 TYR A CA  1 
ATOM   464  C  C   . TYR A 1 62  ? -7.890  -7.499  -10.138 1.00 44.07 ? 337 TYR A C   1 
ATOM   465  O  O   . TYR A 1 62  ? -7.551  -6.536  -10.825 1.00 45.61 ? 337 TYR A O   1 
ATOM   466  C  CB  . TYR A 1 62  ? -9.344  -5.866  -8.953  1.00 42.30 ? 337 TYR A CB  1 
ATOM   467  C  CG  . TYR A 1 62  ? -10.050 -5.443  -7.682  1.00 43.93 ? 337 TYR A CG  1 
ATOM   468  C  CD1 . TYR A 1 62  ? -9.328  -5.000  -6.572  1.00 44.09 ? 337 TYR A CD1 1 
ATOM   469  C  CD2 . TYR A 1 62  ? -11.443 -5.459  -7.596  1.00 44.58 ? 337 TYR A CD2 1 
ATOM   470  C  CE1 . TYR A 1 62  ? -9.976  -4.578  -5.409  1.00 43.37 ? 337 TYR A CE1 1 
ATOM   471  C  CE2 . TYR A 1 62  ? -12.099 -5.041  -6.437  1.00 43.88 ? 337 TYR A CE2 1 
ATOM   472  C  CZ  . TYR A 1 62  ? -11.360 -4.599  -5.351  1.00 44.03 ? 337 TYR A CZ  1 
ATOM   473  O  OH  . TYR A 1 62  ? -12.009 -4.169  -4.216  1.00 44.20 ? 337 TYR A OH  1 
ATOM   474  N  N   . GLY A 1 63  ? -7.424  -8.723  -10.347 1.00 45.37 ? 338 GLY A N   1 
ATOM   475  C  CA  . GLY A 1 63  ? -6.489  -8.977  -11.425 1.00 46.49 ? 338 GLY A CA  1 
ATOM   476  C  C   . GLY A 1 63  ? -6.777  -10.324 -12.054 1.00 47.21 ? 338 GLY A C   1 
ATOM   477  O  O   . GLY A 1 63  ? -7.714  -11.008 -11.636 1.00 47.54 ? 338 GLY A O   1 
ATOM   478  N  N   . ASP A 1 64  ? -5.983  -10.701 -13.054 1.00 48.70 ? 339 ASP A N   1 
ATOM   479  C  CA  . ASP A 1 64  ? -6.151  -11.983 -13.733 1.00 49.56 ? 339 ASP A CA  1 
ATOM   480  C  C   . ASP A 1 64  ? -6.557  -13.017 -12.688 1.00 49.40 ? 339 ASP A C   1 
ATOM   481  O  O   . ASP A 1 64  ? -5.767  -13.371 -11.812 1.00 50.25 ? 339 ASP A O   1 
ATOM   482  C  CB  . ASP A 1 64  ? -4.838  -12.404 -14.391 1.00 51.37 ? 339 ASP A CB  1 
ATOM   483  C  CG  . ASP A 1 64  ? -4.990  -13.643 -15.248 1.00 53.76 ? 339 ASP A CG  1 
ATOM   484  O  OD1 . ASP A 1 64  ? -5.721  -14.571 -14.830 1.00 55.05 ? 339 ASP A OD1 1 
ATOM   485  O  OD2 . ASP A 1 64  ? -4.370  -13.693 -16.332 1.00 55.08 ? 339 ASP A OD2 1 
ATOM   486  N  N   . GLN A 1 65  ? -7.790  -13.500 -12.789 1.00 48.22 ? 340 GLN A N   1 
ATOM   487  C  CA  . GLN A 1 65  ? -8.325  -14.454 -11.826 1.00 48.42 ? 340 GLN A CA  1 
ATOM   488  C  C   . GLN A 1 65  ? -7.978  -15.924 -12.071 1.00 47.43 ? 340 GLN A C   1 
ATOM   489  O  O   . GLN A 1 65  ? -8.351  -16.789 -11.277 1.00 47.16 ? 340 GLN A O   1 
ATOM   490  C  CB  . GLN A 1 65  ? -9.844  -14.286 -11.757 1.00 49.40 ? 340 GLN A CB  1 
ATOM   491  C  CG  . GLN A 1 65  ? -10.436 -14.371 -10.355 1.00 51.25 ? 340 GLN A CG  1 
ATOM   492  C  CD  . GLN A 1 65  ? -9.741  -13.446 -9.373  1.00 51.07 ? 340 GLN A CD  1 
ATOM   493  O  OE1 . GLN A 1 65  ? -8.765  -13.827 -8.731  1.00 52.67 ? 340 GLN A OE1 1 
ATOM   494  N  NE2 . GLN A 1 65  ? -10.232 -12.219 -9.263  1.00 50.74 ? 340 GLN A NE2 1 
ATOM   495  N  N   . SER A 1 66  ? -7.259  -16.213 -13.151 1.00 46.78 ? 341 SER A N   1 
ATOM   496  C  CA  . SER A 1 66  ? -6.896  -17.596 -13.457 1.00 46.78 ? 341 SER A CA  1 
ATOM   497  C  C   . SER A 1 66  ? -5.645  -18.037 -12.708 1.00 47.33 ? 341 SER A C   1 
ATOM   498  O  O   . SER A 1 66  ? -5.328  -19.225 -12.659 1.00 47.47 ? 341 SER A O   1 
ATOM   499  C  CB  . SER A 1 66  ? -6.653  -17.763 -14.957 1.00 46.54 ? 341 SER A CB  1 
ATOM   500  O  OG  . SER A 1 66  ? -5.474  -17.087 -15.346 1.00 45.05 ? 341 SER A OG  1 
ATOM   501  N  N   . LYS A 1 67  ? -4.943  -17.075 -12.124 1.00 47.48 ? 342 LYS A N   1 
ATOM   502  C  CA  . LYS A 1 67  ? -3.714  -17.351 -11.388 1.00 47.98 ? 342 LYS A CA  1 
ATOM   503  C  C   . LYS A 1 67  ? -3.812  -16.922 -9.922  1.00 47.36 ? 342 LYS A C   1 
ATOM   504  O  O   . LYS A 1 67  ? -2.793  -16.774 -9.246  1.00 46.87 ? 342 LYS A O   1 
ATOM   505  C  CB  . LYS A 1 67  ? -2.558  -16.608 -12.056 1.00 48.80 ? 342 LYS A CB  1 
ATOM   506  C  CG  . LYS A 1 67  ? -2.791  -15.106 -12.135 1.00 49.36 ? 342 LYS A CG  1 
ATOM   507  C  CD  . LYS A 1 67  ? -1.840  -14.416 -13.103 1.00 50.57 ? 342 LYS A CD  1 
ATOM   508  C  CE  . LYS A 1 67  ? -2.068  -14.892 -14.529 1.00 51.27 ? 342 LYS A CE  1 
ATOM   509  N  NZ  . LYS A 1 67  ? -1.465  -13.972 -15.535 1.00 51.89 ? 342 LYS A NZ  1 
ATOM   510  N  N   . VAL A 1 68  ? -5.036  -16.725 -9.437  1.00 46.27 ? 343 VAL A N   1 
ATOM   511  C  CA  . VAL A 1 68  ? -5.258  -16.291 -8.060  1.00 44.92 ? 343 VAL A CA  1 
ATOM   512  C  C   . VAL A 1 68  ? -4.618  -17.220 -7.027  1.00 43.82 ? 343 VAL A C   1 
ATOM   513  O  O   . VAL A 1 68  ? -3.850  -16.776 -6.172  1.00 42.53 ? 343 VAL A O   1 
ATOM   514  C  CB  . VAL A 1 68  ? -6.779  -16.144 -7.762  1.00 45.17 ? 343 VAL A CB  1 
ATOM   515  C  CG1 . VAL A 1 68  ? -7.488  -17.474 -7.971  1.00 44.49 ? 343 VAL A CG1 1 
ATOM   516  C  CG2 . VAL A 1 68  ? -6.990  -15.630 -6.344  1.00 44.56 ? 343 VAL A CG2 1 
ATOM   517  N  N   . LYS A 1 69  ? -4.933  -18.507 -7.117  1.00 42.83 ? 344 LYS A N   1 
ATOM   518  C  CA  . LYS A 1 69  ? -4.395  -19.511 -6.205  1.00 43.27 ? 344 LYS A CA  1 
ATOM   519  C  C   . LYS A 1 69  ? -2.868  -19.443 -6.130  1.00 42.51 ? 344 LYS A C   1 
ATOM   520  O  O   . LYS A 1 69  ? -2.278  -19.520 -5.049  1.00 41.99 ? 344 LYS A O   1 
ATOM   521  C  CB  . LYS A 1 69  ? -4.838  -20.898 -6.669  1.00 44.65 ? 344 LYS A CB  1 
ATOM   522  C  CG  . LYS A 1 69  ? -3.821  -21.999 -6.455  1.00 46.22 ? 344 LYS A CG  1 
ATOM   523  C  CD  . LYS A 1 69  ? -3.715  -22.418 -5.006  1.00 46.21 ? 344 LYS A CD  1 
ATOM   524  C  CE  . LYS A 1 69  ? -2.726  -23.555 -4.878  1.00 45.94 ? 344 LYS A CE  1 
ATOM   525  N  NZ  . LYS A 1 69  ? -2.962  -24.581 -5.931  1.00 47.61 ? 344 LYS A NZ  1 
ATOM   526  N  N   . GLU A 1 70  ? -2.238  -19.297 -7.290  1.00 41.45 ? 345 GLU A N   1 
ATOM   527  C  CA  . GLU A 1 70  ? -0.789  -19.216 -7.367  1.00 40.46 ? 345 GLU A CA  1 
ATOM   528  C  C   . GLU A 1 70  ? -0.261  -17.914 -6.788  1.00 38.13 ? 345 GLU A C   1 
ATOM   529  O  O   . GLU A 1 70  ? 0.668   -17.923 -5.981  1.00 36.33 ? 345 GLU A O   1 
ATOM   530  C  CB  . GLU A 1 70  ? -0.337  -19.354 -8.822  1.00 42.37 ? 345 GLU A CB  1 
ATOM   531  C  CG  . GLU A 1 70  ? 0.414   -20.641 -9.124  1.00 46.68 ? 345 GLU A CG  1 
ATOM   532  C  CD  . GLU A 1 70  ? -0.224  -21.864 -8.479  1.00 49.07 ? 345 GLU A CD  1 
ATOM   533  O  OE1 . GLU A 1 70  ? -0.056  -22.049 -7.254  1.00 51.27 ? 345 GLU A OE1 1 
ATOM   534  O  OE2 . GLU A 1 70  ? -0.901  -22.635 -9.195  1.00 51.02 ? 345 GLU A OE2 1 
ATOM   535  N  N   . LYS A 1 71  ? -0.860  -16.797 -7.194  1.00 35.38 ? 346 LYS A N   1 
ATOM   536  C  CA  . LYS A 1 71  ? -0.420  -15.490 -6.724  1.00 33.45 ? 346 LYS A CA  1 
ATOM   537  C  C   . LYS A 1 71  ? -0.542  -15.287 -5.217  1.00 30.61 ? 346 LYS A C   1 
ATOM   538  O  O   . LYS A 1 71  ? 0.315   -14.653 -4.608  1.00 29.03 ? 346 LYS A O   1 
ATOM   539  C  CB  . LYS A 1 71  ? -1.163  -14.377 -7.468  1.00 35.09 ? 346 LYS A CB  1 
ATOM   540  C  CG  . LYS A 1 71  ? -0.873  -14.376 -8.966  1.00 37.85 ? 346 LYS A CG  1 
ATOM   541  C  CD  . LYS A 1 71  ? -1.013  -12.995 -9.591  1.00 39.86 ? 346 LYS A CD  1 
ATOM   542  C  CE  . LYS A 1 71  ? -2.441  -12.494 -9.561  1.00 40.11 ? 346 LYS A CE  1 
ATOM   543  N  NZ  . LYS A 1 71  ? -2.578  -11.267 -10.396 1.00 40.94 ? 346 LYS A NZ  1 
ATOM   544  N  N   . ALA A 1 72  ? -1.592  -15.832 -4.615  1.00 27.10 ? 347 ALA A N   1 
ATOM   545  C  CA  . ALA A 1 72  ? -1.783  -15.686 -3.179  1.00 26.96 ? 347 ALA A CA  1 
ATOM   546  C  C   . ALA A 1 72  ? -0.618  -16.318 -2.419  1.00 27.17 ? 347 ALA A C   1 
ATOM   547  O  O   . ALA A 1 72  ? -0.093  -15.737 -1.465  1.00 24.27 ? 347 ALA A O   1 
ATOM   548  C  CB  . ALA A 1 72  ? -3.104  -16.329 -2.755  1.00 26.31 ? 347 ALA A CB  1 
ATOM   549  N  N   . GLU A 1 73  ? -0.214  -17.512 -2.838  1.00 27.18 ? 348 GLU A N   1 
ATOM   550  C  CA  . GLU A 1 73  ? 0.894   -18.193 -2.175  1.00 30.28 ? 348 GLU A CA  1 
ATOM   551  C  C   . GLU A 1 73  ? 2.204   -17.441 -2.382  1.00 27.80 ? 348 GLU A C   1 
ATOM   552  O  O   . GLU A 1 73  ? 3.026   -17.353 -1.477  1.00 30.04 ? 348 GLU A O   1 
ATOM   553  C  CB  . GLU A 1 73  ? 1.031   -19.619 -2.709  1.00 32.84 ? 348 GLU A CB  1 
ATOM   554  C  CG  . GLU A 1 73  ? -0.148  -20.513 -2.379  1.00 38.79 ? 348 GLU A CG  1 
ATOM   555  C  CD  . GLU A 1 73  ? -0.114  -21.824 -3.143  1.00 40.85 ? 348 GLU A CD  1 
ATOM   556  O  OE1 . GLU A 1 73  ? -0.952  -22.703 -2.847  1.00 42.62 ? 348 GLU A OE1 1 
ATOM   557  O  OE2 . GLU A 1 73  ? 0.746   -21.974 -4.040  1.00 42.60 ? 348 GLU A OE2 1 
ATOM   558  N  N   . GLU A 1 74  ? 2.393   -16.902 -3.580  1.00 27.03 ? 349 GLU A N   1 
ATOM   559  C  CA  . GLU A 1 74  ? 3.607   -16.156 -3.901  1.00 25.88 ? 349 GLU A CA  1 
ATOM   560  C  C   . GLU A 1 74  ? 3.723   -14.911 -3.015  1.00 23.13 ? 349 GLU A C   1 
ATOM   561  O  O   . GLU A 1 74  ? 4.792   -14.597 -2.488  1.00 20.38 ? 349 GLU A O   1 
ATOM   562  C  CB  . GLU A 1 74  ? 3.579   -15.735 -5.367  1.00 29.25 ? 349 GLU A CB  1 
ATOM   563  C  CG  . GLU A 1 74  ? 4.858   -15.077 -5.852  1.00 36.17 ? 349 GLU A CG  1 
ATOM   564  C  CD  . GLU A 1 74  ? 4.687   -14.423 -7.209  1.00 40.27 ? 349 GLU A CD  1 
ATOM   565  O  OE1 . GLU A 1 74  ? 4.038   -15.037 -8.088  1.00 43.78 ? 349 GLU A OE1 1 
ATOM   566  O  OE2 . GLU A 1 74  ? 5.205   -13.298 -7.395  1.00 42.79 ? 349 GLU A OE2 1 
ATOM   567  N  N   . ILE A 1 75  ? 2.614   -14.196 -2.861  1.00 19.59 ? 350 ILE A N   1 
ATOM   568  C  CA  . ILE A 1 75  ? 2.607   -13.002 -2.038  1.00 18.07 ? 350 ILE A CA  1 
ATOM   569  C  C   . ILE A 1 75  ? 2.934   -13.380 -0.602  1.00 17.48 ? 350 ILE A C   1 
ATOM   570  O  O   . ILE A 1 75  ? 3.745   -12.725 0.049   1.00 18.06 ? 350 ILE A O   1 
ATOM   571  C  CB  . ILE A 1 75  ? 1.235   -12.301 -2.101  1.00 18.07 ? 350 ILE A CB  1 
ATOM   572  C  CG1 . ILE A 1 75  ? 0.988   -11.806 -3.531  1.00 19.48 ? 350 ILE A CG1 1 
ATOM   573  C  CG2 . ILE A 1 75  ? 1.193   -11.159 -1.097  1.00 18.59 ? 350 ILE A CG2 1 
ATOM   574  C  CD1 . ILE A 1 75  ? -0.432  -11.355 -3.819  1.00 17.18 ? 350 ILE A CD1 1 
ATOM   575  N  N   . TYR A 1 76  ? 2.320   -14.454 -0.113  1.00 19.19 ? 351 TYR A N   1 
ATOM   576  C  CA  . TYR A 1 76  ? 2.572   -14.899 1.255   1.00 19.44 ? 351 TYR A CA  1 
ATOM   577  C  C   . TYR A 1 76  ? 4.065   -15.189 1.448   1.00 18.60 ? 351 TYR A C   1 
ATOM   578  O  O   . TYR A 1 76  ? 4.679   -14.734 2.408   1.00 17.41 ? 351 TYR A O   1 
ATOM   579  C  CB  . TYR A 1 76  ? 1.759   -16.164 1.564   1.00 24.04 ? 351 TYR A CB  1 
ATOM   580  C  CG  . TYR A 1 76  ? 2.140   -16.804 2.881   1.00 25.33 ? 351 TYR A CG  1 
ATOM   581  C  CD1 . TYR A 1 76  ? 1.666   -16.304 4.093   1.00 26.51 ? 351 TYR A CD1 1 
ATOM   582  C  CD2 . TYR A 1 76  ? 3.047   -17.864 2.914   1.00 28.48 ? 351 TYR A CD2 1 
ATOM   583  C  CE1 . TYR A 1 76  ? 2.097   -16.845 5.317   1.00 28.58 ? 351 TYR A CE1 1 
ATOM   584  C  CE2 . TYR A 1 76  ? 3.482   -18.409 4.123   1.00 29.65 ? 351 TYR A CE2 1 
ATOM   585  C  CZ  . TYR A 1 76  ? 3.009   -17.896 5.314   1.00 29.27 ? 351 TYR A CZ  1 
ATOM   586  O  OH  . TYR A 1 76  ? 3.483   -18.429 6.490   1.00 32.03 ? 351 TYR A OH  1 
ATOM   587  N  N   . LYS A 1 77  ? 4.646   -15.940 0.523   1.00 18.62 ? 352 LYS A N   1 
ATOM   588  C  CA  . LYS A 1 77  ? 6.061   -16.282 0.621   1.00 20.95 ? 352 LYS A CA  1 
ATOM   589  C  C   . LYS A 1 77  ? 7.008   -15.095 0.452   1.00 19.75 ? 352 LYS A C   1 
ATOM   590  O  O   . LYS A 1 77  ? 8.112   -15.094 0.995   1.00 22.40 ? 352 LYS A O   1 
ATOM   591  C  CB  . LYS A 1 77  ? 6.413   -17.361 -0.403  1.00 23.87 ? 352 LYS A CB  1 
ATOM   592  C  CG  . LYS A 1 77  ? 5.735   -18.699 -0.154  1.00 26.31 ? 352 LYS A CG  1 
ATOM   593  C  CD  . LYS A 1 77  ? 6.002   -19.659 -1.305  1.00 31.59 ? 352 LYS A CD  1 
ATOM   594  C  CE  . LYS A 1 77  ? 5.219   -20.960 -1.146  1.00 34.24 ? 352 LYS A CE  1 
ATOM   595  N  NZ  . LYS A 1 77  ? 5.275   -21.795 -2.384  1.00 35.13 ? 352 LYS A NZ  1 
ATOM   596  N  N   . LEU A 1 78  ? 6.577   -14.087 -0.293  1.00 18.12 ? 353 LEU A N   1 
ATOM   597  C  CA  . LEU A 1 78  ? 7.398   -12.909 -0.536  1.00 19.05 ? 353 LEU A CA  1 
ATOM   598  C  C   . LEU A 1 78  ? 7.347   -11.854 0.568   1.00 19.04 ? 353 LEU A C   1 
ATOM   599  O  O   . LEU A 1 78  ? 8.364   -11.230 0.867   1.00 18.53 ? 353 LEU A O   1 
ATOM   600  C  CB  . LEU A 1 78  ? 7.003   -12.262 -1.866  1.00 18.34 ? 353 LEU A CB  1 
ATOM   601  C  CG  . LEU A 1 78  ? 7.786   -11.033 -2.336  1.00 20.96 ? 353 LEU A CG  1 
ATOM   602  C  CD1 . LEU A 1 78  ? 9.266   -11.359 -2.450  1.00 23.65 ? 353 LEU A CD1 1 
ATOM   603  C  CD2 . LEU A 1 78  ? 7.241   -10.580 -3.678  1.00 22.56 ? 353 LEU A CD2 1 
ATOM   604  N  N   . PHE A 1 79  ? 6.177   -11.669 1.182   1.00 18.55 ? 354 PHE A N   1 
ATOM   605  C  CA  . PHE A 1 79  ? 6.011   -10.649 2.223   1.00 17.38 ? 354 PHE A CA  1 
ATOM   606  C  C   . PHE A 1 79  ? 5.703   -11.123 3.643   1.00 17.46 ? 354 PHE A C   1 
ATOM   607  O  O   . PHE A 1 79  ? 6.079   -10.464 4.611   1.00 18.21 ? 354 PHE A O   1 
ATOM   608  C  CB  . PHE A 1 79  ? 4.875   -9.674  1.847   1.00 18.03 ? 354 PHE A CB  1 
ATOM   609  C  CG  . PHE A 1 79  ? 5.106   -8.894  0.580   1.00 18.99 ? 354 PHE A CG  1 
ATOM   610  C  CD1 . PHE A 1 79  ? 4.641   -9.371  -0.641  1.00 18.18 ? 354 PHE A CD1 1 
ATOM   611  C  CD2 . PHE A 1 79  ? 5.747   -7.653  0.616   1.00 20.05 ? 354 PHE A CD2 1 
ATOM   612  C  CE1 . PHE A 1 79  ? 4.806   -8.624  -1.809  1.00 19.36 ? 354 PHE A CE1 1 
ATOM   613  C  CE2 . PHE A 1 79  ? 5.918   -6.899  -0.550  1.00 20.94 ? 354 PHE A CE2 1 
ATOM   614  C  CZ  . PHE A 1 79  ? 5.446   -7.383  -1.764  1.00 19.46 ? 354 PHE A CZ  1 
ATOM   615  N  N   . LEU A 1 80  ? 5.022   -12.250 3.784   1.00 16.63 ? 355 LEU A N   1 
ATOM   616  C  CA  . LEU A 1 80  ? 4.615   -12.686 5.118   1.00 19.46 ? 355 LEU A CA  1 
ATOM   617  C  C   . LEU A 1 80  ? 5.323   -13.848 5.814   1.00 19.42 ? 355 LEU A C   1 
ATOM   618  O  O   . LEU A 1 80  ? 5.378   -13.879 7.042   1.00 20.58 ? 355 LEU A O   1 
ATOM   619  C  CB  . LEU A 1 80  ? 3.110   -12.968 5.095   1.00 21.07 ? 355 LEU A CB  1 
ATOM   620  C  CG  . LEU A 1 80  ? 2.250   -11.834 4.529   1.00 22.09 ? 355 LEU A CG  1 
ATOM   621  C  CD1 . LEU A 1 80  ? 0.783   -12.254 4.497   1.00 23.28 ? 355 LEU A CD1 1 
ATOM   622  C  CD2 . LEU A 1 80  ? 2.433   -10.587 5.391   1.00 23.91 ? 355 LEU A CD2 1 
ATOM   623  N  N   . ALA A 1 81  ? 5.858   -14.794 5.053   1.00 20.05 ? 356 ALA A N   1 
ATOM   624  C  CA  . ALA A 1 81  ? 6.519   -15.956 5.653   1.00 21.51 ? 356 ALA A CA  1 
ATOM   625  C  C   . ALA A 1 81  ? 7.801   -15.668 6.438   1.00 23.21 ? 356 ALA A C   1 
ATOM   626  O  O   . ALA A 1 81  ? 8.510   -14.697 6.168   1.00 22.00 ? 356 ALA A O   1 
ATOM   627  C  CB  . ALA A 1 81  ? 6.806   -16.994 4.577   1.00 22.85 ? 356 ALA A CB  1 
ATOM   628  N  N   . PRO A 1 82  ? 8.115   -16.522 7.434   1.00 24.58 ? 357 PRO A N   1 
ATOM   629  C  CA  . PRO A 1 82  ? 9.329   -16.331 8.236   1.00 26.68 ? 357 PRO A CA  1 
ATOM   630  C  C   . PRO A 1 82  ? 10.535  -16.167 7.317   1.00 24.72 ? 357 PRO A C   1 
ATOM   631  O  O   . PRO A 1 82  ? 10.753  -16.980 6.426   1.00 26.16 ? 357 PRO A O   1 
ATOM   632  C  CB  . PRO A 1 82  ? 9.405   -17.616 9.054   1.00 25.33 ? 357 PRO A CB  1 
ATOM   633  C  CG  . PRO A 1 82  ? 7.959   -17.939 9.276   1.00 27.52 ? 357 PRO A CG  1 
ATOM   634  C  CD  . PRO A 1 82  ? 7.352   -17.689 7.911   1.00 25.39 ? 357 PRO A CD  1 
ATOM   635  N  N   . GLY A 1 83  ? 11.305  -15.108 7.529   1.00 23.30 ? 358 GLY A N   1 
ATOM   636  C  CA  . GLY A 1 83  ? 12.473  -14.868 6.705   1.00 22.75 ? 358 GLY A CA  1 
ATOM   637  C  C   . GLY A 1 83  ? 12.174  -14.392 5.294   1.00 23.70 ? 358 GLY A C   1 
ATOM   638  O  O   . GLY A 1 83  ? 13.078  -14.308 4.467   1.00 24.89 ? 358 GLY A O   1 
ATOM   639  N  N   . ALA A 1 84  ? 10.914  -14.077 5.006   1.00 20.64 ? 359 ALA A N   1 
ATOM   640  C  CA  . ALA A 1 84  ? 10.536  -13.609 3.671   1.00 19.71 ? 359 ALA A CA  1 
ATOM   641  C  C   . ALA A 1 84  ? 11.458  -12.483 3.204   1.00 18.14 ? 359 ALA A C   1 
ATOM   642  O  O   . ALA A 1 84  ? 11.880  -11.654 4.001   1.00 18.88 ? 359 ALA A O   1 
ATOM   643  C  CB  . ALA A 1 84  ? 9.081   -13.126 3.683   1.00 19.45 ? 359 ALA A CB  1 
ATOM   644  N  N   . ARG A 1 85  ? 11.770  -12.452 1.913   1.00 20.59 ? 360 ARG A N   1 
ATOM   645  C  CA  . ARG A 1 85  ? 12.659  -11.420 1.369   1.00 20.31 ? 360 ARG A CA  1 
ATOM   646  C  C   . ARG A 1 85  ? 12.142  -9.996  1.582   1.00 19.46 ? 360 ARG A C   1 
ATOM   647  O  O   . ARG A 1 85  ? 12.916  -9.081  1.850   1.00 18.82 ? 360 ARG A O   1 
ATOM   648  C  CB  . ARG A 1 85  ? 12.904  -11.672 -0.130  1.00 22.96 ? 360 ARG A CB  1 
ATOM   649  C  CG  . ARG A 1 85  ? 13.740  -10.589 -0.819  1.00 23.77 ? 360 ARG A CG  1 
ATOM   650  C  CD  . ARG A 1 85  ? 14.478  -11.129 -2.045  1.00 30.03 ? 360 ARG A CD  1 
ATOM   651  N  NE  . ARG A 1 85  ? 13.587  -11.611 -3.099  1.00 31.97 ? 360 ARG A NE  1 
ATOM   652  C  CZ  . ARG A 1 85  ? 12.739  -10.845 -3.778  1.00 33.81 ? 360 ARG A CZ  1 
ATOM   653  N  NH1 . ARG A 1 85  ? 12.654  -9.552  -3.516  1.00 34.26 ? 360 ARG A NH1 1 
ATOM   654  N  NH2 . ARG A 1 85  ? 11.990  -11.374 -4.742  1.00 36.86 ? 360 ARG A NH2 1 
ATOM   655  N  N   . ARG A 1 86  ? 10.833  -9.805  1.474   1.00 18.98 ? 361 ARG A N   1 
ATOM   656  C  CA  . ARG A 1 86  ? 10.251  -8.478  1.656   1.00 19.25 ? 361 ARG A CA  1 
ATOM   657  C  C   . ARG A 1 86  ? 9.328   -8.504  2.864   1.00 18.43 ? 361 ARG A C   1 
ATOM   658  O  O   . ARG A 1 86  ? 8.260   -7.884  2.874   1.00 16.84 ? 361 ARG A O   1 
ATOM   659  C  CB  . ARG A 1 86  ? 9.485   -8.074  0.387   1.00 20.04 ? 361 ARG A CB  1 
ATOM   660  C  CG  . ARG A 1 86  ? 10.365  -8.055  -0.876  1.00 22.74 ? 361 ARG A CG  1 
ATOM   661  C  CD  . ARG A 1 86  ? 9.590   -7.673  -2.142  1.00 25.76 ? 361 ARG A CD  1 
ATOM   662  N  NE  . ARG A 1 86  ? 9.069   -6.311  -2.066  1.00 25.56 ? 361 ARG A NE  1 
ATOM   663  C  CZ  . ARG A 1 86  ? 8.335   -5.731  -3.009  1.00 28.21 ? 361 ARG A CZ  1 
ATOM   664  N  NH1 . ARG A 1 86  ? 8.025   -6.391  -4.118  1.00 25.98 ? 361 ARG A NH1 1 
ATOM   665  N  NH2 . ARG A 1 86  ? 7.895   -4.493  -2.835  1.00 24.91 ? 361 ARG A NH2 1 
ATOM   666  N  N   . TRP A 1 87  ? 9.778   -9.209  3.897   1.00 18.99 ? 362 TRP A N   1 
ATOM   667  C  CA  . TRP A 1 87  ? 9.013   -9.397  5.124   1.00 19.95 ? 362 TRP A CA  1 
ATOM   668  C  C   . TRP A 1 87  ? 8.452   -8.140  5.776   1.00 20.07 ? 362 TRP A C   1 
ATOM   669  O  O   . TRP A 1 87  ? 9.133   -7.117  5.888   1.00 17.45 ? 362 TRP A O   1 
ATOM   670  C  CB  . TRP A 1 87  ? 9.866   -10.132 6.161   1.00 20.51 ? 362 TRP A CB  1 
ATOM   671  C  CG  . TRP A 1 87  ? 9.118   -10.505 7.399   1.00 23.23 ? 362 TRP A CG  1 
ATOM   672  C  CD1 . TRP A 1 87  ? 8.344   -11.614 7.586   1.00 22.40 ? 362 TRP A CD1 1 
ATOM   673  C  CD2 . TRP A 1 87  ? 9.050   -9.757  8.622   1.00 22.76 ? 362 TRP A CD2 1 
ATOM   674  N  NE1 . TRP A 1 87  ? 7.800   -11.609 8.848   1.00 22.79 ? 362 TRP A NE1 1 
ATOM   675  C  CE2 . TRP A 1 87  ? 8.213   -10.481 9.506   1.00 23.33 ? 362 TRP A CE2 1 
ATOM   676  C  CE3 . TRP A 1 87  ? 9.610   -8.549  9.054   1.00 22.37 ? 362 TRP A CE3 1 
ATOM   677  C  CZ2 . TRP A 1 87  ? 7.923   -10.035 10.803  1.00 23.19 ? 362 TRP A CZ2 1 
ATOM   678  C  CZ3 . TRP A 1 87  ? 9.322   -8.102  10.350  1.00 24.44 ? 362 TRP A CZ3 1 
ATOM   679  C  CH2 . TRP A 1 87  ? 8.486   -8.846  11.206  1.00 24.15 ? 362 TRP A CH2 1 
ATOM   680  N  N   . ILE A 1 88  ? 7.197   -8.241  6.208   1.00 19.40 ? 363 ILE A N   1 
ATOM   681  C  CA  . ILE A 1 88  ? 6.513   -7.168  6.919   1.00 21.10 ? 363 ILE A CA  1 
ATOM   682  C  C   . ILE A 1 88  ? 5.762   -7.900  8.015   1.00 21.01 ? 363 ILE A C   1 
ATOM   683  O  O   . ILE A 1 88  ? 5.389   -9.052  7.845   1.00 22.69 ? 363 ILE A O   1 
ATOM   684  C  CB  . ILE A 1 88  ? 5.503   -6.393  6.042   1.00 20.16 ? 363 ILE A CB  1 
ATOM   685  C  CG1 . ILE A 1 88  ? 4.429   -7.337  5.510   1.00 23.40 ? 363 ILE A CG1 1 
ATOM   686  C  CG2 . ILE A 1 88  ? 6.223   -5.707  4.907   1.00 21.78 ? 363 ILE A CG2 1 
ATOM   687  C  CD1 . ILE A 1 88  ? 3.334   -6.629  4.760   1.00 26.10 ? 363 ILE A CD1 1 
ATOM   688  N  N   . ASN A 1 89  ? 5.550   -7.238  9.139   1.00 23.42 ? 364 ASN A N   1 
ATOM   689  C  CA  . ASN A 1 89  ? 4.870   -7.861  10.265  1.00 25.51 ? 364 ASN A CA  1 
ATOM   690  C  C   . ASN A 1 89  ? 3.375   -7.553  10.290  1.00 26.95 ? 364 ASN A C   1 
ATOM   691  O  O   . ASN A 1 89  ? 2.945   -6.442  9.958   1.00 26.41 ? 364 ASN A O   1 
ATOM   692  C  CB  . ASN A 1 89  ? 5.518   -7.380  11.571  1.00 26.31 ? 364 ASN A CB  1 
ATOM   693  C  CG  . ASN A 1 89  ? 4.965   -8.082  12.808  1.00 28.68 ? 364 ASN A CG  1 
ATOM   694  O  OD1 . ASN A 1 89  ? 4.607   -7.429  13.788  1.00 30.26 ? 364 ASN A OD1 1 
ATOM   695  N  ND2 . ASN A 1 89  ? 4.910   -9.412  12.774  1.00 26.97 ? 364 ASN A ND2 1 
ATOM   696  N  N   . ILE A 1 90  ? 2.583   -8.553  10.658  1.00 25.60 ? 365 ILE A N   1 
ATOM   697  C  CA  . ILE A 1 90  ? 1.148   -8.372  10.787  1.00 26.71 ? 365 ILE A CA  1 
ATOM   698  C  C   . ILE A 1 90  ? 0.844   -9.016  12.134  1.00 28.02 ? 365 ILE A C   1 
ATOM   699  O  O   . ILE A 1 90  ? 1.611   -9.870  12.583  1.00 29.69 ? 365 ILE A O   1 
ATOM   700  C  CB  . ILE A 1 90  ? 0.365   -9.074  9.654   1.00 28.65 ? 365 ILE A CB  1 
ATOM   701  C  CG1 . ILE A 1 90  ? 0.644   -10.578 9.665   1.00 28.03 ? 365 ILE A CG1 1 
ATOM   702  C  CG2 . ILE A 1 90  ? 0.737   -8.451  8.308   1.00 26.05 ? 365 ILE A CG2 1 
ATOM   703  C  CD1 . ILE A 1 90  ? -0.187  -11.354 8.656   1.00 30.25 ? 365 ILE A CD1 1 
ATOM   704  N  N   . ASP A 1 91  ? -0.238  -8.622  12.796  1.00 29.19 ? 366 ASP A N   1 
ATOM   705  C  CA  . ASP A 1 91  ? -0.514  -9.214  14.102  1.00 30.84 ? 366 ASP A CA  1 
ATOM   706  C  C   . ASP A 1 91  ? -0.974  -10.665 14.051  1.00 30.52 ? 366 ASP A C   1 
ATOM   707  O  O   . ASP A 1 91  ? -1.309  -11.192 12.988  1.00 29.31 ? 366 ASP A O   1 
ATOM   708  C  CB  . ASP A 1 91  ? -1.515  -8.373  14.909  1.00 32.40 ? 366 ASP A CB  1 
ATOM   709  C  CG  . ASP A 1 91  ? -2.847  -8.206  14.214  1.00 36.75 ? 366 ASP A CG  1 
ATOM   710  O  OD1 . ASP A 1 91  ? -3.327  -9.174  13.583  1.00 37.93 ? 366 ASP A OD1 1 
ATOM   711  O  OD2 . ASP A 1 91  ? -3.426  -7.102  14.320  1.00 40.96 ? 366 ASP A OD2 1 
ATOM   712  N  N   . GLY A 1 92  ? -0.979  -11.298 15.223  1.00 30.63 ? 367 GLY A N   1 
ATOM   713  C  CA  . GLY A 1 92  ? -1.364  -12.694 15.347  1.00 29.78 ? 367 GLY A CA  1 
ATOM   714  C  C   . GLY A 1 92  ? -2.716  -13.093 14.799  1.00 29.27 ? 367 GLY A C   1 
ATOM   715  O  O   . GLY A 1 92  ? -2.813  -14.066 14.055  1.00 29.69 ? 367 GLY A O   1 
ATOM   716  N  N   . LYS A 1 93  ? -3.760  -12.358 15.167  1.00 29.78 ? 368 LYS A N   1 
ATOM   717  C  CA  . LYS A 1 93  ? -5.106  -12.660 14.699  1.00 30.35 ? 368 LYS A CA  1 
ATOM   718  C  C   . LYS A 1 93  ? -5.151  -12.622 13.172  1.00 29.17 ? 368 LYS A C   1 
ATOM   719  O  O   . LYS A 1 93  ? -5.731  -13.504 12.533  1.00 27.19 ? 368 LYS A O   1 
ATOM   720  C  CB  . LYS A 1 93  ? -6.100  -11.648 15.288  1.00 34.62 ? 368 LYS A CB  1 
ATOM   721  C  CG  . LYS A 1 93  ? -6.042  -11.555 16.820  1.00 39.94 ? 368 LYS A CG  1 
ATOM   722  C  CD  . LYS A 1 93  ? -7.071  -10.584 17.404  1.00 41.07 ? 368 LYS A CD  1 
ATOM   723  C  CE  . LYS A 1 93  ? -8.493  -11.126 17.295  1.00 43.47 ? 368 LYS A CE  1 
ATOM   724  N  NZ  . LYS A 1 93  ? -9.511  -10.163 17.812  1.00 43.97 ? 368 LYS A NZ  1 
ATOM   725  N  N   . THR A 1 94  ? -4.522  -11.607 12.588  1.00 26.68 ? 369 THR A N   1 
ATOM   726  C  CA  . THR A 1 94  ? -4.492  -11.466 11.136  1.00 26.49 ? 369 THR A CA  1 
ATOM   727  C  C   . THR A 1 94  ? -3.723  -12.590 10.447  1.00 25.62 ? 369 THR A C   1 
ATOM   728  O  O   . THR A 1 94  ? -4.171  -13.124 9.429   1.00 24.62 ? 369 THR A O   1 
ATOM   729  C  CB  . THR A 1 94  ? -3.857  -10.126 10.727  1.00 28.21 ? 369 THR A CB  1 
ATOM   730  O  OG1 . THR A 1 94  ? -4.586  -9.053  11.331  1.00 30.57 ? 369 THR A OG1 1 
ATOM   731  C  CG2 . THR A 1 94  ? -3.878  -9.967  9.211   1.00 26.83 ? 369 THR A CG2 1 
HETATM 732  N  N   . MSE A 1 95  ? -2.559  -12.942 10.989  1.00 25.05 ? 370 MSE A N   1 
HETATM 733  C  CA  . MSE A 1 95  ? -1.746  -14.012 10.404  1.00 25.10 ? 370 MSE A CA  1 
HETATM 734  C  C   . MSE A 1 95  ? -2.515  -15.327 10.426  1.00 26.33 ? 370 MSE A C   1 
HETATM 735  O  O   . MSE A 1 95  ? -2.502  -16.082 9.446   1.00 25.00 ? 370 MSE A O   1 
HETATM 736  C  CB  . MSE A 1 95  ? -0.426  -14.170 11.174  1.00 24.71 ? 370 MSE A CB  1 
HETATM 737  C  CG  . MSE A 1 95  ? 0.444   -15.353 10.738  1.00 24.78 ? 370 MSE A CG  1 
HETATM 738  SE SE  . MSE A 1 95  ? 1.085   -15.276 8.905   1.00 24.97 ? 370 MSE A SE  1 
HETATM 739  C  CE  . MSE A 1 95  ? 2.596   -14.113 9.189   1.00 29.79 ? 370 MSE A CE  1 
ATOM   740  N  N   . ASP A 1 96  ? -3.193  -15.585 11.544  1.00 26.86 ? 371 ASP A N   1 
ATOM   741  C  CA  . ASP A 1 96  ? -3.977  -16.807 11.717  1.00 27.53 ? 371 ASP A CA  1 
ATOM   742  C  C   . ASP A 1 96  ? -5.035  -16.929 10.630  1.00 27.12 ? 371 ASP A C   1 
ATOM   743  O  O   . ASP A 1 96  ? -5.206  -17.991 10.029  1.00 27.49 ? 371 ASP A O   1 
ATOM   744  C  CB  . ASP A 1 96  ? -4.674  -16.809 13.080  1.00 30.95 ? 371 ASP A CB  1 
ATOM   745  C  CG  . ASP A 1 96  ? -3.699  -16.873 14.244  1.00 35.17 ? 371 ASP A CG  1 
ATOM   746  O  OD1 . ASP A 1 96  ? -4.152  -16.693 15.398  1.00 36.99 ? 371 ASP A OD1 1 
ATOM   747  O  OD2 . ASP A 1 96  ? -2.492  -17.110 14.010  1.00 37.05 ? 371 ASP A OD2 1 
ATOM   748  N  N   . ILE A 1 97  ? -5.761  -15.842 10.394  1.00 25.08 ? 372 ILE A N   1 
ATOM   749  C  CA  . ILE A 1 97  ? -6.800  -15.849 9.374   1.00 26.65 ? 372 ILE A CA  1 
ATOM   750  C  C   . ILE A 1 97  ? -6.191  -16.079 7.997   1.00 24.70 ? 372 ILE A C   1 
ATOM   751  O  O   . ILE A 1 97  ? -6.748  -16.810 7.184   1.00 23.99 ? 372 ILE A O   1 
ATOM   752  C  CB  . ILE A 1 97  ? -7.578  -14.526 9.356   1.00 27.03 ? 372 ILE A CB  1 
ATOM   753  C  CG1 . ILE A 1 97  ? -8.265  -14.312 10.704  1.00 29.52 ? 372 ILE A CG1 1 
ATOM   754  C  CG2 . ILE A 1 97  ? -8.610  -14.550 8.236   1.00 30.15 ? 372 ILE A CG2 1 
ATOM   755  C  CD1 . ILE A 1 97  ? -8.989  -12.980 10.822  1.00 33.24 ? 372 ILE A CD1 1 
ATOM   756  N  N   . THR A 1 98  ? -5.044  -15.451 7.747   1.00 22.42 ? 373 THR A N   1 
ATOM   757  C  CA  . THR A 1 98  ? -4.354  -15.577 6.472   1.00 21.76 ? 373 THR A CA  1 
ATOM   758  C  C   . THR A 1 98  ? -3.861  -17.009 6.246   1.00 22.67 ? 373 THR A C   1 
ATOM   759  O  O   . THR A 1 98  ? -4.053  -17.581 5.175   1.00 21.88 ? 373 THR A O   1 
ATOM   760  C  CB  . THR A 1 98  ? -3.150  -14.599 6.399   1.00 20.97 ? 373 THR A CB  1 
ATOM   761  O  OG1 . THR A 1 98  ? -3.614  -13.254 6.574   1.00 19.29 ? 373 THR A OG1 1 
ATOM   762  C  CG2 . THR A 1 98  ? -2.449  -14.705 5.060   1.00 22.82 ? 373 THR A CG2 1 
ATOM   763  N  N   . VAL A 1 99  ? -3.227  -17.589 7.256   1.00 25.78 ? 374 VAL A N   1 
ATOM   764  C  CA  . VAL A 1 99  ? -2.728  -18.958 7.129   1.00 28.42 ? 374 VAL A CA  1 
ATOM   765  C  C   . VAL A 1 99  ? -3.873  -19.952 6.951   1.00 28.77 ? 374 VAL A C   1 
ATOM   766  O  O   . VAL A 1 99  ? -3.772  -20.879 6.151   1.00 30.64 ? 374 VAL A O   1 
ATOM   767  C  CB  . VAL A 1 99  ? -1.895  -19.373 8.359   1.00 28.47 ? 374 VAL A CB  1 
ATOM   768  C  CG1 . VAL A 1 99  ? -1.512  -20.856 8.262   1.00 29.77 ? 374 VAL A CG1 1 
ATOM   769  C  CG2 . VAL A 1 99  ? -0.634  -18.518 8.433   1.00 29.31 ? 374 VAL A CG2 1 
ATOM   770  N  N   . LYS A 1 100 ? -4.960  -19.759 7.694   1.00 30.13 ? 375 LYS A N   1 
ATOM   771  C  CA  . LYS A 1 100 ? -6.107  -20.655 7.590   1.00 29.22 ? 375 LYS A CA  1 
ATOM   772  C  C   . LYS A 1 100 ? -6.705  -20.516 6.203   1.00 28.85 ? 375 LYS A C   1 
ATOM   773  O  O   . LYS A 1 100 ? -7.119  -21.492 5.588   1.00 28.31 ? 375 LYS A O   1 
ATOM   774  C  CB  . LYS A 1 100 ? -7.175  -20.308 8.632   1.00 29.13 ? 375 LYS A CB  1 
ATOM   775  C  CG  . LYS A 1 100 ? -8.279  -21.363 8.741   1.00 31.78 ? 375 LYS A CG  1 
ATOM   776  C  CD  . LYS A 1 100 ? -9.581  -20.805 9.301   1.00 32.84 ? 375 LYS A CD  1 
ATOM   777  C  CE  . LYS A 1 100 ? -9.420  -20.253 10.710  1.00 36.08 ? 375 LYS A CE  1 
ATOM   778  N  NZ  . LYS A 1 100 ? -10.702 -19.680 11.233  1.00 37.33 ? 375 LYS A NZ  1 
ATOM   779  N  N   . GLY A 1 101 ? -6.740  -19.284 5.711   1.00 28.50 ? 376 GLY A N   1 
ATOM   780  C  CA  . GLY A 1 101 ? -7.291  -19.040 4.396   1.00 28.35 ? 376 GLY A CA  1 
ATOM   781  C  C   . GLY A 1 101 ? -6.466  -19.645 3.279   1.00 28.00 ? 376 GLY A C   1 
ATOM   782  O  O   . GLY A 1 101 ? -7.017  -20.123 2.291   1.00 28.66 ? 376 GLY A O   1 
ATOM   783  N  N   . LEU A 1 102 ? -5.146  -19.643 3.432   1.00 28.21 ? 377 LEU A N   1 
ATOM   784  C  CA  . LEU A 1 102 ? -4.274  -20.168 2.391   1.00 27.99 ? 377 LEU A CA  1 
ATOM   785  C  C   . LEU A 1 102 ? -4.356  -21.671 2.164   1.00 30.56 ? 377 LEU A C   1 
ATOM   786  O  O   . LEU A 1 102 ? -3.808  -22.183 1.185   1.00 31.54 ? 377 LEU A O   1 
ATOM   787  C  CB  . LEU A 1 102 ? -2.829  -19.738 2.658   1.00 26.76 ? 377 LEU A CB  1 
ATOM   788  C  CG  . LEU A 1 102 ? -2.616  -18.261 2.305   1.00 25.55 ? 377 LEU A CG  1 
ATOM   789  C  CD1 . LEU A 1 102 ? -1.336  -17.729 2.936   1.00 24.20 ? 377 LEU A CD1 1 
ATOM   790  C  CD2 . LEU A 1 102 ? -2.592  -18.112 0.788   1.00 24.17 ? 377 LEU A CD2 1 
ATOM   791  N  N   . LYS A 1 103 ? -5.045  -22.380 3.054   1.00 32.60 ? 378 LYS A N   1 
ATOM   792  C  CA  . LYS A 1 103 ? -5.205  -23.823 2.900   1.00 33.91 ? 378 LYS A CA  1 
ATOM   793  C  C   . LYS A 1 103 ? -6.219  -24.072 1.781   1.00 34.48 ? 378 LYS A C   1 
ATOM   794  O  O   . LYS A 1 103 ? -6.364  -25.192 1.298   1.00 35.78 ? 378 LYS A O   1 
ATOM   795  C  CB  . LYS A 1 103 ? -5.688  -24.452 4.209   1.00 35.68 ? 378 LYS A CB  1 
ATOM   796  C  CG  . LYS A 1 103 ? -4.794  -24.123 5.390   1.00 39.41 ? 378 LYS A CG  1 
ATOM   797  C  CD  . LYS A 1 103 ? -4.997  -25.068 6.559   1.00 42.56 ? 378 LYS A CD  1 
ATOM   798  C  CE  . LYS A 1 103 ? -4.049  -24.703 7.695   1.00 43.48 ? 378 LYS A CE  1 
ATOM   799  N  NZ  . LYS A 1 103 ? -4.024  -25.723 8.776   1.00 46.76 ? 378 LYS A NZ  1 
ATOM   800  N  N   . HIS A 1 104 ? -6.912  -23.007 1.376   1.00 33.33 ? 379 HIS A N   1 
ATOM   801  C  CA  . HIS A 1 104 ? -7.902  -23.049 0.298   1.00 33.12 ? 379 HIS A CA  1 
ATOM   802  C  C   . HIS A 1 104 ? -7.939  -21.636 -0.289  1.00 32.24 ? 379 HIS A C   1 
ATOM   803  O  O   . HIS A 1 104 ? -8.891  -20.886 -0.069  1.00 32.83 ? 379 HIS A O   1 
ATOM   804  C  CB  . HIS A 1 104 ? -9.283  -23.410 0.850   1.00 35.48 ? 379 HIS A CB  1 
ATOM   805  C  CG  . HIS A 1 104 ? -9.344  -24.758 1.496   1.00 38.36 ? 379 HIS A CG  1 
ATOM   806  N  ND1 . HIS A 1 104 ? -9.207  -25.930 0.785   1.00 39.50 ? 379 HIS A ND1 1 
ATOM   807  C  CD2 . HIS A 1 104 ? -9.520  -25.120 2.789   1.00 39.25 ? 379 HIS A CD2 1 
ATOM   808  C  CE1 . HIS A 1 104 ? -9.298  -26.957 1.612   1.00 41.10 ? 379 HIS A CE1 1 
ATOM   809  N  NE2 . HIS A 1 104 ? -9.488  -26.493 2.834   1.00 39.93 ? 379 HIS A NE2 1 
ATOM   810  N  N   . PRO A 1 105 ? -6.900  -21.261 -1.051  1.00 31.15 ? 380 PRO A N   1 
ATOM   811  C  CA  . PRO A 1 105 ? -6.774  -19.940 -1.676  1.00 29.68 ? 380 PRO A CA  1 
ATOM   812  C  C   . PRO A 1 105 ? -7.935  -19.502 -2.553  1.00 28.94 ? 380 PRO A C   1 
ATOM   813  O  O   . PRO A 1 105 ? -8.515  -20.300 -3.284  1.00 28.79 ? 380 PRO A O   1 
ATOM   814  C  CB  . PRO A 1 105 ? -5.480  -20.057 -2.477  1.00 28.83 ? 380 PRO A CB  1 
ATOM   815  C  CG  . PRO A 1 105 ? -4.708  -21.103 -1.740  1.00 29.27 ? 380 PRO A CG  1 
ATOM   816  C  CD  . PRO A 1 105 ? -5.768  -22.120 -1.440  1.00 30.47 ? 380 PRO A CD  1 
ATOM   817  N  N   . HIS A 1 106 ? -8.254  -18.216 -2.473  1.00 26.85 ? 381 HIS A N   1 
ATOM   818  C  CA  . HIS A 1 106 ? -9.313  -17.620 -3.270  1.00 25.42 ? 381 HIS A CA  1 
ATOM   819  C  C   . HIS A 1 106 ? -8.985  -16.137 -3.427  1.00 25.70 ? 381 HIS A C   1 
ATOM   820  O  O   . HIS A 1 106 ? -8.043  -15.638 -2.815  1.00 24.48 ? 381 HIS A O   1 
ATOM   821  C  CB  . HIS A 1 106 ? -10.667 -17.789 -2.586  1.00 24.44 ? 381 HIS A CB  1 
ATOM   822  C  CG  . HIS A 1 106 ? -10.744 -17.159 -1.232  1.00 24.77 ? 381 HIS A CG  1 
ATOM   823  N  ND1 . HIS A 1 106 ? -10.311 -17.794 -0.088  1.00 23.52 ? 381 HIS A ND1 1 
ATOM   824  C  CD2 . HIS A 1 106 ? -11.206 -15.949 -0.839  1.00 22.98 ? 381 HIS A CD2 1 
ATOM   825  C  CE1 . HIS A 1 106 ? -10.507 -17.005 0.952   1.00 22.88 ? 381 HIS A CE1 1 
ATOM   826  N  NE2 . HIS A 1 106 ? -11.051 -15.879 0.524   1.00 26.41 ? 381 HIS A NE2 1 
ATOM   827  N  N   . ARG A 1 107 ? -9.769  -15.441 -4.241  1.00 25.19 ? 382 ARG A N   1 
ATOM   828  C  CA  . ARG A 1 107 ? -9.564  -14.023 -4.506  1.00 25.40 ? 382 ARG A CA  1 
ATOM   829  C  C   . ARG A 1 107 ? -9.401  -13.138 -3.262  1.00 23.82 ? 382 ARG A C   1 
ATOM   830  O  O   . ARG A 1 107 ? -8.583  -12.219 -3.265  1.00 23.93 ? 382 ARG A O   1 
ATOM   831  C  CB  . ARG A 1 107 ? -10.722 -13.495 -5.361  1.00 27.37 ? 382 ARG A CB  1 
ATOM   832  C  CG  . ARG A 1 107 ? -10.544 -12.071 -5.848  1.00 33.26 ? 382 ARG A CG  1 
ATOM   833  C  CD  . ARG A 1 107 ? -11.812 -11.535 -6.496  1.00 37.80 ? 382 ARG A CD  1 
ATOM   834  N  NE  . ARG A 1 107 ? -12.170 -12.260 -7.706  1.00 42.61 ? 382 ARG A NE  1 
ATOM   835  C  CZ  . ARG A 1 107 ? -13.178 -11.924 -8.507  1.00 46.53 ? 382 ARG A CZ  1 
ATOM   836  N  NH1 . ARG A 1 107 ? -13.931 -10.868 -8.222  1.00 49.59 ? 382 ARG A NH1 1 
ATOM   837  N  NH2 . ARG A 1 107 ? -13.428 -12.634 -9.599  1.00 48.16 ? 382 ARG A NH2 1 
ATOM   838  N  N   . TYR A 1 108 ? -10.169 -13.406 -2.208  1.00 20.09 ? 383 TYR A N   1 
ATOM   839  C  CA  . TYR A 1 108 ? -10.102 -12.588 -0.992  1.00 22.22 ? 383 TYR A CA  1 
ATOM   840  C  C   . TYR A 1 108 ? -9.339  -13.166 0.189   1.00 18.69 ? 383 TYR A C   1 
ATOM   841  O  O   . TYR A 1 108 ? -9.517  -12.712 1.318   1.00 19.68 ? 383 TYR A O   1 
ATOM   842  C  CB  . TYR A 1 108 ? -11.512 -12.245 -0.505  1.00 22.35 ? 383 TYR A CB  1 
ATOM   843  C  CG  . TYR A 1 108 ? -12.278 -11.378 -1.457  1.00 27.68 ? 383 TYR A CG  1 
ATOM   844  C  CD1 . TYR A 1 108 ? -12.884 -11.918 -2.586  1.00 28.88 ? 383 TYR A CD1 1 
ATOM   845  C  CD2 . TYR A 1 108 ? -12.359 -10.003 -1.257  1.00 30.34 ? 383 TYR A CD2 1 
ATOM   846  C  CE1 . TYR A 1 108 ? -13.550 -11.110 -3.496  1.00 33.84 ? 383 TYR A CE1 1 
ATOM   847  C  CE2 . TYR A 1 108 ? -13.022 -9.182  -2.164  1.00 32.25 ? 383 TYR A CE2 1 
ATOM   848  C  CZ  . TYR A 1 108 ? -13.613 -9.740  -3.279  1.00 33.29 ? 383 TYR A CZ  1 
ATOM   849  O  OH  . TYR A 1 108 ? -14.260 -8.932  -4.185  1.00 34.26 ? 383 TYR A OH  1 
ATOM   850  N  N   . VAL A 1 109 ? -8.489  -14.150 -0.059  1.00 17.40 ? 384 VAL A N   1 
ATOM   851  C  CA  . VAL A 1 109 ? -7.754  -14.791 1.028   1.00 18.85 ? 384 VAL A CA  1 
ATOM   852  C  C   . VAL A 1 109 ? -6.802  -13.863 1.797   1.00 19.46 ? 384 VAL A C   1 
ATOM   853  O  O   . VAL A 1 109 ? -6.517  -14.097 2.979   1.00 21.20 ? 384 VAL A O   1 
ATOM   854  C  CB  . VAL A 1 109 ? -6.969  -16.018 0.491   1.00 18.34 ? 384 VAL A CB  1 
ATOM   855  C  CG1 . VAL A 1 109 ? -5.791  -15.559 -0.352  1.00 19.71 ? 384 VAL A CG1 1 
ATOM   856  C  CG2 . VAL A 1 109 ? -6.531  -16.904 1.648   1.00 17.28 ? 384 VAL A CG2 1 
ATOM   857  N  N   . LEU A 1 110 ? -6.330  -12.808 1.141   1.00 19.75 ? 385 LEU A N   1 
ATOM   858  C  CA  . LEU A 1 110 ? -5.401  -11.866 1.777   1.00 19.20 ? 385 LEU A CA  1 
ATOM   859  C  C   . LEU A 1 110 ? -6.033  -10.530 2.158   1.00 19.27 ? 385 LEU A C   1 
ATOM   860  O  O   . LEU A 1 110 ? -5.335  -9.606  2.578   1.00 18.94 ? 385 LEU A O   1 
ATOM   861  C  CB  . LEU A 1 110 ? -4.196  -11.602 0.864   1.00 20.44 ? 385 LEU A CB  1 
ATOM   862  C  CG  . LEU A 1 110 ? -3.289  -12.784 0.478   1.00 21.14 ? 385 LEU A CG  1 
ATOM   863  C  CD1 . LEU A 1 110 ? -2.092  -12.272 -0.305  1.00 22.04 ? 385 LEU A CD1 1 
ATOM   864  C  CD2 . LEU A 1 110 ? -2.829  -13.533 1.718   1.00 23.84 ? 385 LEU A CD2 1 
ATOM   865  N  N   . ASP A 1 111 ? -7.350  -10.425 2.019   1.00 19.75 ? 386 ASP A N   1 
ATOM   866  C  CA  . ASP A 1 111 ? -8.057  -9.194  2.347   1.00 20.57 ? 386 ASP A CA  1 
ATOM   867  C  C   . ASP A 1 111 ? -7.882  -8.769  3.803   1.00 21.11 ? 386 ASP A C   1 
ATOM   868  O  O   . ASP A 1 111 ? -7.726  -7.582  4.093   1.00 21.05 ? 386 ASP A O   1 
ATOM   869  C  CB  . ASP A 1 111 ? -9.548  -9.336  2.039   1.00 26.37 ? 386 ASP A CB  1 
ATOM   870  C  CG  . ASP A 1 111 ? -10.095 -8.146  1.276   1.00 32.28 ? 386 ASP A CG  1 
ATOM   871  O  OD1 . ASP A 1 111 ? -9.800  -8.039  0.067   1.00 37.37 ? 386 ASP A OD1 1 
ATOM   872  O  OD2 . ASP A 1 111 ? -10.807 -7.310  1.878   1.00 37.08 ? 386 ASP A OD2 1 
ATOM   873  N  N   . ALA A 1 112 ? -7.907  -9.729  4.724   1.00 20.11 ? 387 ALA A N   1 
ATOM   874  C  CA  . ALA A 1 112 ? -7.743  -9.393  6.130   1.00 20.04 ? 387 ALA A CA  1 
ATOM   875  C  C   . ALA A 1 112 ? -6.365  -8.786  6.382   1.00 18.37 ? 387 ALA A C   1 
ATOM   876  O  O   . ALA A 1 112 ? -6.223  -7.845  7.169   1.00 19.28 ? 387 ALA A O   1 
ATOM   877  C  CB  . ALA A 1 112 ? -7.942  -10.635 7.007   1.00 19.58 ? 387 ALA A CB  1 
ATOM   878  N  N   . ALA A 1 113 ? -5.353  -9.322  5.706   1.00 17.84 ? 388 ALA A N   1 
ATOM   879  C  CA  . ALA A 1 113 ? -3.993  -8.823  5.858   1.00 15.74 ? 388 ALA A CA  1 
ATOM   880  C  C   . ALA A 1 113 ? -3.854  -7.464  5.174   1.00 16.23 ? 388 ALA A C   1 
ATOM   881  O  O   . ALA A 1 113 ? -3.265  -6.531  5.729   1.00 15.86 ? 388 ALA A O   1 
ATOM   882  C  CB  . ALA A 1 113 ? -2.995  -9.821  5.259   1.00 16.69 ? 388 ALA A CB  1 
ATOM   883  N  N   . GLN A 1 114 ? -4.385  -7.346  3.964   1.00 18.07 ? 389 GLN A N   1 
ATOM   884  C  CA  . GLN A 1 114 ? -4.304  -6.075  3.244   1.00 17.49 ? 389 GLN A CA  1 
ATOM   885  C  C   . GLN A 1 114 ? -4.972  -4.950  4.036   1.00 18.13 ? 389 GLN A C   1 
ATOM   886  O  O   . GLN A 1 114 ? -4.463  -3.824  4.081   1.00 19.35 ? 389 GLN A O   1 
ATOM   887  C  CB  . GLN A 1 114 ? -4.973  -6.189  1.870   1.00 17.21 ? 389 GLN A CB  1 
ATOM   888  C  CG  . GLN A 1 114 ? -4.924  -4.889  1.077   1.00 17.66 ? 389 GLN A CG  1 
ATOM   889  C  CD  . GLN A 1 114 ? -5.697  -4.953  -0.219  1.00 19.64 ? 389 GLN A CD  1 
ATOM   890  O  OE1 . GLN A 1 114 ? -6.732  -5.618  -0.304  1.00 24.43 ? 389 GLN A OE1 1 
ATOM   891  N  NE2 . GLN A 1 114 ? -5.217  -4.237  -1.237  1.00 19.89 ? 389 GLN A NE2 1 
ATOM   892  N  N   . THR A 1 115 ? -6.109  -5.245  4.661   1.00 17.95 ? 390 THR A N   1 
ATOM   893  C  CA  . THR A 1 115 ? -6.824  -4.222  5.428   1.00 18.81 ? 390 THR A CA  1 
ATOM   894  C  C   . THR A 1 115 ? -6.049  -3.831  6.669   1.00 19.80 ? 390 THR A C   1 
ATOM   895  O  O   . THR A 1 115 ? -6.025  -2.663  7.056   1.00 19.69 ? 390 THR A O   1 
ATOM   896  C  CB  . THR A 1 115 ? -8.223  -4.695  5.871   1.00 21.12 ? 390 THR A CB  1 
ATOM   897  O  OG1 . THR A 1 115 ? -9.016  -4.990  4.718   1.00 26.88 ? 390 THR A OG1 1 
ATOM   898  C  CG2 . THR A 1 115 ? -8.918  -3.600  6.691   1.00 24.12 ? 390 THR A CG2 1 
ATOM   899  N  N   . HIS A 1 116 ? -5.414  -4.812  7.299   1.00 19.82 ? 391 HIS A N   1 
ATOM   900  C  CA  . HIS A 1 116 ? -4.633  -4.542  8.495   1.00 21.32 ? 391 HIS A CA  1 
ATOM   901  C  C   . HIS A 1 116 ? -3.483  -3.590  8.163   1.00 21.23 ? 391 HIS A C   1 
ATOM   902  O  O   . HIS A 1 116 ? -3.240  -2.623  8.890   1.00 20.02 ? 391 HIS A O   1 
ATOM   903  C  CB  . HIS A 1 116 ? -4.085  -5.843  9.075   1.00 21.92 ? 391 HIS A CB  1 
ATOM   904  C  CG  . HIS A 1 116 ? -3.217  -5.640  10.274  1.00 23.95 ? 391 HIS A CG  1 
ATOM   905  N  ND1 . HIS A 1 116 ? -1.860  -5.876  10.259  1.00 28.08 ? 391 HIS A ND1 1 
ATOM   906  C  CD2 . HIS A 1 116 ? -3.509  -5.195  11.518  1.00 24.37 ? 391 HIS A CD2 1 
ATOM   907  C  CE1 . HIS A 1 116 ? -1.351  -5.584  11.442  1.00 27.04 ? 391 HIS A CE1 1 
ATOM   908  N  NE2 . HIS A 1 116 ? -2.331  -5.169  12.225  1.00 28.57 ? 391 HIS A NE2 1 
ATOM   909  N  N   . ILE A 1 117 ? -2.786  -3.861  7.061   1.00 19.56 ? 392 ILE A N   1 
ATOM   910  C  CA  . ILE A 1 117 ? -1.669  -3.015  6.639   1.00 19.37 ? 392 ILE A CA  1 
ATOM   911  C  C   . ILE A 1 117 ? -2.168  -1.633  6.227   1.00 19.48 ? 392 ILE A C   1 
ATOM   912  O  O   . ILE A 1 117 ? -1.516  -0.627  6.488   1.00 20.21 ? 392 ILE A O   1 
ATOM   913  C  CB  . ILE A 1 117 ? -0.896  -3.654  5.464   1.00 20.70 ? 392 ILE A CB  1 
ATOM   914  C  CG1 . ILE A 1 117 ? -0.179  -4.915  5.950   1.00 21.54 ? 392 ILE A CG1 1 
ATOM   915  C  CG2 . ILE A 1 117 ? 0.114   -2.667  4.899   1.00 19.19 ? 392 ILE A CG2 1 
ATOM   916  C  CD1 . ILE A 1 117 ? 0.851   -4.654  7.027   1.00 23.00 ? 392 ILE A CD1 1 
ATOM   917  N  N   . TYR A 1 118 ? -3.332  -1.593  5.587   1.00 19.01 ? 393 TYR A N   1 
ATOM   918  C  CA  . TYR A 1 118 ? -3.934  -0.339  5.164   1.00 20.32 ? 393 TYR A CA  1 
ATOM   919  C  C   . TYR A 1 118 ? -4.179  0.558   6.379   1.00 21.83 ? 393 TYR A C   1 
ATOM   920  O  O   . TYR A 1 118 ? -3.829  1.746   6.380   1.00 19.73 ? 393 TYR A O   1 
ATOM   921  C  CB  . TYR A 1 118 ? -5.274  -0.612  4.477   1.00 20.96 ? 393 TYR A CB  1 
ATOM   922  C  CG  . TYR A 1 118 ? -5.970  0.632   3.977   1.00 20.16 ? 393 TYR A CG  1 
ATOM   923  C  CD1 . TYR A 1 118 ? -5.662  1.167   2.728   1.00 22.36 ? 393 TYR A CD1 1 
ATOM   924  C  CD2 . TYR A 1 118 ? -6.949  1.267   4.741   1.00 20.34 ? 393 TYR A CD2 1 
ATOM   925  C  CE1 . TYR A 1 118 ? -6.319  2.300   2.240   1.00 23.21 ? 393 TYR A CE1 1 
ATOM   926  C  CE2 . TYR A 1 118 ? -7.614  2.409   4.262   1.00 21.72 ? 393 TYR A CE2 1 
ATOM   927  C  CZ  . TYR A 1 118 ? -7.293  2.913   3.009   1.00 21.94 ? 393 TYR A CZ  1 
ATOM   928  O  OH  . TYR A 1 118 ? -7.955  4.018   2.508   1.00 22.78 ? 393 TYR A OH  1 
HETATM 929  N  N   . MSE A 1 119 ? -4.804  -0.019  7.404   1.00 21.84 ? 394 MSE A N   1 
HETATM 930  C  CA  . MSE A 1 119 ? -5.127  0.709   8.629   1.00 22.89 ? 394 MSE A CA  1 
HETATM 931  C  C   . MSE A 1 119 ? -3.876  1.115   9.408   1.00 23.16 ? 394 MSE A C   1 
HETATM 932  O  O   . MSE A 1 119 ? -3.879  2.114   10.128  1.00 22.39 ? 394 MSE A O   1 
HETATM 933  C  CB  . MSE A 1 119 ? -6.046  -0.141  9.517   1.00 23.94 ? 394 MSE A CB  1 
HETATM 934  C  CG  . MSE A 1 119 ? -7.429  -0.407  8.912   1.00 28.74 ? 394 MSE A CG  1 
HETATM 935  SE SE  . MSE A 1 119 ? -8.441  1.198   8.451   1.00 32.44 ? 394 MSE A SE  1 
HETATM 936  C  CE  . MSE A 1 119 ? -8.308  2.138   10.130  1.00 33.94 ? 394 MSE A CE  1 
ATOM   937  N  N   . LEU A 1 120 ? -2.810  0.339   9.261   1.00 22.54 ? 395 LEU A N   1 
ATOM   938  C  CA  . LEU A 1 120 ? -1.555  0.638   9.942   1.00 24.73 ? 395 LEU A CA  1 
ATOM   939  C  C   . LEU A 1 120 ? -0.909  1.859   9.287   1.00 23.34 ? 395 LEU A C   1 
ATOM   940  O  O   . LEU A 1 120 ? -0.434  2.762   9.980   1.00 25.46 ? 395 LEU A O   1 
ATOM   941  C  CB  . LEU A 1 120 ? -0.615  -0.565  9.860   1.00 26.24 ? 395 LEU A CB  1 
ATOM   942  C  CG  . LEU A 1 120 ? 0.001   -1.121  11.150  1.00 29.73 ? 395 LEU A CG  1 
ATOM   943  C  CD1 . LEU A 1 120 ? -0.986  -1.077  12.302  1.00 30.85 ? 395 LEU A CD1 1 
ATOM   944  C  CD2 . LEU A 1 120 ? 0.439   -2.553  10.892  1.00 29.91 ? 395 LEU A CD2 1 
HETATM 945  N  N   . MSE A 1 121 ? -0.899  1.893   7.957   1.00 22.17 ? 396 MSE A N   1 
HETATM 946  C  CA  . MSE A 1 121 ? -0.321  3.027   7.229   1.00 21.03 ? 396 MSE A CA  1 
HETATM 947  C  C   . MSE A 1 121 ? -1.141  4.288   7.500   1.00 23.38 ? 396 MSE A C   1 
HETATM 948  O  O   . MSE A 1 121 ? -0.591  5.374   7.695   1.00 23.18 ? 396 MSE A O   1 
HETATM 949  C  CB  . MSE A 1 121 ? -0.297  2.764   5.716   1.00 18.72 ? 396 MSE A CB  1 
HETATM 950  C  CG  . MSE A 1 121 ? 0.654   1.658   5.252   1.00 20.48 ? 396 MSE A CG  1 
HETATM 951  SE SE  . MSE A 1 121 ? 0.793   1.533   3.311   1.00 13.43 ? 396 MSE A SE  1 
HETATM 952  C  CE  . MSE A 1 121 ? -0.879  0.616   2.915   1.00 19.54 ? 396 MSE A CE  1 
ATOM   953  N  N   . LYS A 1 122 ? -2.463  4.133   7.502   1.00 25.00 ? 397 LYS A N   1 
ATOM   954  C  CA  . LYS A 1 122 ? -3.365  5.247   7.748   1.00 27.07 ? 397 LYS A CA  1 
ATOM   955  C  C   . LYS A 1 122 ? -3.149  5.770   9.163   1.00 29.41 ? 397 LYS A C   1 
ATOM   956  O  O   . LYS A 1 122 ? -2.990  6.969   9.371   1.00 29.83 ? 397 LYS A O   1 
ATOM   957  C  CB  . LYS A 1 122 ? -4.816  4.796   7.575   1.00 27.90 ? 397 LYS A CB  1 
ATOM   958  C  CG  . LYS A 1 122 ? -5.846  5.865   7.876   1.00 29.15 ? 397 LYS A CG  1 
ATOM   959  C  CD  . LYS A 1 122 ? -7.253  5.357   7.619   1.00 31.17 ? 397 LYS A CD  1 
ATOM   960  C  CE  . LYS A 1 122 ? -8.288  6.449   7.828   1.00 33.59 ? 397 LYS A CE  1 
ATOM   961  N  NZ  . LYS A 1 122 ? -9.664  5.975   7.484   1.00 35.54 ? 397 LYS A NZ  1 
ATOM   962  N  N   . LYS A 1 123 ? -3.126  4.855   10.127  1.00 28.90 ? 398 LYS A N   1 
ATOM   963  C  CA  . LYS A 1 123 ? -2.933  5.212   11.525  1.00 31.82 ? 398 LYS A CA  1 
ATOM   964  C  C   . LYS A 1 123 ? -1.532  5.690   11.917  1.00 31.62 ? 398 LYS A C   1 
ATOM   965  O  O   . LYS A 1 123 ? -1.401  6.662   12.664  1.00 32.55 ? 398 LYS A O   1 
ATOM   966  C  CB  . LYS A 1 123 ? -3.332  4.031   12.422  1.00 34.00 ? 398 LYS A CB  1 
ATOM   967  C  CG  . LYS A 1 123 ? -2.844  4.148   13.863  1.00 39.44 ? 398 LYS A CG  1 
ATOM   968  C  CD  . LYS A 1 123 ? -3.534  3.151   14.786  1.00 41.25 ? 398 LYS A CD  1 
ATOM   969  C  CE  . LYS A 1 123 ? -2.847  3.092   16.143  1.00 44.30 ? 398 LYS A CE  1 
ATOM   970  N  NZ  . LYS A 1 123 ? -2.691  4.442   16.766  1.00 46.89 ? 398 LYS A NZ  1 
ATOM   971  N  N   . ASP A 1 124 ? -0.487  5.030   11.420  1.00 30.70 ? 399 ASP A N   1 
ATOM   972  C  CA  . ASP A 1 124 ? 0.875   5.405   11.799  1.00 30.97 ? 399 ASP A CA  1 
ATOM   973  C  C   . ASP A 1 124 ? 1.686   6.271   10.843  1.00 28.43 ? 399 ASP A C   1 
ATOM   974  O  O   . ASP A 1 124 ? 2.698   6.836   11.256  1.00 28.09 ? 399 ASP A O   1 
ATOM   975  C  CB  . ASP A 1 124 ? 1.712   4.153   12.090  1.00 36.04 ? 399 ASP A CB  1 
ATOM   976  C  CG  . ASP A 1 124 ? 1.060   3.220   13.090  1.00 39.63 ? 399 ASP A CG  1 
ATOM   977  O  OD1 . ASP A 1 124 ? 0.671   3.678   14.186  1.00 40.98 ? 399 ASP A OD1 1 
ATOM   978  O  OD2 . ASP A 1 124 ? 0.951   2.016   12.775  1.00 43.38 ? 399 ASP A OD2 1 
ATOM   979  N  N   . SER A 1 125 ? 1.266   6.393   9.586   1.00 24.82 ? 400 SER A N   1 
ATOM   980  C  CA  . SER A 1 125 ? 2.067   7.161   8.632   1.00 22.19 ? 400 SER A CA  1 
ATOM   981  C  C   . SER A 1 125 ? 1.404   8.287   7.846   1.00 19.95 ? 400 SER A C   1 
ATOM   982  O  O   . SER A 1 125 ? 2.075   9.235   7.445   1.00 19.24 ? 400 SER A O   1 
ATOM   983  C  CB  . SER A 1 125 ? 2.713   6.203   7.624   1.00 22.15 ? 400 SER A CB  1 
ATOM   984  O  OG  . SER A 1 125 ? 3.476   5.205   8.282   1.00 25.87 ? 400 SER A OG  1 
ATOM   985  N  N   . TYR A 1 126 ? 0.104   8.192   7.606   1.00 18.78 ? 401 TYR A N   1 
ATOM   986  C  CA  . TYR A 1 126 ? -0.568  9.221   6.818   1.00 18.50 ? 401 TYR A CA  1 
ATOM   987  C  C   . TYR A 1 126 ? -0.418  10.660  7.328   1.00 18.79 ? 401 TYR A C   1 
ATOM   988  O  O   . TYR A 1 126 ? -0.005  11.551  6.571   1.00 15.27 ? 401 TYR A O   1 
ATOM   989  C  CB  . TYR A 1 126 ? -2.047  8.876   6.668   1.00 16.87 ? 401 TYR A CB  1 
ATOM   990  C  CG  . TYR A 1 126 ? -2.843  9.885   5.870   1.00 17.71 ? 401 TYR A CG  1 
ATOM   991  C  CD1 . TYR A 1 126 ? -2.423  10.296  4.604   1.00 18.83 ? 401 TYR A CD1 1 
ATOM   992  C  CD2 . TYR A 1 126 ? -4.032  10.405  6.368   1.00 19.46 ? 401 TYR A CD2 1 
ATOM   993  C  CE1 . TYR A 1 126 ? -3.175  11.203  3.853   1.00 18.38 ? 401 TYR A CE1 1 
ATOM   994  C  CE2 . TYR A 1 126 ? -4.791  11.308  5.628   1.00 19.52 ? 401 TYR A CE2 1 
ATOM   995  C  CZ  . TYR A 1 126 ? -4.356  11.699  4.377   1.00 18.02 ? 401 TYR A CZ  1 
ATOM   996  O  OH  . TYR A 1 126 ? -5.108  12.586  3.657   1.00 19.44 ? 401 TYR A OH  1 
ATOM   997  N  N   . ALA A 1 127 ? -0.757  10.898  8.592   1.00 20.42 ? 402 ALA A N   1 
ATOM   998  C  CA  . ALA A 1 127 ? -0.665  12.252  9.145   1.00 21.69 ? 402 ALA A CA  1 
ATOM   999  C  C   . ALA A 1 127 ? 0.768   12.771  9.146   1.00 22.86 ? 402 ALA A C   1 
ATOM   1000 O  O   . ALA A 1 127 ? 1.019   13.924  8.789   1.00 24.15 ? 402 ALA A O   1 
ATOM   1001 C  CB  . ALA A 1 127 ? -1.251  12.289  10.567  1.00 23.19 ? 402 ALA A CB  1 
ATOM   1002 N  N   . ARG A 1 128 ? 1.714   11.926  9.542   1.00 23.60 ? 403 ARG A N   1 
ATOM   1003 C  CA  . ARG A 1 128 ? 3.114   12.330  9.553   1.00 23.38 ? 403 ARG A CA  1 
ATOM   1004 C  C   . ARG A 1 128 ? 3.567   12.666  8.127   1.00 22.85 ? 403 ARG A C   1 
ATOM   1005 O  O   . ARG A 1 128 ? 4.368   13.587  7.918   1.00 22.02 ? 403 ARG A O   1 
ATOM   1006 C  CB  . ARG A 1 128 ? 3.994   11.212  10.128  1.00 26.10 ? 403 ARG A CB  1 
ATOM   1007 C  CG  . ARG A 1 128 ? 3.809   10.967  11.620  1.00 30.98 ? 403 ARG A CG  1 
ATOM   1008 C  CD  . ARG A 1 128 ? 4.600   9.742   12.082  1.00 33.49 ? 403 ARG A CD  1 
ATOM   1009 N  NE  . ARG A 1 128 ? 6.036   9.862   11.825  1.00 38.20 ? 403 ARG A NE  1 
ATOM   1010 C  CZ  . ARG A 1 128 ? 6.852   10.694  12.472  1.00 40.28 ? 403 ARG A CZ  1 
ATOM   1011 N  NH1 . ARG A 1 128 ? 6.383   11.491  13.423  1.00 42.12 ? 403 ARG A NH1 1 
ATOM   1012 N  NH2 . ARG A 1 128 ? 8.142   10.729  12.172  1.00 41.13 ? 403 ARG A NH2 1 
ATOM   1013 N  N   . TYR A 1 129 ? 3.060   11.920  7.148   1.00 18.23 ? 404 TYR A N   1 
ATOM   1014 C  CA  . TYR A 1 129 ? 3.411   12.177  5.751   1.00 17.94 ? 404 TYR A CA  1 
ATOM   1015 C  C   . TYR A 1 129 ? 2.974   13.588  5.349   1.00 18.80 ? 404 TYR A C   1 
ATOM   1016 O  O   . TYR A 1 129 ? 3.742   14.343  4.746   1.00 22.35 ? 404 TYR A O   1 
ATOM   1017 C  CB  . TYR A 1 129 ? 2.731   11.161  4.823   1.00 15.73 ? 404 TYR A CB  1 
ATOM   1018 C  CG  . TYR A 1 129 ? 2.737   11.577  3.361   1.00 16.18 ? 404 TYR A CG  1 
ATOM   1019 C  CD1 . TYR A 1 129 ? 3.917   11.563  2.616   1.00 17.01 ? 404 TYR A CD1 1 
ATOM   1020 C  CD2 . TYR A 1 129 ? 1.574   12.038  2.743   1.00 16.27 ? 404 TYR A CD2 1 
ATOM   1021 C  CE1 . TYR A 1 129 ? 3.944   12.001  1.284   1.00 19.41 ? 404 TYR A CE1 1 
ATOM   1022 C  CE2 . TYR A 1 129 ? 1.590   12.482  1.419   1.00 19.15 ? 404 TYR A CE2 1 
ATOM   1023 C  CZ  . TYR A 1 129 ? 2.780   12.462  0.692   1.00 20.22 ? 404 TYR A CZ  1 
ATOM   1024 O  OH  . TYR A 1 129 ? 2.800   12.901  -0.623  1.00 18.16 ? 404 TYR A OH  1 
ATOM   1025 N  N   . LEU A 1 130 ? 1.739   13.945  5.682   1.00 17.75 ? 405 LEU A N   1 
ATOM   1026 C  CA  . LEU A 1 130 ? 1.227   15.262  5.321   1.00 18.39 ? 405 LEU A CA  1 
ATOM   1027 C  C   . LEU A 1 130 ? 2.000   16.398  5.982   1.00 22.02 ? 405 LEU A C   1 
ATOM   1028 O  O   . LEU A 1 130 ? 2.060   17.505  5.442   1.00 20.83 ? 405 LEU A O   1 
ATOM   1029 C  CB  . LEU A 1 130 ? -0.260  15.368  5.668   1.00 16.91 ? 405 LEU A CB  1 
ATOM   1030 C  CG  . LEU A 1 130 ? -1.196  14.433  4.901   1.00 14.08 ? 405 LEU A CG  1 
ATOM   1031 C  CD1 . LEU A 1 130 ? -2.609  14.617  5.411   1.00 15.93 ? 405 LEU A CD1 1 
ATOM   1032 C  CD2 . LEU A 1 130 ? -1.130  14.735  3.396   1.00 13.22 ? 405 LEU A CD2 1 
ATOM   1033 N  N   . LYS A 1 131 ? 2.595   16.116  7.140   1.00 24.21 ? 406 LYS A N   1 
ATOM   1034 C  CA  . LYS A 1 131 ? 3.373   17.110  7.882   1.00 26.41 ? 406 LYS A CA  1 
ATOM   1035 C  C   . LYS A 1 131 ? 4.849   17.075  7.494   1.00 27.81 ? 406 LYS A C   1 
ATOM   1036 O  O   . LYS A 1 131 ? 5.645   17.859  8.009   1.00 29.27 ? 406 LYS A O   1 
ATOM   1037 C  CB  . LYS A 1 131 ? 3.279   16.849  9.387   1.00 27.30 ? 406 LYS A CB  1 
ATOM   1038 C  CG  . LYS A 1 131 ? 1.899   16.974  9.993   1.00 31.92 ? 406 LYS A CG  1 
ATOM   1039 C  CD  . LYS A 1 131 ? 1.929   16.536  11.460  1.00 35.24 ? 406 LYS A CD  1 
ATOM   1040 C  CE  . LYS A 1 131 ? 0.548   16.545  12.089  1.00 37.80 ? 406 LYS A CE  1 
ATOM   1041 N  NZ  . LYS A 1 131 ? 0.578   16.029  13.489  1.00 42.21 ? 406 LYS A NZ  1 
ATOM   1042 N  N   . SER A 1 132 ? 5.209   16.176  6.584   1.00 26.87 ? 407 SER A N   1 
ATOM   1043 C  CA  . SER A 1 132 ? 6.600   16.009  6.160   1.00 27.06 ? 407 SER A CA  1 
ATOM   1044 C  C   . SER A 1 132 ? 7.035   16.961  5.053   1.00 27.22 ? 407 SER A C   1 
ATOM   1045 O  O   . SER A 1 132 ? 6.206   17.527  4.349   1.00 27.16 ? 407 SER A O   1 
ATOM   1046 C  CB  . SER A 1 132 ? 6.817   14.587  5.650   1.00 27.08 ? 407 SER A CB  1 
ATOM   1047 O  OG  . SER A 1 132 ? 6.150   14.434  4.405   1.00 26.75 ? 407 SER A OG  1 
ATOM   1048 N  N   . PRO A 1 133 ? 8.358   17.135  4.884   1.00 27.50 ? 408 PRO A N   1 
ATOM   1049 C  CA  . PRO A 1 133 ? 8.927   18.011  3.856   1.00 27.28 ? 408 PRO A CA  1 
ATOM   1050 C  C   . PRO A 1 133 ? 8.620   17.475  2.463   1.00 26.73 ? 408 PRO A C   1 
ATOM   1051 O  O   . PRO A 1 133 ? 8.487   18.240  1.516   1.00 26.64 ? 408 PRO A O   1 
ATOM   1052 C  CB  . PRO A 1 133 ? 10.424  17.973  4.159   1.00 26.78 ? 408 PRO A CB  1 
ATOM   1053 C  CG  . PRO A 1 133 ? 10.457  17.794  5.633   1.00 28.51 ? 408 PRO A CG  1 
ATOM   1054 C  CD  . PRO A 1 133 ? 9.400   16.732  5.844   1.00 27.41 ? 408 PRO A CD  1 
ATOM   1055 N  N   . ILE A 1 134 ? 8.514   16.154  2.344   1.00 26.32 ? 409 ILE A N   1 
ATOM   1056 C  CA  . ILE A 1 134 ? 8.227   15.543  1.054   1.00 25.02 ? 409 ILE A CA  1 
ATOM   1057 C  C   . ILE A 1 134 ? 6.861   15.990  0.537   1.00 25.36 ? 409 ILE A C   1 
ATOM   1058 O  O   . ILE A 1 134 ? 6.729   16.390  -0.619  1.00 24.52 ? 409 ILE A O   1 
ATOM   1059 C  CB  . ILE A 1 134 ? 8.298   13.995  1.136   1.00 24.44 ? 409 ILE A CB  1 
ATOM   1060 C  CG1 . ILE A 1 134 ? 9.763   13.570  1.306   1.00 25.66 ? 409 ILE A CG1 1 
ATOM   1061 C  CG2 . ILE A 1 134 ? 7.708   13.367  -0.124  1.00 23.30 ? 409 ILE A CG2 1 
ATOM   1062 C  CD1 . ILE A 1 134 ? 9.991   12.071  1.394   1.00 28.83 ? 409 ILE A CD1 1 
ATOM   1063 N  N   . TYR A 1 135 ? 5.847   15.940  1.389   1.00 24.32 ? 410 TYR A N   1 
ATOM   1064 C  CA  . TYR A 1 135 ? 4.531   16.370  0.951   1.00 24.35 ? 410 TYR A CA  1 
ATOM   1065 C  C   . TYR A 1 135 ? 4.530   17.880  0.717   1.00 26.01 ? 410 TYR A C   1 
ATOM   1066 O  O   . TYR A 1 135 ? 4.192   18.347  -0.371  1.00 25.36 ? 410 TYR A O   1 
ATOM   1067 C  CB  . TYR A 1 135 ? 3.463   16.032  1.984   1.00 21.14 ? 410 TYR A CB  1 
ATOM   1068 C  CG  . TYR A 1 135 ? 2.105   16.531  1.560   1.00 19.10 ? 410 TYR A CG  1 
ATOM   1069 C  CD1 . TYR A 1 135 ? 1.456   15.982  0.453   1.00 18.42 ? 410 TYR A CD1 1 
ATOM   1070 C  CD2 . TYR A 1 135 ? 1.494   17.596  2.221   1.00 20.85 ? 410 TYR A CD2 1 
ATOM   1071 C  CE1 . TYR A 1 135 ? 0.229   16.488  0.009   1.00 16.84 ? 410 TYR A CE1 1 
ATOM   1072 C  CE2 . TYR A 1 135 ? 0.263   18.107  1.788   1.00 18.75 ? 410 TYR A CE2 1 
ATOM   1073 C  CZ  . TYR A 1 135 ? -0.359  17.547  0.682   1.00 18.46 ? 410 TYR A CZ  1 
ATOM   1074 O  OH  . TYR A 1 135 ? -1.569  18.051  0.250   1.00 19.85 ? 410 TYR A OH  1 
ATOM   1075 N  N   . LYS A 1 136 ? 4.907   18.631  1.749   1.00 27.09 ? 411 LYS A N   1 
ATOM   1076 C  CA  . LYS A 1 136 ? 4.941   20.090  1.676   1.00 29.74 ? 411 LYS A CA  1 
ATOM   1077 C  C   . LYS A 1 136 ? 5.676   20.594  0.444   1.00 29.52 ? 411 LYS A C   1 
ATOM   1078 O  O   . LYS A 1 136 ? 5.262   21.576  -0.158  1.00 32.01 ? 411 LYS A O   1 
ATOM   1079 C  CB  . LYS A 1 136 ? 5.559   20.671  2.951   1.00 29.05 ? 411 LYS A CB  1 
ATOM   1080 C  CG  . LYS A 1 136 ? 4.566   20.774  4.115   1.00 33.67 ? 411 LYS A CG  1 
ATOM   1081 C  CD  . LYS A 1 136 ? 5.239   21.192  5.422   1.00 34.48 ? 411 LYS A CD  1 
ATOM   1082 C  CE  . LYS A 1 136 ? 6.206   20.121  5.903   1.00 39.03 ? 411 LYS A CE  1 
ATOM   1083 N  NZ  . LYS A 1 136 ? 6.860   20.453  7.201   1.00 41.40 ? 411 LYS A NZ  1 
ATOM   1084 N  N   . GLU A 1 137 ? 6.764   19.929  0.072   1.00 32.11 ? 412 GLU A N   1 
ATOM   1085 C  CA  . GLU A 1 137 ? 7.525   20.306  -1.120  1.00 33.50 ? 412 GLU A CA  1 
ATOM   1086 C  C   . GLU A 1 137 ? 6.705   19.998  -2.369  1.00 33.10 ? 412 GLU A C   1 
ATOM   1087 O  O   . GLU A 1 137 ? 6.649   20.799  -3.301  1.00 32.72 ? 412 GLU A O   1 
ATOM   1088 C  CB  . GLU A 1 137 ? 8.853   19.542  -1.179  1.00 37.70 ? 412 GLU A CB  1 
ATOM   1089 C  CG  . GLU A 1 137 ? 10.004  20.206  -0.424  1.00 42.31 ? 412 GLU A CG  1 
ATOM   1090 C  CD  . GLU A 1 137 ? 11.189  19.268  -0.206  1.00 46.20 ? 412 GLU A CD  1 
ATOM   1091 O  OE1 . GLU A 1 137 ? 11.474  18.436  -1.097  1.00 48.15 ? 412 GLU A OE1 1 
ATOM   1092 O  OE2 . GLU A 1 137 ? 11.844  19.369  0.855   1.00 47.75 ? 412 GLU A OE2 1 
HETATM 1093 N  N   . MSE A 1 138 ? 6.069   18.832  -2.377  1.00 32.46 ? 413 MSE A N   1 
HETATM 1094 C  CA  . MSE A 1 138 ? 5.230   18.399  -3.499  1.00 31.74 ? 413 MSE A CA  1 
HETATM 1095 C  C   . MSE A 1 138 ? 4.112   19.418  -3.725  1.00 30.50 ? 413 MSE A C   1 
HETATM 1096 O  O   . MSE A 1 138 ? 3.793   19.781  -4.856  1.00 28.92 ? 413 MSE A O   1 
HETATM 1097 C  CB  . MSE A 1 138 ? 4.610   17.035  -3.179  1.00 33.16 ? 413 MSE A CB  1 
HETATM 1098 C  CG  . MSE A 1 138 ? 3.883   16.372  -4.335  1.00 35.21 ? 413 MSE A CG  1 
HETATM 1099 SE SE  . MSE A 1 138 ? 5.049   15.361  -5.494  1.00 37.21 ? 413 MSE A SE  1 
HETATM 1100 C  CE  . MSE A 1 138 ? 3.744   14.813  -6.808  1.00 35.78 ? 413 MSE A CE  1 
ATOM   1101 N  N   . LEU A 1 139 ? 3.518   19.874  -2.628  1.00 29.76 ? 414 LEU A N   1 
ATOM   1102 C  CA  . LEU A 1 139 ? 2.427   20.841  -2.686  1.00 30.56 ? 414 LEU A CA  1 
ATOM   1103 C  C   . LEU A 1 139 ? 2.892   22.214  -3.170  1.00 30.86 ? 414 LEU A C   1 
ATOM   1104 O  O   . LEU A 1 139 ? 2.252   22.835  -4.021  1.00 32.05 ? 414 LEU A O   1 
ATOM   1105 C  CB  . LEU A 1 139 ? 1.781   20.970  -1.305  1.00 29.86 ? 414 LEU A CB  1 
ATOM   1106 C  CG  . LEU A 1 139 ? 0.577   21.904  -1.167  1.00 30.45 ? 414 LEU A CG  1 
ATOM   1107 C  CD1 . LEU A 1 139 ? -0.553  21.412  -2.055  1.00 30.12 ? 414 LEU A CD1 1 
ATOM   1108 C  CD2 . LEU A 1 139 ? 0.135   21.956  0.289   1.00 32.30 ? 414 LEU A CD2 1 
ATOM   1109 N  N   . ALA A 1 140 ? 4.009   22.685  -2.626  1.00 31.73 ? 415 ALA A N   1 
ATOM   1110 C  CA  . ALA A 1 140 ? 4.551   23.984  -3.005  1.00 32.67 ? 415 ALA A CA  1 
ATOM   1111 C  C   . ALA A 1 140 ? 4.975   24.011  -4.476  1.00 33.10 ? 415 ALA A C   1 
ATOM   1112 O  O   . ALA A 1 140 ? 4.808   25.030  -5.153  1.00 34.00 ? 415 ALA A O   1 
ATOM   1113 C  CB  . ALA A 1 140 ? 5.739   24.342  -2.100  1.00 34.10 ? 415 ALA A CB  1 
ATOM   1114 N  N   . LYS A 1 141 ? 5.499   22.896  -4.980  1.00 33.69 ? 416 LYS A N   1 
ATOM   1115 C  CA  . LYS A 1 141 ? 5.943   22.841  -6.370  1.00 33.87 ? 416 LYS A CA  1 
ATOM   1116 C  C   . LYS A 1 141 ? 4.824   22.634  -7.385  1.00 35.52 ? 416 LYS A C   1 
ATOM   1117 O  O   . LYS A 1 141 ? 4.944   23.049  -8.538  1.00 34.50 ? 416 LYS A O   1 
ATOM   1118 C  CB  . LYS A 1 141 ? 7.010   21.760  -6.542  1.00 36.78 ? 416 LYS A CB  1 
ATOM   1119 C  CG  . LYS A 1 141 ? 8.348   22.133  -5.905  1.00 38.68 ? 416 LYS A CG  1 
ATOM   1120 C  CD  . LYS A 1 141 ? 9.433   21.107  -6.195  1.00 39.35 ? 416 LYS A CD  1 
ATOM   1121 C  CE  . LYS A 1 141 ? 10.764  21.536  -5.580  1.00 40.88 ? 416 LYS A CE  1 
ATOM   1122 N  NZ  . LYS A 1 141 ? 11.830  20.503  -5.766  1.00 40.52 ? 416 LYS A NZ  1 
ATOM   1123 N  N   . ALA A 1 142 ? 3.744   21.980  -6.970  1.00 35.74 ? 417 ALA A N   1 
ATOM   1124 C  CA  . ALA A 1 142 ? 2.626   21.758  -7.872  1.00 36.10 ? 417 ALA A CA  1 
ATOM   1125 C  C   . ALA A 1 142 ? 2.033   23.136  -8.131  1.00 37.13 ? 417 ALA A C   1 
ATOM   1126 O  O   . ALA A 1 142 ? 1.938   23.958  -7.214  1.00 36.42 ? 417 ALA A O   1 
ATOM   1127 C  CB  . ALA A 1 142 ? 1.597   20.851  -7.224  1.00 34.64 ? 417 ALA A CB  1 
ATOM   1128 N  N   . ILE A 1 143 ? 1.640   23.409  -9.371  1.00 37.94 ? 418 ILE A N   1 
ATOM   1129 C  CA  . ILE A 1 143 ? 1.081   24.719  -9.660  1.00 40.58 ? 418 ILE A CA  1 
ATOM   1130 C  C   . ILE A 1 143 ? -0.352  24.697  -10.155 1.00 40.74 ? 418 ILE A C   1 
ATOM   1131 O  O   . ILE A 1 143 ? -0.832  23.707  -10.709 1.00 39.43 ? 418 ILE A O   1 
ATOM   1132 C  CB  . ILE A 1 143 ? 1.936   25.504  -10.689 1.00 41.55 ? 418 ILE A CB  1 
ATOM   1133 C  CG1 . ILE A 1 143 ? 1.732   24.936  -12.094 1.00 42.25 ? 418 ILE A CG1 1 
ATOM   1134 C  CG2 . ILE A 1 143 ? 3.412   25.442  -10.293 1.00 42.95 ? 418 ILE A CG2 1 
ATOM   1135 C  CD1 . ILE A 1 143 ? 2.360   25.791  -13.185 1.00 42.79 ? 418 ILE A CD1 1 
ATOM   1136 N  N   . GLU A 1 144 ? -1.022  25.818  -9.928  1.00 42.26 ? 419 GLU A N   1 
ATOM   1137 C  CA  . GLU A 1 144 ? -2.399  26.011  -10.336 1.00 43.85 ? 419 GLU A CA  1 
ATOM   1138 C  C   . GLU A 1 144 ? -2.359  26.503  -11.784 1.00 43.56 ? 419 GLU A C   1 
ATOM   1139 O  O   . GLU A 1 144 ? -1.968  27.639  -12.055 1.00 42.67 ? 419 GLU A O   1 
ATOM   1140 C  CB  . GLU A 1 144 ? -3.042  27.047  -9.410  1.00 46.30 ? 419 GLU A CB  1 
ATOM   1141 C  CG  . GLU A 1 144 ? -4.475  27.419  -9.725  1.00 50.90 ? 419 GLU A CG  1 
ATOM   1142 C  CD  . GLU A 1 144 ? -5.085  28.276  -8.629  1.00 53.88 ? 419 GLU A CD  1 
ATOM   1143 O  OE1 . GLU A 1 144 ? -6.159  28.878  -8.860  1.00 55.96 ? 419 GLU A OE1 1 
ATOM   1144 O  OE2 . GLU A 1 144 ? -4.487  28.339  -7.530  1.00 55.71 ? 419 GLU A OE2 1 
ATOM   1145 N  N   . PRO A 1 145 ? -2.734  25.637  -12.740 1.00 42.48 ? 420 PRO A N   1 
ATOM   1146 C  CA  . PRO A 1 145 ? -2.725  26.025  -14.154 1.00 42.71 ? 420 PRO A CA  1 
ATOM   1147 C  C   . PRO A 1 145 ? -3.488  27.322  -14.420 1.00 41.11 ? 420 PRO A C   1 
ATOM   1148 O  O   . PRO A 1 145 ? -2.889  28.177  -15.105 1.00 41.17 ? 420 PRO A O   1 
ATOM   1149 C  CB  . PRO A 1 145 ? -3.363  24.821  -14.844 1.00 43.29 ? 420 PRO A CB  1 
ATOM   1150 C  CG  . PRO A 1 145 ? -2.908  23.673  -13.983 1.00 42.88 ? 420 PRO A CG  1 
ATOM   1151 C  CD  . PRO A 1 145 ? -3.130  24.224  -12.587 1.00 42.77 ? 420 PRO A CD  1 
HETATM 1152 O  O   . HOH B 2 .   ? -8.107  9.606   6.204   1.00 20.28 ? 1   HOH A O   1 
HETATM 1153 O  O   . HOH B 2 .   ? -7.792  8.811   -7.712  1.00 20.75 ? 2   HOH A O   1 
HETATM 1154 O  O   . HOH B 2 .   ? -4.658  23.171  -9.538  1.00 21.98 ? 3   HOH A O   1 
HETATM 1155 O  O   . HOH B 2 .   ? -5.711  -12.180 5.035   1.00 20.31 ? 4   HOH A O   1 
HETATM 1156 O  O   . HOH B 2 .   ? 1.622   21.312  -11.004 1.00 31.79 ? 5   HOH A O   1 
HETATM 1157 O  O   . HOH B 2 .   ? 0.949   27.157  -15.985 1.00 45.37 ? 6   HOH A O   1 
HETATM 1158 O  O   . HOH B 2 .   ? 10.780  -14.576 0.019   1.00 23.94 ? 7   HOH A O   1 
HETATM 1159 O  O   . HOH B 2 .   ? -2.063  9.207   10.501  1.00 22.68 ? 8   HOH A O   1 
HETATM 1160 O  O   . HOH B 2 .   ? -7.593  10.394  -5.492  1.00 21.58 ? 9   HOH A O   1 
HETATM 1161 O  O   . HOH B 2 .   ? 0.305   28.087  -8.606  1.00 37.85 ? 10  HOH A O   1 
HETATM 1162 O  O   . HOH B 2 .   ? 0.910   9.449   10.904  1.00 21.14 ? 11  HOH A O   1 
HETATM 1163 O  O   . HOH B 2 .   ? -7.094  -11.266 -1.289  1.00 19.85 ? 12  HOH A O   1 
HETATM 1164 O  O   . HOH B 2 .   ? -7.996  -15.484 4.669   1.00 20.96 ? 13  HOH A O   1 
HETATM 1165 O  O   . HOH B 2 .   ? -6.403  12.464  -6.938  1.00 21.61 ? 14  HOH A O   1 
HETATM 1166 O  O   . HOH B 2 .   ? -9.032  -12.552 4.199   1.00 25.65 ? 15  HOH A O   1 
HETATM 1167 O  O   . HOH B 2 .   ? 10.162  -8.586  -5.501  1.00 30.35 ? 16  HOH A O   1 
HETATM 1168 O  O   . HOH B 2 .   ? -6.514  -8.518  -0.935  1.00 38.68 ? 17  HOH A O   1 
HETATM 1169 O  O   . HOH B 2 .   ? 11.822  0.175   4.181   1.00 23.72 ? 18  HOH A O   1 
HETATM 1170 O  O   . HOH B 2 .   ? 12.249  6.113   -2.708  1.00 39.72 ? 19  HOH A O   1 
HETATM 1171 O  O   . HOH B 2 .   ? 10.161  14.102  4.547   1.00 34.56 ? 20  HOH A O   1 
HETATM 1172 O  O   . HOH B 2 .   ? -2.659  20.277  1.849   1.00 26.21 ? 21  HOH A O   1 
HETATM 1173 O  O   . HOH B 2 .   ? 6.887   13.086  -3.768  1.00 34.94 ? 22  HOH A O   1 
HETATM 1174 O  O   . HOH B 2 .   ? -9.277  5.428   4.146   1.00 37.17 ? 23  HOH A O   1 
HETATM 1175 O  O   . HOH B 2 .   ? -11.565 -16.852 -5.911  1.00 35.72 ? 24  HOH A O   1 
HETATM 1176 O  O   . HOH B 2 .   ? 6.319   14.522  9.406   1.00 31.04 ? 25  HOH A O   1 
HETATM 1177 O  O   . HOH B 2 .   ? 6.954   -15.639 -3.271  1.00 28.99 ? 26  HOH A O   1 
HETATM 1178 O  O   . HOH B 2 .   ? 7.279   7.592   -22.096 1.00 47.27 ? 27  HOH A O   1 
HETATM 1179 O  O   . HOH B 2 .   ? -9.980  7.820   3.713   1.00 23.39 ? 28  HOH A O   1 
HETATM 1180 O  O   . HOH B 2 .   ? -8.441  -4.405  1.959   1.00 39.84 ? 29  HOH A O   1 
HETATM 1181 O  O   . HOH B 2 .   ? 13.286  -11.374 6.365   1.00 29.20 ? 30  HOH A O   1 
HETATM 1182 O  O   . HOH B 2 .   ? 1.971   4.305   -8.141  1.00 30.41 ? 31  HOH A O   1 
HETATM 1183 O  O   . HOH B 2 .   ? -7.800  -7.073  9.052   1.00 24.60 ? 32  HOH A O   1 
HETATM 1184 O  O   . HOH B 2 .   ? 12.597  7.157   -0.594  1.00 26.09 ? 33  HOH A O   1 
HETATM 1185 O  O   . HOH B 2 .   ? 3.944   -5.242  -5.131  1.00 30.13 ? 34  HOH A O   1 
HETATM 1186 O  O   . HOH B 2 .   ? 11.211  -12.342 9.658   1.00 43.02 ? 35  HOH A O   1 
HETATM 1187 O  O   . HOH B 2 .   ? 13.837  2.172   3.519   1.00 24.94 ? 36  HOH A O   1 
HETATM 1188 O  O   . HOH B 2 .   ? 0.939   21.237  -13.524 1.00 36.30 ? 37  HOH A O   1 
HETATM 1189 O  O   . HOH B 2 .   ? 10.091  -15.821 -2.039  1.00 37.99 ? 38  HOH A O   1 
HETATM 1190 O  O   . HOH B 2 .   ? -7.335  -1.831  1.140   1.00 34.38 ? 39  HOH A O   1 
HETATM 1191 O  O   . HOH B 2 .   ? 4.648   -11.435 8.675   1.00 27.09 ? 40  HOH A O   1 
HETATM 1192 O  O   . HOH B 2 .   ? -10.356 -16.687 3.804   1.00 32.80 ? 41  HOH A O   1 
HETATM 1193 O  O   . HOH B 2 .   ? 9.512   -17.185 1.985   1.00 32.42 ? 42  HOH A O   1 
HETATM 1194 O  O   . HOH B 2 .   ? -6.715  14.844  6.763   1.00 35.79 ? 43  HOH A O   1 
HETATM 1195 O  O   . HOH B 2 .   ? 16.238  2.010   4.334   1.00 32.48 ? 44  HOH A O   1 
HETATM 1196 O  O   . HOH B 2 .   ? -3.089  -9.658  -12.692 1.00 48.19 ? 45  HOH A O   1 
HETATM 1197 O  O   . HOH B 2 .   ? 0.912   8.381   -16.262 1.00 47.93 ? 46  HOH A O   1 
HETATM 1198 O  O   . HOH B 2 .   ? -5.450  25.109  -7.923  1.00 38.90 ? 47  HOH A O   1 
HETATM 1199 O  O   . HOH B 2 .   ? 6.783   -4.921  9.522   1.00 27.81 ? 48  HOH A O   1 
HETATM 1200 O  O   . HOH B 2 .   ? 11.749  -6.810  5.637   1.00 32.23 ? 49  HOH A O   1 
HETATM 1201 O  O   . HOH B 2 .   ? 10.299  13.445  6.880   1.00 40.45 ? 50  HOH A O   1 
HETATM 1202 O  O   . HOH B 2 .   ? -6.340  20.148  2.748   1.00 36.50 ? 51  HOH A O   1 
HETATM 1203 O  O   . HOH B 2 .   ? 14.572  1.365   0.547   1.00 46.63 ? 52  HOH A O   1 
HETATM 1204 O  O   . HOH B 2 .   ? 8.561   15.987  -2.779  1.00 40.75 ? 53  HOH A O   1 
HETATM 1205 O  O   . HOH B 2 .   ? 4.591   11.570  -7.104  1.00 24.46 ? 54  HOH A O   1 
HETATM 1206 O  O   . HOH B 2 .   ? -1.180  15.762  9.361   1.00 34.01 ? 55  HOH A O   1 
HETATM 1207 O  O   . HOH B 2 .   ? 0.636   -16.505 14.175  1.00 42.72 ? 56  HOH A O   1 
HETATM 1208 O  O   . HOH B 2 .   ? 15.488  -14.753 5.242   1.00 42.20 ? 57  HOH A O   1 
HETATM 1209 O  O   . HOH B 2 .   ? 4.521   -11.546 11.419  1.00 38.02 ? 58  HOH A O   1 
HETATM 1210 O  O   . HOH B 2 .   ? -9.237  18.677  -1.459  1.00 32.18 ? 59  HOH A O   1 
HETATM 1211 O  O   . HOH B 2 .   ? 9.276   -1.860  4.892   1.00 38.10 ? 60  HOH A O   1 
HETATM 1212 O  O   . HOH B 2 .   ? -7.465  -9.040  10.864  1.00 38.49 ? 61  HOH A O   1 
HETATM 1213 O  O   . HOH B 2 .   ? 12.641  -6.273  3.355   1.00 46.33 ? 62  HOH A O   1 
HETATM 1214 O  O   . HOH B 2 .   ? 7.557   23.943  -9.343  0.50 42.22 ? 63  HOH A O   1 
HETATM 1215 O  O   . HOH B 2 .   ? 3.713   14.344  13.082  1.00 44.42 ? 64  HOH A O   1 
HETATM 1216 O  O   . HOH B 2 .   ? -10.495 18.078  -5.542  0.50 32.62 ? 65  HOH A O   1 
HETATM 1217 O  O   . HOH B 2 .   ? -7.704  -4.203  10.371  1.00 37.61 ? 66  HOH A O   1 
HETATM 1218 O  O   . HOH B 2 .   ? -6.138  4.048   -8.355  1.00 47.32 ? 67  HOH A O   1 
HETATM 1219 O  O   . HOH B 2 .   ? 4.472   -7.644  -5.974  1.00 53.93 ? 68  HOH A O   1 
HETATM 1220 O  O   . HOH B 2 .   ? -5.858  1.932   -6.954  1.00 42.85 ? 69  HOH A O   1 
HETATM 1221 O  O   . HOH B 2 .   ? -6.054  24.619  -5.385  1.00 40.41 ? 70  HOH A O   1 
HETATM 1222 O  O   . HOH B 2 .   ? 7.141   -0.960  -1.753  1.00 42.62 ? 71  HOH A O   1 
HETATM 1223 O  O   . HOH B 2 .   ? 8.997   -4.377  6.722   1.00 36.69 ? 72  HOH A O   1 
HETATM 1224 O  O   . HOH B 2 .   ? 6.883   -18.606 -4.224  1.00 40.31 ? 73  HOH A O   1 
HETATM 1225 O  O   . HOH B 2 .   ? -6.079  -7.144  14.205  1.00 46.57 ? 74  HOH A O   1 
HETATM 1226 O  O   . HOH B 2 .   ? 3.697   23.356  0.944   1.00 28.56 ? 75  HOH A O   1 
HETATM 1227 O  O   . HOH B 2 .   ? 6.486   -13.816 10.024  1.00 44.10 ? 76  HOH A O   1 
HETATM 1228 O  O   . HOH B 2 .   ? -5.924  -20.363 13.138  0.50 49.82 ? 77  HOH A O   1 
HETATM 1229 O  O   . HOH B 2 .   ? 8.836   15.056  9.273   1.00 39.92 ? 79  HOH A O   1 
HETATM 1230 O  O   . HOH B 2 .   ? -3.756  29.232  -17.586 1.00 45.74 ? 80  HOH A O   1 
HETATM 1231 O  O   . HOH B 2 .   ? 7.106   11.846  -6.023  1.00 44.41 ? 81  HOH A O   1 
HETATM 1232 O  O   . HOH B 2 .   ? 3.972   2.724   -5.453  1.00 49.27 ? 82  HOH A O   1 
HETATM 1233 O  O   . HOH B 2 .   ? -12.886 10.499  -0.534  1.00 42.90 ? 83  HOH A O   1 
HETATM 1234 O  O   . HOH B 2 .   ? -6.476  5.549   11.812  1.00 44.13 ? 84  HOH A O   1 
HETATM 1235 O  O   . HOH B 2 .   ? 4.054   -3.961  9.900   1.00 36.63 ? 85  HOH A O   1 
HETATM 1236 O  O   . HOH B 2 .   ? 4.674   21.176  -10.688 1.00 35.26 ? 86  HOH A O   1 
HETATM 1237 O  O   . HOH B 2 .   ? 7.780   -14.809 -8.703  1.00 39.46 ? 87  HOH A O   1 
HETATM 1238 O  O   . HOH B 2 .   ? 3.472   2.569   7.650   1.00 29.62 ? 88  HOH A O   1 
HETATM 1239 O  O   . HOH B 2 .   ? 6.570   3.194   10.409  1.00 46.08 ? 89  HOH A O   1 
HETATM 1240 O  O   . HOH B 2 .   ? -9.260  3.700   -0.311  1.00 28.22 ? 90  HOH A O   1 
HETATM 1241 O  O   . HOH B 2 .   ? 8.017   5.914   -5.291  1.00 37.99 ? 91  HOH A O   1 
HETATM 1242 O  O   . HOH B 2 .   ? -0.375  -9.763  -7.060  1.00 38.50 ? 92  HOH A O   1 
HETATM 1243 O  O   . HOH B 2 .   ? 13.525  8.387   9.154   1.00 38.85 ? 93  HOH A O   1 
HETATM 1244 O  O   . HOH B 2 .   ? -6.082  13.992  -4.782  1.00 33.06 ? 94  HOH A O   1 
HETATM 1245 O  O   . HOH B 2 .   ? 4.574   20.536  8.394   1.00 49.71 ? 95  HOH A O   1 
HETATM 1246 O  O   . HOH B 2 .   ? 14.654  2.344   -3.589  1.00 44.40 ? 96  HOH A O   1 
HETATM 1247 O  O   . HOH B 2 .   ? 6.679   -21.064 12.180  1.00 46.03 ? 97  HOH A O   1 
HETATM 1248 O  O   . HOH B 2 .   ? 12.894  16.566  1.139   1.00 58.54 ? 98  HOH A O   1 
HETATM 1249 O  O   . HOH B 2 .   ? 3.738   -10.578 -5.989  1.00 48.03 ? 99  HOH A O   1 
HETATM 1250 O  O   . HOH B 2 .   ? -7.492  18.717  0.938   1.00 30.27 ? 100 HOH A O   1 
HETATM 1251 O  O   . HOH B 2 .   ? -10.409 -7.848  8.061   1.00 33.60 ? 101 HOH A O   1 
HETATM 1252 O  O   . HOH B 2 .   ? 2.649   11.779  -25.768 1.00 49.06 ? 102 HOH A O   1 
HETATM 1253 O  O   . HOH B 2 .   ? -7.819  -14.786 13.866  1.00 39.73 ? 103 HOH A O   1 
HETATM 1254 O  O   . HOH B 2 .   ? 0.645   12.067  -18.294 1.00 45.04 ? 104 HOH A O   1 
HETATM 1255 O  O   . HOH B 2 .   ? -6.526  9.476   9.040   1.00 49.38 ? 105 HOH A O   1 
HETATM 1256 O  O   . HOH B 2 .   ? 0.178   -10.206 17.241  1.00 37.62 ? 106 HOH A O   1 
HETATM 1257 O  O   . HOH B 2 .   ? 1.366   25.453  -0.116  1.00 45.94 ? 107 HOH A O   1 
HETATM 1258 O  O   . HOH B 2 .   ? 22.353  -3.120  0.778   1.00 52.95 ? 108 HOH A O   1 
HETATM 1259 O  O   . HOH B 2 .   ? 1.054   -5.454  13.904  1.00 49.30 ? 109 HOH A O   1 
HETATM 1260 O  O   . HOH B 2 .   ? 4.460   9.876   -15.176 1.00 30.40 ? 110 HOH A O   1 
HETATM 1261 O  O   . HOH B 2 .   ? -2.885  8.558   13.934  1.00 39.96 ? 111 HOH A O   1 
HETATM 1262 O  O   . HOH B 2 .   ? -11.626 -16.461 -8.477  1.00 45.87 ? 112 HOH A O   1 
HETATM 1263 O  O   . HOH B 2 .   ? 1.917   -12.425 13.292  1.00 42.46 ? 113 HOH A O   1 
HETATM 1264 O  O   . HOH B 2 .   ? 7.786   24.379  0.593   1.00 44.96 ? 114 HOH A O   1 
HETATM 1265 O  O   . HOH B 2 .   ? 0.319   8.783   -13.695 1.00 35.23 ? 115 HOH A O   1 
HETATM 1266 O  O   . HOH B 2 .   ? 13.170  -9.127  7.992   1.00 39.66 ? 116 HOH A O   1 
HETATM 1267 O  O   . HOH B 2 .   ? 6.513   20.853  -12.471 1.00 39.61 ? 117 HOH A O   1 
HETATM 1268 O  O   . HOH B 2 .   ? 11.335  -3.457  5.984   1.00 53.14 ? 118 HOH A O   1 
HETATM 1269 O  O   . HOH B 2 .   ? 4.183   11.520  15.152  1.00 39.54 ? 119 HOH A O   1 
HETATM 1270 O  O   . HOH B 2 .   ? -6.320  28.709  -18.588 1.00 45.82 ? 120 HOH A O   1 
HETATM 1271 O  O   . HOH B 2 .   ? -5.327  -12.177 -9.524  1.00 44.60 ? 121 HOH A O   1 
HETATM 1272 O  O   . HOH B 2 .   ? 6.496   -18.769 -6.967  1.00 49.75 ? 122 HOH A O   1 
HETATM 1273 O  O   . HOH B 2 .   ? 22.284  -5.530  -0.893  1.00 41.10 ? 123 HOH A O   1 
HETATM 1274 O  O   . HOH B 2 .   ? 4.082   6.726   -10.202 1.00 36.86 ? 124 HOH A O   1 
HETATM 1275 O  O   . HOH B 2 .   ? 5.570   -0.712  9.538   1.00 53.24 ? 125 HOH A O   1 
HETATM 1276 O  O   . HOH B 2 .   ? 10.898  -4.287  9.242   1.00 37.68 ? 126 HOH A O   1 
HETATM 1277 O  O   . HOH B 2 .   ? 4.070   1.567   10.180  1.00 45.40 ? 127 HOH A O   1 
HETATM 1278 O  O   . HOH B 2 .   ? 2.948   16.192  15.246  1.00 37.04 ? 128 HOH A O   1 
HETATM 1279 O  O   . HOH B 2 .   ? 3.440   18.627  -9.277  1.00 34.82 ? 129 HOH A O   1 
HETATM 1280 O  O   . HOH B 2 .   ? 7.029   -3.055  7.457   1.00 39.58 ? 130 HOH A O   1 
HETATM 1281 O  O   . HOH B 2 .   ? 7.120   3.566   -6.054  1.00 36.10 ? 131 HOH A O   1 
# 
